data_8TD9
#
_entry.id   8TD9
#
_cell.length_a   112.195
_cell.length_b   180.031
_cell.length_c   87.712
_cell.angle_alpha   90.00
_cell.angle_beta   106.88
_cell.angle_gamma   90.00
#
_symmetry.space_group_name_H-M   'C 1 2 1'
#
loop_
_entity.id
_entity.type
_entity.pdbx_description
1 polymer 'Pyrroline-5-carboxylate reductase 1, mitochondrial'
2 non-polymer '1,4-DIHYDRONICOTINAMIDE ADENINE DINUCLEOTIDE'
3 non-polymer 'SULFATE ION'
4 non-polymer '(2S)-piperidine-2-carboxylic acid'
5 water water
#
_entity_poly.entity_id   1
_entity_poly.type   'polypeptide(L)'
_entity_poly.pdbx_seq_one_letter_code
;MHHHHHHSSGVDLGTENLYFQSMSVGFIGAGQLAFALAKGFTAAGVLAAHKIMASSPDMDLATVSALRKMGVKLTPHNKE
TVQHSDVLFLAVKPHIIPFILDEIGADIEDRHIVVSCAAGVTISSIEKKLSAFRPAPRVIRCMTNTPVVVREGATVYATG
THAQVEDGRLMEQLLSSVGFCTEVEEDLIDAVTGLSGSGPAYAFTALDALADGGVKMGLPRRLAVRLGAQALLGAAKMLL
HSEQHPGQLKDNVSSPGGATIHALHVLESGGFRSLLINAVEASCIRTRELQSMADQEQVSPAAIKKTILDKVKLDS
;
_entity_poly.pdbx_strand_id   A,B,C,D,E
#
loop_
_chem_comp.id
_chem_comp.type
_chem_comp.name
_chem_comp.formula
NAI non-polymer '1,4-DIHYDRONICOTINAMIDE ADENINE DINUCLEOTIDE' 'C21 H29 N7 O14 P2'
SO4 non-polymer 'SULFATE ION' 'O4 S -2'
#
# COMPACT_ATOMS: atom_id res chain seq x y z
N TYR A 19 8.53 24.34 -32.91
CA TYR A 19 7.61 23.21 -32.82
C TYR A 19 7.07 23.03 -31.41
N PHE A 20 7.45 21.91 -30.78
CA PHE A 20 6.96 21.58 -29.45
C PHE A 20 7.36 22.63 -28.42
N GLN A 21 8.64 23.05 -28.44
CA GLN A 21 9.07 24.11 -27.53
C GLN A 21 8.35 25.42 -27.78
N SER A 22 7.76 25.60 -28.98
CA SER A 22 6.96 26.78 -29.30
C SER A 22 5.50 26.64 -28.86
N MET A 23 5.08 25.45 -28.44
CA MET A 23 3.73 25.27 -27.93
C MET A 23 3.62 25.90 -26.55
N SER A 24 2.53 26.61 -26.31
CA SER A 24 2.23 27.17 -25.00
C SER A 24 1.25 26.24 -24.30
N VAL A 25 1.55 25.89 -23.05
CA VAL A 25 0.75 24.94 -22.28
C VAL A 25 0.23 25.65 -21.03
N GLY A 26 -1.00 25.36 -20.67
CA GLY A 26 -1.59 25.92 -19.48
C GLY A 26 -2.14 24.81 -18.61
N PHE A 27 -2.06 25.02 -17.30
CA PHE A 27 -2.71 24.17 -16.31
C PHE A 27 -3.70 25.01 -15.52
N ILE A 28 -4.97 24.62 -15.54
CA ILE A 28 -5.93 25.15 -14.57
C ILE A 28 -5.86 24.25 -13.35
N GLY A 29 -5.35 24.78 -12.24
CA GLY A 29 -5.00 23.96 -11.10
C GLY A 29 -3.48 23.87 -11.04
N ALA A 30 -2.90 24.07 -9.87
CA ALA A 30 -1.45 24.05 -9.71
C ALA A 30 -1.05 23.11 -8.58
N GLY A 31 -1.58 21.89 -8.62
CA GLY A 31 -1.36 20.94 -7.54
C GLY A 31 -0.42 19.79 -7.90
N GLN A 32 -0.68 18.61 -7.31
CA GLN A 32 0.24 17.48 -7.47
C GLN A 32 0.34 17.05 -8.93
N LEU A 33 -0.78 17.00 -9.65
CA LEU A 33 -0.72 16.52 -11.01
C LEU A 33 -0.08 17.55 -11.95
N ALA A 34 -0.44 18.83 -11.79
CA ALA A 34 0.19 19.87 -12.59
C ALA A 34 1.69 19.90 -12.37
N PHE A 35 2.12 19.77 -11.12
CA PHE A 35 3.55 19.75 -10.85
C PHE A 35 4.19 18.52 -11.51
N ALA A 36 3.59 17.35 -11.33
CA ALA A 36 4.17 16.14 -11.90
C ALA A 36 4.31 16.24 -13.40
N LEU A 37 3.27 16.76 -14.08
CA LEU A 37 3.33 16.85 -15.54
C LEU A 37 4.31 17.93 -15.99
N ALA A 38 4.29 19.10 -15.35
CA ALA A 38 5.20 20.17 -15.76
C ALA A 38 6.64 19.75 -15.58
N LYS A 39 6.94 19.06 -14.47
CA LYS A 39 8.29 18.56 -14.24
C LYS A 39 8.66 17.50 -15.28
N GLY A 40 7.74 16.58 -15.57
CA GLY A 40 8.01 15.60 -16.62
C GLY A 40 8.27 16.25 -17.96
N PHE A 41 7.39 17.18 -18.38
CA PHE A 41 7.55 17.80 -19.69
C PHE A 41 8.86 18.55 -19.80
N THR A 42 9.25 19.27 -18.75
CA THR A 42 10.46 20.07 -18.84
C THR A 42 11.70 19.18 -18.76
N ALA A 43 11.65 18.14 -17.92
CA ALA A 43 12.72 17.16 -17.91
C ALA A 43 12.88 16.49 -19.25
N ALA A 44 11.76 16.23 -19.95
CA ALA A 44 11.82 15.65 -21.28
C ALA A 44 12.36 16.62 -22.33
N GLY A 45 12.45 17.91 -22.00
CA GLY A 45 12.85 18.89 -22.99
C GLY A 45 11.84 19.16 -24.07
N VAL A 46 10.58 18.74 -23.91
CA VAL A 46 9.59 19.06 -24.93
C VAL A 46 9.05 20.46 -24.76
N LEU A 47 9.11 21.01 -23.56
CA LEU A 47 8.58 22.33 -23.26
C LEU A 47 9.59 23.08 -22.41
N ALA A 48 9.76 24.36 -22.69
CA ALA A 48 10.46 25.23 -21.75
C ALA A 48 9.53 25.56 -20.59
N ALA A 49 10.07 25.59 -19.37
CA ALA A 49 9.24 25.81 -18.19
C ALA A 49 8.46 27.12 -18.30
N HIS A 50 9.08 28.15 -18.87
CA HIS A 50 8.42 29.46 -18.94
C HIS A 50 7.38 29.55 -20.04
N LYS A 51 7.21 28.50 -20.84
CA LYS A 51 6.09 28.41 -21.77
C LYS A 51 4.91 27.70 -21.14
N ILE A 52 5.03 27.33 -19.88
CA ILE A 52 3.95 26.76 -19.09
C ILE A 52 3.44 27.83 -18.15
N MET A 53 2.12 27.97 -18.06
CA MET A 53 1.47 28.83 -17.08
C MET A 53 0.48 27.97 -16.29
N ALA A 54 0.45 28.16 -14.96
CA ALA A 54 -0.48 27.43 -14.11
C ALA A 54 -1.24 28.43 -13.25
N SER A 55 -2.49 28.11 -12.93
CA SER A 55 -3.30 29.00 -12.12
C SER A 55 -3.88 28.26 -10.93
N SER A 56 -4.00 28.97 -9.82
CA SER A 56 -4.57 28.44 -8.59
C SER A 56 -5.06 29.61 -7.75
N PRO A 57 -6.20 29.48 -7.08
CA PRO A 57 -6.60 30.50 -6.11
C PRO A 57 -5.83 30.44 -4.80
N ASP A 58 -4.91 29.49 -4.66
CA ASP A 58 -4.13 29.29 -3.45
C ASP A 58 -2.66 29.17 -3.84
N MET A 59 -1.89 30.22 -3.58
CA MET A 59 -0.45 30.22 -3.86
C MET A 59 0.38 29.67 -2.70
N ASP A 60 -0.23 29.44 -1.53
CA ASP A 60 0.48 28.90 -0.38
C ASP A 60 0.51 27.37 -0.38
N LEU A 61 0.57 26.76 -1.56
CA LEU A 61 0.74 25.32 -1.66
C LEU A 61 2.21 25.01 -1.91
N ALA A 62 2.63 23.81 -1.48
CA ALA A 62 3.97 23.37 -1.78
C ALA A 62 4.16 23.16 -3.28
N THR A 63 3.10 22.70 -3.96
CA THR A 63 3.20 22.49 -5.40
C THR A 63 3.37 23.81 -6.15
N VAL A 64 2.72 24.87 -5.69
CA VAL A 64 2.90 26.17 -6.34
C VAL A 64 4.35 26.63 -6.19
N SER A 65 4.91 26.49 -4.98
CA SER A 65 6.29 26.90 -4.75
C SER A 65 7.26 26.10 -5.64
N ALA A 66 7.02 24.81 -5.78
CA ALA A 66 7.86 24.00 -6.65
C ALA A 66 7.72 24.42 -8.11
N LEU A 67 6.48 24.62 -8.58
CA LEU A 67 6.28 25.12 -9.94
C LEU A 67 7.02 26.43 -10.15
N ARG A 68 6.97 27.33 -9.17
CA ARG A 68 7.65 28.61 -9.30
C ARG A 68 9.16 28.42 -9.43
N LYS A 69 9.73 27.52 -8.63
CA LYS A 69 11.18 27.30 -8.69
C LYS A 69 11.60 26.74 -10.04
N MET A 70 10.77 25.89 -10.68
CA MET A 70 11.07 25.38 -12.01
C MET A 70 11.10 26.47 -13.07
N GLY A 71 10.42 27.58 -12.84
CA GLY A 71 10.26 28.61 -13.84
C GLY A 71 8.92 28.67 -14.54
N VAL A 72 7.92 27.93 -14.05
CA VAL A 72 6.57 28.01 -14.59
C VAL A 72 5.94 29.35 -14.22
N LYS A 73 5.17 29.93 -15.13
CA LYS A 73 4.42 31.14 -14.82
C LYS A 73 3.22 30.80 -13.96
N LEU A 74 3.01 31.60 -12.91
CA LEU A 74 1.90 31.39 -11.99
C LEU A 74 1.01 32.62 -11.97
N THR A 75 -0.29 32.40 -11.87
CA THR A 75 -1.26 33.48 -11.83
C THR A 75 -2.48 32.97 -11.07
N PRO A 76 -3.20 33.83 -10.36
CA PRO A 76 -4.46 33.40 -9.76
C PRO A 76 -5.62 33.39 -10.75
N HIS A 77 -5.44 33.91 -11.96
CA HIS A 77 -6.54 34.15 -12.89
C HIS A 77 -6.58 33.04 -13.94
N ASN A 78 -7.61 32.20 -13.87
CA ASN A 78 -7.75 31.14 -14.85
C ASN A 78 -7.88 31.70 -16.26
N LYS A 79 -8.46 32.90 -16.42
CA LYS A 79 -8.58 33.47 -17.77
C LYS A 79 -7.22 33.73 -18.38
N GLU A 80 -6.24 34.14 -17.55
CA GLU A 80 -4.89 34.35 -18.07
C GLU A 80 -4.29 33.05 -18.57
N THR A 81 -4.46 31.96 -17.80
CA THR A 81 -3.98 30.65 -18.26
C THR A 81 -4.60 30.27 -19.59
N VAL A 82 -5.91 30.52 -19.76
CA VAL A 82 -6.57 30.15 -21.01
C VAL A 82 -6.00 30.98 -22.17
N GLN A 83 -5.86 32.28 -21.97
CA GLN A 83 -5.36 33.14 -23.04
C GLN A 83 -3.92 32.84 -23.39
N HIS A 84 -3.12 32.41 -22.41
CA HIS A 84 -1.74 32.03 -22.66
C HIS A 84 -1.65 30.74 -23.48
N SER A 85 -2.52 29.78 -23.21
CA SER A 85 -2.26 28.41 -23.60
C SER A 85 -2.72 28.10 -25.02
N ASP A 86 -2.05 27.13 -25.63
CA ASP A 86 -2.52 26.44 -26.83
C ASP A 86 -3.17 25.11 -26.48
N VAL A 87 -2.48 24.32 -25.65
CA VAL A 87 -3.02 23.10 -25.04
C VAL A 87 -3.32 23.45 -23.59
N LEU A 88 -4.54 23.18 -23.14
CA LEU A 88 -4.98 23.57 -21.80
C LEU A 88 -5.37 22.33 -21.02
N PHE A 89 -4.60 22.01 -19.97
CA PHE A 89 -4.88 20.88 -19.10
C PHE A 89 -5.80 21.32 -17.98
N LEU A 90 -6.83 20.54 -17.73
CA LEU A 90 -7.69 20.76 -16.57
C LEU A 90 -7.18 19.83 -15.48
N ALA A 91 -6.59 20.40 -14.43
CA ALA A 91 -5.94 19.64 -13.36
C ALA A 91 -6.47 20.08 -12.01
N VAL A 92 -7.78 20.27 -11.93
CA VAL A 92 -8.46 20.54 -10.68
C VAL A 92 -9.20 19.28 -10.26
N LYS A 93 -9.68 19.28 -9.01
CA LYS A 93 -10.50 18.19 -8.51
C LYS A 93 -11.77 18.04 -9.35
N PRO A 94 -12.28 16.82 -9.51
CA PRO A 94 -13.42 16.60 -10.42
C PRO A 94 -14.62 17.50 -10.15
N HIS A 95 -14.96 17.73 -8.88
CA HIS A 95 -16.11 18.58 -8.59
C HIS A 95 -15.87 20.05 -8.92
N ILE A 96 -14.61 20.45 -9.11
CA ILE A 96 -14.30 21.82 -9.51
C ILE A 96 -14.48 22.02 -11.03
N ILE A 97 -14.47 20.95 -11.83
CA ILE A 97 -14.50 21.12 -13.29
C ILE A 97 -15.69 21.93 -13.78
N PRO A 98 -16.94 21.63 -13.39
CA PRO A 98 -18.05 22.43 -13.94
C PRO A 98 -17.97 23.89 -13.56
N PHE A 99 -17.42 24.23 -12.40
CA PHE A 99 -17.25 25.63 -12.05
C PHE A 99 -16.20 26.27 -12.94
N ILE A 100 -15.11 25.55 -13.21
CA ILE A 100 -14.06 25.98 -14.13
C ILE A 100 -14.64 26.23 -15.53
N LEU A 101 -15.44 25.29 -16.01
CA LEU A 101 -15.97 25.42 -17.35
C LEU A 101 -16.93 26.61 -17.46
N ASP A 102 -17.74 26.85 -16.42
CA ASP A 102 -18.60 28.04 -16.41
C ASP A 102 -17.77 29.32 -16.46
N GLU A 103 -16.62 29.33 -15.78
CA GLU A 103 -15.84 30.55 -15.62
C GLU A 103 -15.09 30.95 -16.89
N ILE A 104 -14.47 29.97 -17.57
CA ILE A 104 -13.62 30.29 -18.71
C ILE A 104 -14.17 29.74 -20.01
N GLY A 105 -15.39 29.16 -20.00
CA GLY A 105 -15.95 28.64 -21.23
C GLY A 105 -16.00 29.66 -22.35
N ALA A 106 -16.38 30.91 -22.02
CA ALA A 106 -16.43 31.95 -23.02
C ALA A 106 -15.05 32.32 -23.54
N ASP A 107 -13.97 31.93 -22.86
CA ASP A 107 -12.63 32.26 -23.27
C ASP A 107 -11.98 31.17 -24.12
N ILE A 108 -12.61 30.00 -24.22
CA ILE A 108 -12.06 28.92 -25.04
C ILE A 108 -12.20 29.30 -26.51
N GLU A 109 -11.09 29.28 -27.24
CA GLU A 109 -11.05 29.66 -28.64
C GLU A 109 -10.97 28.43 -29.53
N ASP A 110 -11.20 28.66 -30.83
CA ASP A 110 -11.12 27.56 -31.79
C ASP A 110 -9.74 26.90 -31.79
N ARG A 111 -8.67 27.65 -31.49
CA ARG A 111 -7.33 27.10 -31.52
C ARG A 111 -7.03 26.17 -30.34
N HIS A 112 -7.84 26.19 -29.28
CA HIS A 112 -7.51 25.47 -28.07
C HIS A 112 -7.75 23.97 -28.21
N ILE A 113 -6.86 23.17 -27.62
CA ILE A 113 -7.13 21.78 -27.28
C ILE A 113 -7.27 21.71 -25.76
N VAL A 114 -8.44 21.28 -25.30
CA VAL A 114 -8.75 21.20 -23.86
C VAL A 114 -8.57 19.76 -23.42
N VAL A 115 -7.64 19.51 -22.50
CA VAL A 115 -7.31 18.18 -22.04
C VAL A 115 -7.76 18.06 -20.57
N SER A 116 -8.80 17.28 -20.33
CA SER A 116 -9.24 17.06 -18.95
C SER A 116 -8.46 15.89 -18.36
N CYS A 117 -7.81 16.14 -17.22
CA CYS A 117 -7.15 15.07 -16.48
C CYS A 117 -7.97 14.58 -15.31
N ALA A 118 -9.17 15.13 -15.11
CA ALA A 118 -9.91 14.88 -13.87
C ALA A 118 -10.47 13.47 -13.85
N ALA A 119 -10.31 12.79 -12.73
CA ALA A 119 -10.87 11.45 -12.57
C ALA A 119 -12.39 11.49 -12.76
N GLY A 120 -12.91 10.51 -13.50
CA GLY A 120 -14.34 10.35 -13.63
C GLY A 120 -15.09 11.25 -14.60
N VAL A 121 -14.61 12.47 -14.83
CA VAL A 121 -15.42 13.47 -15.55
C VAL A 121 -15.48 13.12 -17.03
N THR A 122 -16.70 13.06 -17.57
CA THR A 122 -16.89 12.57 -18.93
C THR A 122 -16.66 13.67 -19.98
N ILE A 123 -16.21 13.23 -21.16
CA ILE A 123 -16.14 14.14 -22.32
C ILE A 123 -17.50 14.78 -22.54
N SER A 124 -18.57 14.02 -22.41
CA SER A 124 -19.90 14.56 -22.68
C SER A 124 -20.23 15.73 -21.77
N SER A 125 -19.90 15.62 -20.47
CA SER A 125 -20.19 16.72 -19.54
C SER A 125 -19.38 17.96 -19.89
N ILE A 126 -18.13 17.77 -20.31
CA ILE A 126 -17.29 18.90 -20.69
C ILE A 126 -17.81 19.57 -21.96
N GLU A 127 -18.12 18.76 -22.98
CA GLU A 127 -18.55 19.31 -24.26
C GLU A 127 -19.87 20.06 -24.12
N LYS A 128 -20.77 19.57 -23.27
CA LYS A 128 -22.06 20.24 -23.07
C LYS A 128 -21.87 21.65 -22.49
N LYS A 129 -20.93 21.80 -21.54
CA LYS A 129 -20.64 23.12 -20.99
C LYS A 129 -20.02 24.02 -22.06
N LEU A 130 -18.98 23.55 -22.75
CA LEU A 130 -18.23 24.41 -23.64
C LEU A 130 -19.03 24.72 -24.91
N SER A 131 -19.86 23.77 -25.36
CA SER A 131 -20.64 24.00 -26.57
C SER A 131 -21.67 25.11 -26.41
N ALA A 132 -22.00 25.50 -25.18
CA ALA A 132 -22.87 26.65 -24.98
C ALA A 132 -22.22 27.95 -25.44
N PHE A 133 -20.88 27.96 -25.57
CA PHE A 133 -20.13 29.14 -25.95
C PHE A 133 -19.68 29.12 -27.41
N ARG A 134 -19.01 28.05 -27.82
CA ARG A 134 -18.61 27.86 -29.21
C ARG A 134 -18.98 26.45 -29.64
N PRO A 135 -19.34 26.28 -30.93
CA PRO A 135 -20.01 25.03 -31.32
C PRO A 135 -19.15 23.78 -31.32
N ALA A 136 -17.83 23.88 -31.48
CA ALA A 136 -17.01 22.68 -31.73
C ALA A 136 -15.77 22.63 -30.85
N PRO A 137 -15.94 22.61 -29.53
CA PRO A 137 -14.78 22.57 -28.64
C PRO A 137 -14.00 21.27 -28.81
N ARG A 138 -12.68 21.40 -28.91
CA ARG A 138 -11.79 20.27 -29.12
C ARG A 138 -11.38 19.75 -27.74
N VAL A 139 -11.90 18.58 -27.37
CA VAL A 139 -11.77 18.06 -26.01
C VAL A 139 -11.11 16.69 -26.07
N ILE A 140 -10.14 16.47 -25.19
CA ILE A 140 -9.53 15.16 -24.98
C ILE A 140 -9.60 14.87 -23.49
N ARG A 141 -9.94 13.63 -23.13
CA ARG A 141 -9.93 13.20 -21.75
C ARG A 141 -8.74 12.27 -21.54
N CYS A 142 -8.01 12.46 -20.46
CA CYS A 142 -6.91 11.55 -20.19
C CYS A 142 -6.94 11.09 -18.74
N MET A 143 -6.24 9.98 -18.50
CA MET A 143 -5.90 9.54 -17.15
C MET A 143 -4.42 9.19 -17.16
N THR A 144 -3.68 9.72 -16.18
CA THR A 144 -2.24 9.52 -16.13
C THR A 144 -1.92 9.20 -14.68
N ASN A 145 -0.68 9.40 -14.27
CA ASN A 145 -0.33 9.14 -12.88
C ASN A 145 0.95 9.91 -12.54
N THR A 146 1.26 9.97 -11.25
CA THR A 146 2.36 10.84 -10.82
C THR A 146 3.73 10.42 -11.36
N PRO A 147 4.01 9.15 -11.69
CA PRO A 147 5.33 8.82 -12.26
C PRO A 147 5.68 9.53 -13.57
N VAL A 148 4.77 10.30 -14.20
CA VAL A 148 5.21 11.18 -15.28
C VAL A 148 6.36 12.05 -14.81
N VAL A 149 6.44 12.32 -13.50
CA VAL A 149 7.48 13.16 -12.94
C VAL A 149 8.87 12.59 -13.20
N VAL A 150 9.00 11.27 -13.32
CA VAL A 150 10.26 10.65 -13.74
C VAL A 150 10.14 10.07 -15.15
N ARG A 151 9.19 10.59 -15.93
CA ARG A 151 8.99 10.19 -17.33
C ARG A 151 8.72 8.68 -17.46
N GLU A 152 8.05 8.10 -16.47
CA GLU A 152 7.60 6.72 -16.53
C GLU A 152 6.13 6.63 -16.18
N GLY A 153 5.35 7.62 -16.63
CA GLY A 153 3.92 7.59 -16.40
C GLY A 153 3.25 6.51 -17.21
N ALA A 154 1.99 6.27 -16.87
CA ALA A 154 1.09 5.41 -17.62
C ALA A 154 -0.14 6.25 -17.95
N THR A 155 -0.31 6.57 -19.24
CA THR A 155 -1.35 7.50 -19.67
C THR A 155 -2.24 6.85 -20.74
N VAL A 156 -3.55 7.06 -20.61
CA VAL A 156 -4.49 6.75 -21.68
C VAL A 156 -5.25 8.02 -22.00
N TYR A 157 -5.80 8.08 -23.21
CA TYR A 157 -6.61 9.24 -23.57
C TYR A 157 -7.72 8.79 -24.51
N ALA A 158 -8.82 9.54 -24.48
CA ALA A 158 -9.92 9.39 -25.44
C ALA A 158 -10.20 10.74 -26.08
N THR A 159 -10.48 10.73 -27.38
CA THR A 159 -10.72 11.95 -28.14
C THR A 159 -12.21 12.26 -28.15
N GLY A 160 -12.54 13.55 -28.03
CA GLY A 160 -13.92 13.99 -28.03
C GLY A 160 -14.50 14.13 -29.42
N THR A 161 -15.76 14.59 -29.45
CA THR A 161 -16.54 14.67 -30.69
C THR A 161 -15.84 15.49 -31.76
N HIS A 162 -15.20 16.59 -31.37
CA HIS A 162 -14.63 17.55 -32.32
C HIS A 162 -13.11 17.55 -32.34
N ALA A 163 -12.45 16.69 -31.57
CA ALA A 163 -11.00 16.60 -31.63
C ALA A 163 -10.59 16.08 -33.01
N GLN A 164 -9.75 16.85 -33.69
CA GLN A 164 -9.26 16.44 -35.00
C GLN A 164 -8.27 15.28 -34.84
N VAL A 165 -8.08 14.53 -35.93
CA VAL A 165 -7.15 13.41 -35.88
C VAL A 165 -5.77 13.88 -35.44
N GLU A 166 -5.34 15.05 -35.92
CA GLU A 166 -4.05 15.59 -35.51
C GLU A 166 -4.02 15.95 -34.03
N ASP A 167 -5.18 16.27 -33.42
CA ASP A 167 -5.22 16.56 -31.99
C ASP A 167 -4.86 15.32 -31.16
N GLY A 168 -5.39 14.16 -31.53
CA GLY A 168 -5.03 12.94 -30.83
C GLY A 168 -3.57 12.58 -31.03
N ARG A 169 -3.07 12.71 -32.26
CA ARG A 169 -1.67 12.42 -32.53
C ARG A 169 -0.75 13.36 -31.76
N LEU A 170 -1.13 14.65 -31.67
CA LEU A 170 -0.33 15.61 -30.91
C LEU A 170 -0.33 15.24 -29.43
N MET A 171 -1.50 14.93 -28.90
CA MET A 171 -1.64 14.54 -27.50
CA MET A 171 -1.58 14.59 -27.49
C MET A 171 -0.77 13.33 -27.17
N GLU A 172 -0.82 12.33 -28.06
CA GLU A 172 -0.03 11.11 -27.80
C GLU A 172 1.46 11.40 -27.87
N GLN A 173 1.89 12.23 -28.81
CA GLN A 173 3.29 12.61 -28.87
C GLN A 173 3.72 13.29 -27.58
N LEU A 174 2.92 14.24 -27.11
CA LEU A 174 3.25 14.98 -25.90
C LEU A 174 3.29 14.06 -24.69
N LEU A 175 2.27 13.22 -24.52
CA LEU A 175 2.25 12.41 -23.31
C LEU A 175 3.19 11.21 -23.38
N SER A 176 3.54 10.73 -24.57
CA SER A 176 4.57 9.70 -24.69
C SER A 176 5.95 10.19 -24.25
N SER A 177 6.17 11.51 -24.19
CA SER A 177 7.47 12.02 -23.73
C SER A 177 7.68 11.79 -22.23
N VAL A 178 6.63 11.48 -21.49
CA VAL A 178 6.74 11.30 -20.04
C VAL A 178 6.28 9.91 -19.61
N GLY A 179 6.17 8.97 -20.56
CA GLY A 179 5.85 7.60 -20.21
C GLY A 179 5.10 6.90 -21.33
N PHE A 180 4.46 5.80 -20.96
CA PHE A 180 3.59 5.06 -21.87
C PHE A 180 2.32 5.84 -22.13
N CYS A 181 1.83 5.81 -23.38
CA CYS A 181 0.60 6.52 -23.71
C CYS A 181 -0.11 5.78 -24.84
N THR A 182 -1.40 5.52 -24.68
CA THR A 182 -2.16 4.91 -25.75
C THR A 182 -3.58 5.47 -25.76
N GLU A 183 -4.19 5.49 -26.94
CA GLU A 183 -5.60 5.85 -27.06
C GLU A 183 -6.48 4.68 -26.59
N VAL A 184 -7.56 4.99 -25.89
CA VAL A 184 -8.58 3.99 -25.51
C VAL A 184 -9.96 4.57 -25.78
N GLU A 185 -10.95 3.70 -25.80
CA GLU A 185 -12.34 4.14 -25.73
C GLU A 185 -12.60 4.73 -24.35
N GLU A 186 -13.42 5.79 -24.30
CA GLU A 186 -13.64 6.48 -23.03
C GLU A 186 -14.21 5.55 -21.96
N ASP A 187 -15.01 4.55 -22.34
CA ASP A 187 -15.62 3.71 -21.31
C ASP A 187 -14.61 2.83 -20.56
N LEU A 188 -13.33 2.86 -20.92
CA LEU A 188 -12.31 2.14 -20.17
C LEU A 188 -11.63 3.01 -19.12
N ILE A 189 -11.86 4.33 -19.13
CA ILE A 189 -10.94 5.19 -18.40
C ILE A 189 -11.16 5.10 -16.90
N ASP A 190 -12.39 4.90 -16.42
CA ASP A 190 -12.58 4.73 -14.98
C ASP A 190 -11.84 3.49 -14.45
N ALA A 191 -11.83 2.40 -15.22
CA ALA A 191 -11.08 1.21 -14.83
C ALA A 191 -9.58 1.45 -14.88
N VAL A 192 -9.11 2.14 -15.92
CA VAL A 192 -7.70 2.52 -15.95
C VAL A 192 -7.35 3.31 -14.70
N THR A 193 -8.25 4.20 -14.29
CA THR A 193 -8.02 5.02 -13.09
C THR A 193 -7.79 4.13 -11.87
N GLY A 194 -8.55 3.05 -11.76
CA GLY A 194 -8.40 2.17 -10.60
C GLY A 194 -7.14 1.34 -10.65
N LEU A 195 -6.57 1.15 -11.83
CA LEU A 195 -5.37 0.34 -12.01
C LEU A 195 -4.12 1.22 -12.01
N SER A 196 -3.89 2.01 -13.06
CA SER A 196 -2.64 2.78 -13.09
C SER A 196 -2.75 4.16 -12.47
N GLY A 197 -3.95 4.75 -12.40
CA GLY A 197 -4.07 6.04 -11.74
C GLY A 197 -3.85 5.93 -10.24
N SER A 198 -4.58 5.02 -9.59
CA SER A 198 -4.39 4.70 -8.18
C SER A 198 -3.16 3.83 -7.94
N GLY A 199 -2.69 3.12 -8.96
CA GLY A 199 -1.61 2.16 -8.85
C GLY A 199 -0.38 2.56 -8.06
N PRO A 200 0.16 3.77 -8.31
CA PRO A 200 1.36 4.15 -7.56
C PRO A 200 1.16 4.11 -6.06
N ALA A 201 -0.04 4.43 -5.57
CA ALA A 201 -0.27 4.36 -4.13
C ALA A 201 -0.22 2.92 -3.62
N TYR A 202 -0.77 1.96 -4.38
CA TYR A 202 -0.61 0.56 -3.99
C TYR A 202 0.86 0.19 -3.93
N ALA A 203 1.64 0.66 -4.90
CA ALA A 203 3.06 0.34 -4.96
C ALA A 203 3.82 0.97 -3.79
N PHE A 204 3.54 2.22 -3.45
CA PHE A 204 4.22 2.85 -2.32
C PHE A 204 3.87 2.15 -1.02
N THR A 205 2.61 1.73 -0.85
CA THR A 205 2.24 0.92 0.32
C THR A 205 3.07 -0.37 0.36
N ALA A 206 3.14 -1.07 -0.77
CA ALA A 206 3.86 -2.35 -0.83
C ALA A 206 5.35 -2.17 -0.57
N LEU A 207 5.94 -1.10 -1.10
CA LEU A 207 7.36 -0.87 -0.87
C LEU A 207 7.66 -0.50 0.59
N ASP A 208 6.77 0.27 1.22
CA ASP A 208 6.92 0.55 2.64
C ASP A 208 6.89 -0.75 3.45
N ALA A 209 5.98 -1.65 3.11
CA ALA A 209 5.83 -2.90 3.85
C ALA A 209 6.99 -3.86 3.59
N LEU A 210 7.42 -3.97 2.33
CA LEU A 210 8.59 -4.81 2.01
C LEU A 210 9.83 -4.31 2.74
N ALA A 211 9.98 -2.99 2.84
CA ALA A 211 11.09 -2.42 3.61
C ALA A 211 11.00 -2.81 5.08
N ASP A 212 9.81 -2.69 5.69
CA ASP A 212 9.62 -3.19 7.06
C ASP A 212 9.97 -4.67 7.17
N GLY A 213 9.66 -5.46 6.14
CA GLY A 213 10.05 -6.86 6.17
C GLY A 213 11.54 -7.04 6.15
N GLY A 214 12.24 -6.23 5.34
CA GLY A 214 13.70 -6.28 5.35
C GLY A 214 14.27 -5.86 6.70
N VAL A 215 13.70 -4.82 7.31
CA VAL A 215 14.16 -4.38 8.61
C VAL A 215 13.92 -5.46 9.64
N LYS A 216 12.77 -6.12 9.59
CA LYS A 216 12.48 -7.16 10.57
C LYS A 216 13.53 -8.26 10.51
N MET A 217 14.01 -8.58 9.31
CA MET A 217 14.99 -9.64 9.12
C MET A 217 16.43 -9.15 9.21
N GLY A 218 16.64 -7.90 9.59
CA GLY A 218 17.96 -7.41 9.97
C GLY A 218 18.61 -6.40 9.04
N LEU A 219 17.93 -5.95 8.00
CA LEU A 219 18.50 -4.95 7.10
C LEU A 219 18.28 -3.53 7.62
N PRO A 220 19.24 -2.64 7.42
CA PRO A 220 18.98 -1.21 7.66
C PRO A 220 17.87 -0.71 6.76
N ARG A 221 17.08 0.22 7.29
CA ARG A 221 15.90 0.70 6.57
C ARG A 221 16.27 1.26 5.20
N ARG A 222 17.34 2.06 5.13
CA ARG A 222 17.71 2.68 3.87
C ARG A 222 18.03 1.64 2.80
N LEU A 223 18.79 0.61 3.16
CA LEU A 223 19.11 -0.46 2.21
C LEU A 223 17.85 -1.23 1.83
N ALA A 224 16.99 -1.53 2.81
CA ALA A 224 15.78 -2.29 2.52
C ALA A 224 14.89 -1.53 1.55
N VAL A 225 14.77 -0.21 1.73
CA VAL A 225 13.96 0.60 0.82
C VAL A 225 14.52 0.54 -0.58
N ARG A 226 15.84 0.72 -0.72
CA ARG A 226 16.46 0.72 -2.04
C ARG A 226 16.34 -0.65 -2.71
N LEU A 227 16.56 -1.74 -1.96
CA LEU A 227 16.49 -3.07 -2.56
C LEU A 227 15.06 -3.45 -2.94
N GLY A 228 14.08 -3.15 -2.08
CA GLY A 228 12.71 -3.41 -2.43
C GLY A 228 12.27 -2.65 -3.67
N ALA A 229 12.64 -1.37 -3.77
CA ALA A 229 12.24 -0.57 -4.92
C ALA A 229 12.94 -1.05 -6.18
N GLN A 230 14.23 -1.38 -6.09
CA GLN A 230 14.93 -1.91 -7.24
C GLN A 230 14.31 -3.23 -7.70
N ALA A 231 13.91 -4.08 -6.75
CA ALA A 231 13.32 -5.37 -7.11
C ALA A 231 12.03 -5.17 -7.88
N LEU A 232 11.15 -4.31 -7.38
CA LEU A 232 9.88 -4.07 -8.04
C LEU A 232 10.08 -3.42 -9.41
N LEU A 233 10.99 -2.46 -9.51
CA LEU A 233 11.24 -1.83 -10.80
C LEU A 233 11.74 -2.85 -11.82
N GLY A 234 12.69 -3.68 -11.39
CA GLY A 234 13.27 -4.63 -12.32
C GLY A 234 12.27 -5.69 -12.76
N ALA A 235 11.44 -6.16 -11.84
CA ALA A 235 10.42 -7.15 -12.19
C ALA A 235 9.40 -6.56 -13.17
N ALA A 236 8.96 -5.33 -12.90
CA ALA A 236 8.01 -4.68 -13.79
C ALA A 236 8.61 -4.50 -15.18
N LYS A 237 9.87 -4.06 -15.25
CA LYS A 237 10.52 -3.93 -16.56
C LYS A 237 10.65 -5.29 -17.26
N MET A 238 11.00 -6.34 -16.52
CA MET A 238 11.06 -7.67 -17.10
C MET A 238 9.74 -8.03 -17.78
N LEU A 239 8.63 -7.82 -17.06
CA LEU A 239 7.34 -8.18 -17.61
C LEU A 239 7.04 -7.37 -18.87
N LEU A 240 7.35 -6.08 -18.84
CA LEU A 240 7.06 -5.23 -19.99
C LEU A 240 7.88 -5.63 -21.21
N HIS A 241 9.07 -6.19 -21.02
CA HIS A 241 9.96 -6.58 -22.10
C HIS A 241 9.83 -8.05 -22.47
N SER A 242 8.99 -8.81 -21.78
CA SER A 242 8.83 -10.24 -22.02
C SER A 242 7.49 -10.50 -22.70
N GLU A 243 7.44 -11.55 -23.49
CA GLU A 243 6.17 -12.06 -24.00
C GLU A 243 5.61 -13.18 -23.12
N GLN A 244 6.29 -13.51 -22.04
CA GLN A 244 5.84 -14.62 -21.21
C GLN A 244 4.81 -14.16 -20.18
N HIS A 245 4.02 -15.11 -19.73
CA HIS A 245 3.04 -14.84 -18.70
C HIS A 245 3.75 -14.51 -17.39
N PRO A 246 3.20 -13.59 -16.58
CA PRO A 246 3.83 -13.32 -15.27
C PRO A 246 3.96 -14.55 -14.40
N GLY A 247 3.06 -15.53 -14.53
CA GLY A 247 3.23 -16.75 -13.77
C GLY A 247 4.48 -17.51 -14.16
N GLN A 248 4.86 -17.46 -15.44
CA GLN A 248 6.07 -18.14 -15.89
C GLN A 248 7.32 -17.45 -15.33
N LEU A 249 7.39 -16.11 -15.44
CA LEU A 249 8.49 -15.38 -14.81
C LEU A 249 8.55 -15.66 -13.31
N LYS A 250 7.38 -15.75 -12.67
CA LYS A 250 7.35 -16.12 -11.25
C LYS A 250 7.93 -17.52 -11.04
N ASP A 251 7.50 -18.49 -11.85
CA ASP A 251 8.03 -19.85 -11.72
C ASP A 251 9.54 -19.90 -11.82
N ASN A 252 10.12 -19.04 -12.68
CA ASN A 252 11.57 -19.03 -12.89
C ASN A 252 12.36 -18.55 -11.68
N VAL A 253 11.73 -17.80 -10.77
CA VAL A 253 12.43 -17.34 -9.57
C VAL A 253 12.61 -18.48 -8.57
N SER A 254 11.66 -19.40 -8.49
CA SER A 254 11.63 -20.37 -7.39
C SER A 254 12.38 -21.66 -7.73
N SER A 255 13.16 -22.15 -6.77
CA SER A 255 13.64 -23.51 -6.89
C SER A 255 12.81 -24.44 -6.02
N PRO A 256 12.73 -25.72 -6.38
CA PRO A 256 11.92 -26.65 -5.60
C PRO A 256 12.37 -26.72 -4.14
N GLY A 257 11.39 -26.67 -3.24
CA GLY A 257 11.59 -26.63 -1.80
C GLY A 257 12.19 -25.35 -1.25
N GLY A 258 12.48 -24.37 -2.09
CA GLY A 258 13.31 -23.25 -1.72
C GLY A 258 12.59 -22.08 -1.03
N ALA A 259 13.35 -21.01 -0.83
CA ALA A 259 12.88 -19.90 -0.01
C ALA A 259 11.76 -19.13 -0.68
N THR A 260 11.84 -18.95 -2.00
CA THR A 260 10.84 -18.12 -2.68
C THR A 260 9.47 -18.78 -2.66
N ILE A 261 9.41 -20.09 -2.94
CA ILE A 261 8.10 -20.75 -2.95
C ILE A 261 7.52 -20.79 -1.54
N HIS A 262 8.35 -20.86 -0.49
CA HIS A 262 7.81 -20.76 0.85
C HIS A 262 7.21 -19.39 1.09
N ALA A 263 7.84 -18.34 0.56
CA ALA A 263 7.31 -17.01 0.75
C ALA A 263 6.05 -16.80 -0.07
N LEU A 264 5.99 -17.37 -1.27
CA LEU A 264 4.78 -17.22 -2.08
C LEU A 264 3.60 -17.90 -1.38
N HIS A 265 3.84 -18.98 -0.67
CA HIS A 265 2.75 -19.65 0.03
C HIS A 265 2.12 -18.74 1.06
N VAL A 266 2.94 -18.04 1.87
CA VAL A 266 2.33 -17.20 2.89
C VAL A 266 1.60 -16.02 2.26
N LEU A 267 2.06 -15.52 1.10
CA LEU A 267 1.25 -14.54 0.37
C LEU A 267 -0.11 -15.12 0.00
N GLU A 268 -0.11 -16.33 -0.58
CA GLU A 268 -1.37 -16.96 -1.00
C GLU A 268 -2.27 -17.20 0.20
N SER A 269 -1.69 -17.60 1.34
CA SER A 269 -2.52 -17.89 2.50
C SER A 269 -3.26 -16.66 2.99
N GLY A 270 -2.72 -15.48 2.75
CA GLY A 270 -3.41 -14.27 3.13
C GLY A 270 -4.35 -13.71 2.08
N GLY A 271 -4.54 -14.40 0.96
CA GLY A 271 -5.37 -13.85 -0.10
C GLY A 271 -4.78 -12.61 -0.76
N PHE A 272 -3.44 -12.57 -0.87
CA PHE A 272 -2.72 -11.42 -1.42
C PHE A 272 -3.30 -10.97 -2.77
N ARG A 273 -3.50 -11.93 -3.68
CA ARG A 273 -4.06 -11.61 -4.99
C ARG A 273 -5.41 -10.93 -4.85
N SER A 274 -6.30 -11.49 -4.02
CA SER A 274 -7.64 -10.91 -3.91
C SER A 274 -7.62 -9.50 -3.35
N LEU A 275 -6.63 -9.15 -2.52
CA LEU A 275 -6.58 -7.78 -2.00
C LEU A 275 -6.29 -6.78 -3.11
N LEU A 276 -5.40 -7.12 -4.05
CA LEU A 276 -5.13 -6.21 -5.15
C LEU A 276 -6.31 -6.10 -6.10
N ILE A 277 -7.01 -7.21 -6.33
CA ILE A 277 -8.25 -7.13 -7.11
C ILE A 277 -9.27 -6.25 -6.39
N ASN A 278 -9.39 -6.44 -5.07
CA ASN A 278 -10.28 -5.60 -4.26
C ASN A 278 -9.96 -4.12 -4.44
N ALA A 279 -8.66 -3.79 -4.50
CA ALA A 279 -8.26 -2.38 -4.58
C ALA A 279 -8.67 -1.77 -5.93
N VAL A 280 -8.31 -2.44 -7.03
CA VAL A 280 -8.70 -1.90 -8.34
C VAL A 280 -10.21 -1.72 -8.41
N GLU A 281 -10.96 -2.73 -7.99
CA GLU A 281 -12.41 -2.64 -7.97
C GLU A 281 -12.90 -1.48 -7.10
N ALA A 282 -12.34 -1.34 -5.89
CA ALA A 282 -12.83 -0.31 -4.98
C ALA A 282 -12.57 1.07 -5.55
N SER A 283 -11.41 1.27 -6.15
CA SER A 283 -11.10 2.56 -6.77
C SER A 283 -12.06 2.86 -7.91
N CYS A 284 -12.23 1.90 -8.81
CA CYS A 284 -13.13 2.10 -9.96
C CYS A 284 -14.57 2.34 -9.52
N ILE A 285 -15.05 1.58 -8.53
CA ILE A 285 -16.44 1.76 -8.08
C ILE A 285 -16.62 3.15 -7.46
N ARG A 286 -15.64 3.59 -6.67
CA ARG A 286 -15.76 4.93 -6.08
C ARG A 286 -15.74 6.00 -7.16
N THR A 287 -14.91 5.82 -8.18
CA THR A 287 -14.90 6.78 -9.29
C THR A 287 -16.26 6.86 -9.97
N ARG A 288 -16.86 5.70 -10.26
CA ARG A 288 -18.16 5.69 -10.92
C ARG A 288 -19.24 6.30 -10.03
N GLU A 289 -19.15 6.03 -8.72
CA GLU A 289 -20.13 6.52 -7.75
C GLU A 289 -20.05 8.04 -7.60
N LEU A 290 -18.84 8.59 -7.55
CA LEU A 290 -18.71 10.04 -7.49
C LEU A 290 -19.26 10.71 -8.74
N GLN A 291 -18.96 10.15 -9.91
CA GLN A 291 -19.44 10.76 -11.15
C GLN A 291 -20.95 10.65 -11.27
N SER A 292 -21.55 9.62 -10.68
CA SER A 292 -23.01 9.53 -10.68
C SER A 292 -23.62 10.63 -9.81
N MET A 293 -22.98 10.94 -8.69
CA MET A 293 -23.42 12.07 -7.86
C MET A 293 -23.26 13.39 -8.60
N ALA A 294 -22.20 13.52 -9.38
CA ALA A 294 -22.01 14.73 -10.19
C ALA A 294 -23.08 14.84 -11.26
N ASP A 295 -23.38 13.73 -11.96
CA ASP A 295 -24.42 13.75 -12.98
C ASP A 295 -25.78 14.03 -12.36
N GLN A 296 -26.03 13.52 -11.15
CA GLN A 296 -27.27 13.87 -10.45
C GLN A 296 -27.31 15.35 -10.09
N GLU A 297 -26.18 15.89 -9.62
CA GLU A 297 -26.09 17.31 -9.27
C GLU A 297 -26.11 18.17 -10.53
N PHE B 20 36.83 -4.20 -19.58
CA PHE B 20 37.82 -5.23 -19.31
C PHE B 20 37.81 -6.31 -20.38
N GLN B 21 38.44 -6.01 -21.52
CA GLN B 21 38.50 -6.95 -22.62
C GLN B 21 39.43 -8.13 -22.34
N SER B 22 40.26 -8.05 -21.31
CA SER B 22 41.16 -9.14 -20.94
C SER B 22 40.51 -10.13 -19.97
N MET B 23 39.18 -10.17 -19.93
CA MET B 23 38.47 -10.89 -18.88
C MET B 23 37.61 -12.00 -19.49
N SER B 24 37.82 -13.23 -19.02
CA SER B 24 36.99 -14.37 -19.36
C SER B 24 36.09 -14.70 -18.19
N VAL B 25 34.79 -14.81 -18.45
CA VAL B 25 33.80 -15.12 -17.44
C VAL B 25 33.27 -16.52 -17.69
N GLY B 26 33.09 -17.28 -16.61
CA GLY B 26 32.53 -18.61 -16.71
C GLY B 26 31.38 -18.80 -15.75
N PHE B 27 30.45 -19.66 -16.16
CA PHE B 27 29.32 -20.05 -15.32
C PHE B 27 29.37 -21.56 -15.14
N ILE B 28 29.46 -22.01 -13.89
CA ILE B 28 29.15 -23.41 -13.57
C ILE B 28 27.66 -23.44 -13.26
N GLY B 29 26.90 -24.11 -14.14
CA GLY B 29 25.44 -24.09 -14.17
C GLY B 29 24.99 -23.24 -15.34
N ALA B 30 23.94 -23.69 -16.03
CA ALA B 30 23.44 -22.98 -17.20
C ALA B 30 21.91 -22.87 -17.16
N GLY B 31 21.41 -22.47 -16.00
CA GLY B 31 19.98 -22.35 -15.73
C GLY B 31 19.49 -20.92 -15.78
N GLN B 32 18.47 -20.63 -14.95
CA GLN B 32 17.79 -19.34 -15.05
C GLN B 32 18.73 -18.19 -14.74
N LEU B 33 19.55 -18.33 -13.70
CA LEU B 33 20.38 -17.21 -13.28
C LEU B 33 21.56 -17.01 -14.22
N ALA B 34 22.19 -18.09 -14.68
CA ALA B 34 23.31 -17.93 -15.61
C ALA B 34 22.84 -17.29 -16.90
N PHE B 35 21.69 -17.71 -17.42
CA PHE B 35 21.13 -17.05 -18.59
C PHE B 35 20.90 -15.57 -18.31
N ALA B 36 20.24 -15.26 -17.20
CA ALA B 36 19.90 -13.88 -16.87
C ALA B 36 21.15 -13.00 -16.81
N LEU B 37 22.19 -13.47 -16.12
CA LEU B 37 23.41 -12.66 -16.02
C LEU B 37 24.12 -12.53 -17.36
N ALA B 38 24.24 -13.64 -18.10
CA ALA B 38 24.92 -13.56 -19.39
C ALA B 38 24.19 -12.63 -20.34
N LYS B 39 22.85 -12.71 -20.37
CA LYS B 39 22.09 -11.82 -21.24
C LYS B 39 22.29 -10.37 -20.81
N GLY B 40 22.31 -10.11 -19.50
CA GLY B 40 22.52 -8.75 -19.04
C GLY B 40 23.92 -8.22 -19.33
N PHE B 41 24.94 -9.03 -19.04
CA PHE B 41 26.32 -8.63 -19.33
C PHE B 41 26.49 -8.32 -20.81
N THR B 42 25.97 -9.18 -21.68
CA THR B 42 26.16 -8.96 -23.11
C THR B 42 25.36 -7.76 -23.60
N ALA B 43 24.11 -7.63 -23.12
CA ALA B 43 23.32 -6.44 -23.44
C ALA B 43 24.01 -5.17 -22.94
N ALA B 44 24.66 -5.24 -21.78
CA ALA B 44 25.41 -4.10 -21.27
C ALA B 44 26.62 -3.78 -22.11
N GLY B 45 27.09 -4.73 -22.93
CA GLY B 45 28.30 -4.54 -23.70
C GLY B 45 29.58 -4.71 -22.93
N VAL B 46 29.53 -5.16 -21.68
CA VAL B 46 30.76 -5.30 -20.90
C VAL B 46 31.49 -6.60 -21.22
N LEU B 47 30.83 -7.55 -21.86
CA LEU B 47 31.43 -8.84 -22.22
C LEU B 47 30.92 -9.25 -23.58
N ALA B 48 31.84 -9.70 -24.44
CA ALA B 48 31.44 -10.38 -25.65
C ALA B 48 30.97 -11.77 -25.31
N ALA B 49 29.83 -12.19 -25.88
CA ALA B 49 29.24 -13.47 -25.51
C ALA B 49 30.22 -14.63 -25.71
N HIS B 50 31.16 -14.50 -26.63
CA HIS B 50 32.16 -15.56 -26.84
C HIS B 50 33.22 -15.59 -25.76
N LYS B 51 33.37 -14.51 -24.99
CA LYS B 51 34.25 -14.54 -23.83
C LYS B 51 33.58 -15.19 -22.62
N ILE B 52 32.40 -15.77 -22.80
CA ILE B 52 31.65 -16.39 -21.72
C ILE B 52 31.49 -17.89 -22.02
N MET B 53 31.78 -18.72 -21.03
CA MET B 53 31.54 -20.15 -21.12
C MET B 53 30.60 -20.56 -20.00
N ALA B 54 29.71 -21.50 -20.27
CA ALA B 54 28.80 -22.04 -19.26
C ALA B 54 28.80 -23.56 -19.35
N SER B 55 28.72 -24.22 -18.20
CA SER B 55 28.68 -25.68 -18.19
C SER B 55 27.42 -26.19 -17.52
N SER B 56 26.96 -27.36 -17.97
CA SER B 56 25.79 -28.00 -17.38
C SER B 56 25.82 -29.46 -17.76
N PRO B 57 25.40 -30.36 -16.86
CA PRO B 57 25.27 -31.78 -17.24
C PRO B 57 24.05 -32.07 -18.09
N ASP B 58 23.23 -31.05 -18.38
CA ASP B 58 22.00 -31.23 -19.14
C ASP B 58 21.91 -30.13 -20.19
N MET B 59 22.11 -30.49 -21.45
CA MET B 59 22.06 -29.54 -22.54
C MET B 59 20.67 -29.41 -23.16
N ASP B 60 19.68 -30.12 -22.63
CA ASP B 60 18.31 -30.08 -23.15
C ASP B 60 17.45 -29.10 -22.35
N LEU B 61 18.02 -27.98 -21.93
CA LEU B 61 17.30 -26.98 -21.19
C LEU B 61 17.03 -25.77 -22.06
N ALA B 62 15.90 -25.11 -21.82
CA ALA B 62 15.57 -23.91 -22.56
C ALA B 62 16.65 -22.83 -22.36
N THR B 63 17.20 -22.75 -21.15
CA THR B 63 18.24 -21.76 -20.88
C THR B 63 19.54 -22.06 -21.63
N VAL B 64 19.84 -23.34 -21.84
CA VAL B 64 21.02 -23.70 -22.61
C VAL B 64 20.85 -23.30 -24.08
N SER B 65 19.68 -23.56 -24.64
CA SER B 65 19.45 -23.17 -26.04
C SER B 65 19.57 -21.66 -26.21
N ALA B 66 18.98 -20.89 -25.28
CA ALA B 66 19.06 -19.44 -25.34
C ALA B 66 20.51 -18.96 -25.27
N LEU B 67 21.27 -19.50 -24.30
CA LEU B 67 22.70 -19.19 -24.22
C LEU B 67 23.42 -19.53 -25.53
N ARG B 68 23.04 -20.64 -26.18
CA ARG B 68 23.61 -20.98 -27.47
C ARG B 68 23.39 -19.87 -28.48
N LYS B 69 22.13 -19.43 -28.65
CA LYS B 69 21.81 -18.42 -29.65
C LYS B 69 22.54 -17.11 -29.39
N MET B 70 22.83 -16.80 -28.13
CA MET B 70 23.57 -15.58 -27.80
C MET B 70 25.01 -15.64 -28.28
N GLY B 71 25.56 -16.83 -28.50
CA GLY B 71 26.97 -16.98 -28.80
C GLY B 71 27.84 -17.30 -27.60
N VAL B 72 27.25 -17.76 -26.50
CA VAL B 72 28.02 -18.22 -25.33
C VAL B 72 28.56 -19.62 -25.62
N LYS B 73 29.79 -19.89 -25.18
CA LYS B 73 30.37 -21.21 -25.34
C LYS B 73 29.78 -22.15 -24.30
N LEU B 74 29.32 -23.32 -24.74
CA LEU B 74 28.73 -24.31 -23.86
C LEU B 74 29.59 -25.56 -23.82
N THR B 75 29.63 -26.20 -22.64
CA THR B 75 30.38 -27.43 -22.45
C THR B 75 29.73 -28.23 -21.34
N PRO B 76 29.78 -29.56 -21.42
CA PRO B 76 29.34 -30.37 -20.28
C PRO B 76 30.36 -30.44 -19.16
N HIS B 77 31.60 -30.00 -19.37
CA HIS B 77 32.69 -30.26 -18.44
C HIS B 77 32.98 -29.01 -17.61
N ASN B 78 32.68 -29.09 -16.31
CA ASN B 78 32.97 -27.98 -15.40
C ASN B 78 34.44 -27.61 -15.41
N LYS B 79 35.34 -28.59 -15.60
CA LYS B 79 36.76 -28.29 -15.63
C LYS B 79 37.12 -27.41 -16.81
N GLU B 80 36.45 -27.58 -17.95
CA GLU B 80 36.68 -26.70 -19.09
C GLU B 80 36.29 -25.27 -18.76
N THR B 81 35.15 -25.08 -18.09
CA THR B 81 34.74 -23.74 -17.67
C THR B 81 35.81 -23.10 -16.78
N VAL B 82 36.32 -23.87 -15.82
CA VAL B 82 37.32 -23.34 -14.90
C VAL B 82 38.59 -22.93 -15.64
N GLN B 83 39.04 -23.78 -16.56
CA GLN B 83 40.26 -23.49 -17.30
C GLN B 83 40.10 -22.28 -18.22
N HIS B 84 38.88 -22.06 -18.74
CA HIS B 84 38.62 -20.92 -19.61
C HIS B 84 38.49 -19.61 -18.85
N SER B 85 38.06 -19.66 -17.59
CA SER B 85 37.58 -18.47 -16.91
C SER B 85 38.62 -17.84 -16.02
N ASP B 86 38.53 -16.52 -15.87
CA ASP B 86 39.16 -15.74 -14.81
C ASP B 86 38.21 -15.51 -13.65
N VAL B 87 37.02 -15.00 -13.95
CA VAL B 87 35.93 -14.87 -12.99
C VAL B 87 34.99 -16.06 -13.19
N LEU B 88 34.73 -16.79 -12.11
CA LEU B 88 33.95 -18.03 -12.17
C LEU B 88 32.70 -17.89 -11.31
N PHE B 89 31.53 -17.80 -11.96
CA PHE B 89 30.26 -17.72 -11.25
C PHE B 89 29.74 -19.12 -10.94
N LEU B 90 29.42 -19.38 -9.66
CA LEU B 90 28.75 -20.61 -9.26
C LEU B 90 27.26 -20.37 -9.32
N ALA B 91 26.60 -20.97 -10.33
CA ALA B 91 25.19 -20.73 -10.64
C ALA B 91 24.41 -22.03 -10.56
N VAL B 92 24.69 -22.83 -9.54
CA VAL B 92 24.02 -24.10 -9.33
C VAL B 92 23.18 -23.99 -8.06
N LYS B 93 22.27 -24.94 -7.90
CA LYS B 93 21.46 -25.01 -6.68
C LYS B 93 22.37 -25.14 -5.46
N PRO B 94 21.95 -24.62 -4.31
CA PRO B 94 22.86 -24.59 -3.14
C PRO B 94 23.38 -25.95 -2.73
N HIS B 95 22.55 -26.99 -2.79
CA HIS B 95 23.04 -28.32 -2.42
C HIS B 95 24.02 -28.90 -3.42
N ILE B 96 24.12 -28.32 -4.63
CA ILE B 96 25.11 -28.79 -5.61
C ILE B 96 26.48 -28.15 -5.38
N ILE B 97 26.53 -27.02 -4.65
CA ILE B 97 27.81 -26.32 -4.44
C ILE B 97 28.90 -27.24 -3.88
N PRO B 98 28.69 -27.97 -2.77
CA PRO B 98 29.83 -28.73 -2.23
C PRO B 98 30.33 -29.78 -3.19
N PHE B 99 29.45 -30.39 -3.99
CA PHE B 99 29.89 -31.34 -5.01
C PHE B 99 30.74 -30.65 -6.07
N ILE B 100 30.29 -29.48 -6.54
CA ILE B 100 31.05 -28.71 -7.52
C ILE B 100 32.43 -28.36 -6.98
N LEU B 101 32.51 -27.95 -5.72
CA LEU B 101 33.79 -27.53 -5.17
C LEU B 101 34.75 -28.71 -5.08
N ASP B 102 34.23 -29.89 -4.73
CA ASP B 102 35.07 -31.09 -4.73
C ASP B 102 35.57 -31.41 -6.13
N GLU B 103 34.74 -31.16 -7.14
CA GLU B 103 35.09 -31.59 -8.50
C GLU B 103 36.20 -30.74 -9.09
N ILE B 104 36.14 -29.41 -8.93
CA ILE B 104 37.10 -28.55 -9.61
C ILE B 104 38.02 -27.83 -8.63
N GLY B 105 37.94 -28.14 -7.33
CA GLY B 105 38.82 -27.47 -6.38
C GLY B 105 40.29 -27.55 -6.74
N ALA B 106 40.73 -28.70 -7.26
CA ALA B 106 42.13 -28.83 -7.65
C ALA B 106 42.48 -28.01 -8.87
N ASP B 107 41.50 -27.48 -9.60
CA ASP B 107 41.77 -26.67 -10.78
C ASP B 107 41.73 -25.17 -10.51
N ILE B 108 41.33 -24.75 -9.31
CA ILE B 108 41.34 -23.33 -8.99
C ILE B 108 42.78 -22.85 -8.97
N GLU B 109 43.05 -21.78 -9.72
CA GLU B 109 44.38 -21.18 -9.77
C GLU B 109 44.37 -19.87 -9.01
N ASP B 110 45.58 -19.32 -8.83
CA ASP B 110 45.69 -18.04 -8.14
C ASP B 110 44.91 -16.95 -8.85
N ARG B 111 44.84 -17.03 -10.19
CA ARG B 111 44.17 -16.01 -10.98
C ARG B 111 42.66 -15.97 -10.77
N HIS B 112 42.07 -17.05 -10.25
CA HIS B 112 40.62 -17.17 -10.21
C HIS B 112 40.00 -16.34 -9.10
N ILE B 113 38.88 -15.70 -9.44
CA ILE B 113 37.94 -15.13 -8.48
C ILE B 113 36.69 -15.97 -8.57
N VAL B 114 36.33 -16.63 -7.46
CA VAL B 114 35.17 -17.51 -7.40
C VAL B 114 34.01 -16.71 -6.81
N VAL B 115 32.94 -16.55 -7.57
CA VAL B 115 31.78 -15.78 -7.15
C VAL B 115 30.60 -16.74 -6.98
N SER B 116 30.21 -16.99 -5.74
CA SER B 116 29.06 -17.85 -5.48
C SER B 116 27.79 -17.01 -5.50
N CYS B 117 26.81 -17.44 -6.32
CA CYS B 117 25.50 -16.81 -6.36
C CYS B 117 24.46 -17.61 -5.59
N ALA B 118 24.85 -18.75 -5.04
CA ALA B 118 23.91 -19.70 -4.45
C ALA B 118 23.30 -19.14 -3.18
N ALA B 119 21.96 -19.22 -3.08
CA ALA B 119 21.27 -18.78 -1.87
C ALA B 119 21.80 -19.52 -0.65
N GLY B 120 22.07 -18.76 0.41
CA GLY B 120 22.37 -19.31 1.72
C GLY B 120 23.78 -19.81 1.94
N VAL B 121 24.51 -20.15 0.89
CA VAL B 121 25.80 -20.84 1.05
C VAL B 121 26.86 -19.86 1.54
N THR B 122 27.53 -20.19 2.63
CA THR B 122 28.40 -19.24 3.29
C THR B 122 29.79 -19.22 2.64
N ILE B 123 30.41 -18.04 2.70
CA ILE B 123 31.80 -17.89 2.27
C ILE B 123 32.69 -18.91 3.00
N SER B 124 32.50 -19.04 4.31
CA SER B 124 33.37 -19.94 5.06
C SER B 124 33.26 -21.38 4.56
N SER B 125 32.05 -21.82 4.19
CA SER B 125 31.90 -23.20 3.71
C SER B 125 32.60 -23.39 2.39
N ILE B 126 32.56 -22.39 1.51
CA ILE B 126 33.24 -22.47 0.23
C ILE B 126 34.75 -22.45 0.44
N GLU B 127 35.23 -21.53 1.29
CA GLU B 127 36.66 -21.41 1.51
C GLU B 127 37.24 -22.67 2.13
N LYS B 128 36.48 -23.32 3.01
CA LYS B 128 36.96 -24.56 3.62
C LYS B 128 37.15 -25.65 2.58
N LYS B 129 36.20 -25.78 1.65
CA LYS B 129 36.32 -26.77 0.57
C LYS B 129 37.53 -26.49 -0.30
N LEU B 130 37.66 -25.25 -0.79
CA LEU B 130 38.72 -24.93 -1.75
C LEU B 130 40.08 -24.88 -1.10
N SER B 131 40.14 -24.52 0.20
CA SER B 131 41.43 -24.45 0.89
C SER B 131 42.11 -25.80 1.04
N ALA B 132 41.36 -26.90 1.00
CA ALA B 132 41.99 -28.21 1.08
C ALA B 132 42.90 -28.47 -0.12
N PHE B 133 42.69 -27.74 -1.22
CA PHE B 133 43.43 -27.93 -2.47
C PHE B 133 44.52 -26.91 -2.68
N ARG B 134 44.25 -25.65 -2.35
CA ARG B 134 45.23 -24.60 -2.55
C ARG B 134 44.84 -23.53 -1.54
N PRO B 135 45.78 -23.04 -0.75
CA PRO B 135 45.44 -22.00 0.23
C PRO B 135 45.10 -20.69 -0.48
N ALA B 136 44.43 -19.83 0.26
CA ALA B 136 44.01 -18.49 -0.17
C ALA B 136 43.13 -18.43 -1.43
N PRO B 137 42.06 -19.22 -1.53
CA PRO B 137 41.13 -19.02 -2.66
C PRO B 137 40.44 -17.68 -2.53
N ARG B 138 40.30 -16.98 -3.66
CA ARG B 138 39.66 -15.67 -3.69
C ARG B 138 38.17 -15.87 -3.92
N VAL B 139 37.35 -15.62 -2.90
CA VAL B 139 35.93 -15.96 -2.93
C VAL B 139 35.11 -14.71 -2.67
N ILE B 140 34.05 -14.53 -3.46
CA ILE B 140 33.09 -13.47 -3.24
C ILE B 140 31.71 -14.12 -3.26
N ARG B 141 30.84 -13.71 -2.34
CA ARG B 141 29.49 -14.23 -2.29
C ARG B 141 28.53 -13.13 -2.73
N CYS B 142 27.59 -13.47 -3.58
CA CYS B 142 26.65 -12.44 -4.01
C CYS B 142 25.24 -12.99 -3.97
N MET B 143 24.28 -12.06 -3.93
CA MET B 143 22.89 -12.37 -4.13
C MET B 143 22.38 -11.35 -5.14
N THR B 144 21.71 -11.82 -6.16
CA THR B 144 21.21 -10.93 -7.22
C THR B 144 19.76 -11.34 -7.48
N ASN B 145 19.25 -11.05 -8.67
CA ASN B 145 17.89 -11.46 -9.02
C ASN B 145 17.75 -11.45 -10.54
N THR B 146 16.65 -12.06 -11.02
CA THR B 146 16.53 -12.26 -12.46
C THR B 146 16.45 -10.96 -13.26
N PRO B 147 15.96 -9.82 -12.74
CA PRO B 147 15.94 -8.59 -13.57
C PRO B 147 17.30 -8.10 -14.04
N VAL B 148 18.42 -8.72 -13.65
CA VAL B 148 19.66 -8.39 -14.35
C VAL B 148 19.52 -8.61 -15.84
N VAL B 149 18.57 -9.46 -16.26
CA VAL B 149 18.34 -9.73 -17.67
C VAL B 149 17.90 -8.49 -18.43
N VAL B 150 17.25 -7.54 -17.77
CA VAL B 150 16.95 -6.23 -18.36
C VAL B 150 17.82 -5.13 -17.73
N ARG B 151 18.96 -5.52 -17.14
CA ARG B 151 19.93 -4.59 -16.57
C ARG B 151 19.33 -3.72 -15.47
N GLU B 152 18.35 -4.25 -14.73
CA GLU B 152 17.77 -3.57 -13.59
C GLU B 152 17.76 -4.50 -12.38
N GLY B 153 18.79 -5.31 -12.25
CA GLY B 153 18.91 -6.18 -11.09
C GLY B 153 19.22 -5.42 -9.82
N ALA B 154 19.10 -6.13 -8.71
CA ALA B 154 19.52 -5.65 -7.40
C ALA B 154 20.49 -6.67 -6.83
N THR B 155 21.75 -6.28 -6.68
CA THR B 155 22.81 -7.21 -6.30
C THR B 155 23.53 -6.69 -5.06
N VAL B 156 23.83 -7.60 -4.14
CA VAL B 156 24.74 -7.28 -3.04
C VAL B 156 25.85 -8.32 -3.08
N TYR B 157 27.00 -7.97 -2.52
CA TYR B 157 28.09 -8.93 -2.48
C TYR B 157 28.91 -8.73 -1.21
N ALA B 158 29.59 -9.80 -0.81
CA ALA B 158 30.49 -9.77 0.33
C ALA B 158 31.81 -10.43 -0.07
N THR B 159 32.91 -9.82 0.32
CA THR B 159 34.24 -10.31 -0.03
C THR B 159 34.72 -11.32 1.01
N GLY B 160 35.39 -12.36 0.53
CA GLY B 160 35.90 -13.39 1.41
C GLY B 160 37.26 -13.05 2.01
N THR B 161 37.79 -14.03 2.74
CA THR B 161 39.02 -13.84 3.51
C THR B 161 40.20 -13.41 2.65
N HIS B 162 40.34 -14.00 1.46
CA HIS B 162 41.52 -13.77 0.62
C HIS B 162 41.22 -12.93 -0.61
N ALA B 163 39.99 -12.45 -0.75
CA ALA B 163 39.67 -11.54 -1.83
C ALA B 163 40.49 -10.26 -1.67
N GLN B 164 41.16 -9.85 -2.75
CA GLN B 164 41.92 -8.62 -2.75
C GLN B 164 40.98 -7.42 -2.90
N VAL B 165 41.49 -6.24 -2.53
CA VAL B 165 40.66 -5.03 -2.58
C VAL B 165 40.16 -4.79 -4.01
N GLU B 166 41.03 -5.02 -5.00
CA GLU B 166 40.61 -4.83 -6.39
C GLU B 166 39.62 -5.89 -6.84
N ASP B 167 39.60 -7.08 -6.20
CA ASP B 167 38.61 -8.10 -6.55
C ASP B 167 37.20 -7.60 -6.29
N GLY B 168 36.98 -6.95 -5.14
CA GLY B 168 35.67 -6.39 -4.87
C GLY B 168 35.31 -5.28 -5.83
N ARG B 169 36.25 -4.38 -6.12
CA ARG B 169 35.97 -3.28 -7.03
C ARG B 169 35.62 -3.79 -8.42
N LEU B 170 36.35 -4.82 -8.89
CA LEU B 170 36.05 -5.41 -10.19
C LEU B 170 34.66 -6.01 -10.22
N MET B 171 34.30 -6.76 -9.17
CA MET B 171 32.97 -7.36 -9.13
C MET B 171 31.89 -6.30 -9.09
N GLU B 172 32.11 -5.23 -8.33
CA GLU B 172 31.11 -4.18 -8.29
C GLU B 172 30.97 -3.50 -9.65
N GLN B 173 32.08 -3.29 -10.36
CA GLN B 173 31.98 -2.73 -11.71
C GLN B 173 31.19 -3.65 -12.62
N LEU B 174 31.49 -4.94 -12.60
CA LEU B 174 30.80 -5.88 -13.48
C LEU B 174 29.31 -5.95 -13.17
N LEU B 175 28.97 -6.12 -11.88
CA LEU B 175 27.56 -6.29 -11.51
C LEU B 175 26.78 -4.99 -11.54
N SER B 176 27.46 -3.83 -11.42
CA SER B 176 26.76 -2.56 -11.60
C SER B 176 26.30 -2.35 -13.03
N SER B 177 26.91 -3.04 -14.00
CA SER B 177 26.52 -2.88 -15.39
C SER B 177 25.14 -3.47 -15.68
N VAL B 178 24.59 -4.30 -14.78
CA VAL B 178 23.29 -4.93 -14.95
C VAL B 178 22.31 -4.56 -13.84
N GLY B 179 22.63 -3.56 -13.04
CA GLY B 179 21.66 -3.02 -12.09
C GLY B 179 22.36 -2.37 -10.91
N PHE B 180 21.61 -2.25 -9.81
CA PHE B 180 22.16 -1.76 -8.57
C PHE B 180 23.11 -2.79 -7.96
N CYS B 181 24.22 -2.32 -7.40
CA CYS B 181 25.14 -3.25 -6.75
C CYS B 181 25.87 -2.56 -5.61
N THR B 182 25.91 -3.20 -4.43
CA THR B 182 26.62 -2.61 -3.32
C THR B 182 27.24 -3.71 -2.46
N GLU B 183 28.35 -3.38 -1.79
CA GLU B 183 28.94 -4.31 -0.84
C GLU B 183 28.15 -4.32 0.46
N VAL B 184 28.00 -5.50 1.07
CA VAL B 184 27.40 -5.64 2.38
C VAL B 184 28.23 -6.59 3.23
N GLU B 185 27.99 -6.55 4.54
CA GLU B 185 28.48 -7.61 5.42
C GLU B 185 27.74 -8.90 5.09
N GLU B 186 28.46 -10.03 5.15
CA GLU B 186 27.83 -11.29 4.73
C GLU B 186 26.60 -11.61 5.56
N ASP B 187 26.56 -11.19 6.83
CA ASP B 187 25.41 -11.60 7.62
C ASP B 187 24.10 -10.93 7.21
N LEU B 188 24.10 -10.02 6.25
CA LEU B 188 22.85 -9.47 5.71
C LEU B 188 22.31 -10.23 4.51
N ILE B 189 23.07 -11.18 3.94
CA ILE B 189 22.71 -11.64 2.60
C ILE B 189 21.46 -12.52 2.63
N ASP B 190 21.27 -13.32 3.69
CA ASP B 190 20.05 -14.15 3.74
C ASP B 190 18.80 -13.27 3.78
N ALA B 191 18.85 -12.14 4.50
CA ALA B 191 17.72 -11.21 4.50
C ALA B 191 17.56 -10.52 3.15
N VAL B 192 18.68 -10.09 2.54
CA VAL B 192 18.57 -9.54 1.18
C VAL B 192 17.90 -10.55 0.26
N THR B 193 18.26 -11.83 0.42
CA THR B 193 17.68 -12.87 -0.42
C THR B 193 16.16 -12.89 -0.30
N GLY B 194 15.64 -12.72 0.92
CA GLY B 194 14.20 -12.72 1.11
C GLY B 194 13.50 -11.47 0.60
N LEU B 195 14.26 -10.40 0.36
CA LEU B 195 13.66 -9.14 -0.07
C LEU B 195 13.83 -8.97 -1.58
N SER B 196 15.06 -8.75 -2.07
CA SER B 196 15.23 -8.56 -3.51
C SER B 196 15.50 -9.86 -4.27
N GLY B 197 16.02 -10.89 -3.62
CA GLY B 197 16.18 -12.14 -4.34
C GLY B 197 14.85 -12.78 -4.71
N SER B 198 13.99 -13.02 -3.71
CA SER B 198 12.64 -13.51 -3.94
C SER B 198 11.69 -12.43 -4.45
N GLY B 199 12.06 -11.14 -4.27
CA GLY B 199 11.17 -10.04 -4.58
C GLY B 199 10.50 -10.04 -5.94
N PRO B 200 11.22 -10.37 -7.02
CA PRO B 200 10.54 -10.37 -8.34
C PRO B 200 9.33 -11.29 -8.36
N ALA B 201 9.38 -12.41 -7.65
CA ALA B 201 8.22 -13.32 -7.59
C ALA B 201 7.03 -12.68 -6.89
N TYR B 202 7.26 -11.93 -5.80
CA TYR B 202 6.18 -11.17 -5.18
C TYR B 202 5.57 -10.20 -6.18
N ALA B 203 6.44 -9.47 -6.91
CA ALA B 203 5.96 -8.52 -7.90
C ALA B 203 5.17 -9.19 -9.01
N PHE B 204 5.65 -10.34 -9.51
CA PHE B 204 4.94 -11.00 -10.60
C PHE B 204 3.56 -11.45 -10.14
N THR B 205 3.47 -11.95 -8.90
CA THR B 205 2.18 -12.29 -8.30
C THR B 205 1.28 -11.05 -8.23
N ALA B 206 1.84 -9.93 -7.75
CA ALA B 206 1.07 -8.69 -7.65
C ALA B 206 0.60 -8.21 -9.03
N LEU B 207 1.47 -8.33 -10.04
CA LEU B 207 1.11 -7.82 -11.36
C LEU B 207 0.03 -8.69 -12.02
N ASP B 208 0.11 -10.01 -11.83
CA ASP B 208 -0.95 -10.92 -12.29
C ASP B 208 -2.29 -10.56 -11.64
N ALA B 209 -2.27 -10.33 -10.32
CA ALA B 209 -3.49 -9.98 -9.58
C ALA B 209 -4.03 -8.61 -9.99
N LEU B 210 -3.16 -7.60 -10.10
CA LEU B 210 -3.64 -6.29 -10.54
C LEU B 210 -4.25 -6.37 -11.92
N ALA B 211 -3.67 -7.17 -12.81
CA ALA B 211 -4.25 -7.34 -14.14
C ALA B 211 -5.61 -8.00 -14.06
N ASP B 212 -5.77 -9.02 -13.21
CA ASP B 212 -7.11 -9.60 -12.99
C ASP B 212 -8.08 -8.54 -12.49
N GLY B 213 -7.60 -7.64 -11.63
CA GLY B 213 -8.44 -6.52 -11.18
C GLY B 213 -8.86 -5.62 -12.33
N GLY B 214 -7.93 -5.28 -13.23
CA GLY B 214 -8.30 -4.51 -14.41
C GLY B 214 -9.33 -5.23 -15.26
N VAL B 215 -9.12 -6.54 -15.49
CA VAL B 215 -10.07 -7.30 -16.30
C VAL B 215 -11.45 -7.33 -15.66
N LYS B 216 -11.50 -7.50 -14.33
CA LYS B 216 -12.79 -7.53 -13.65
C LYS B 216 -13.58 -6.25 -13.90
N MET B 217 -12.89 -5.11 -13.96
CA MET B 217 -13.54 -3.82 -14.15
C MET B 217 -13.64 -3.40 -15.62
N GLY B 218 -13.28 -4.28 -16.56
CA GLY B 218 -13.62 -4.08 -17.96
C GLY B 218 -12.45 -3.87 -18.90
N LEU B 219 -11.19 -3.93 -18.43
CA LEU B 219 -10.04 -3.74 -19.32
C LEU B 219 -9.68 -5.05 -20.03
N PRO B 220 -9.25 -4.97 -21.29
CA PRO B 220 -8.62 -6.13 -21.91
C PRO B 220 -7.39 -6.53 -21.13
N ARG B 221 -7.11 -7.83 -21.12
CA ARG B 221 -6.03 -8.36 -20.30
C ARG B 221 -4.67 -7.79 -20.72
N ARG B 222 -4.42 -7.71 -22.02
CA ARG B 222 -3.12 -7.20 -22.49
C ARG B 222 -2.88 -5.77 -22.00
N LEU B 223 -3.91 -4.92 -22.10
CA LEU B 223 -3.80 -3.55 -21.61
C LEU B 223 -3.66 -3.51 -20.09
N ALA B 224 -4.40 -4.34 -19.37
CA ALA B 224 -4.29 -4.32 -17.91
C ALA B 224 -2.89 -4.74 -17.46
N VAL B 225 -2.30 -5.74 -18.12
CA VAL B 225 -0.94 -6.17 -17.79
C VAL B 225 0.03 -5.01 -18.01
N ARG B 226 -0.08 -4.34 -19.15
CA ARG B 226 0.85 -3.25 -19.49
C ARG B 226 0.71 -2.09 -18.50
N LEU B 227 -0.52 -1.68 -18.20
CA LEU B 227 -0.75 -0.56 -17.30
C LEU B 227 -0.29 -0.86 -15.87
N GLY B 228 -0.62 -2.05 -15.36
CA GLY B 228 -0.16 -2.42 -14.04
C GLY B 228 1.35 -2.44 -13.92
N ALA B 229 2.01 -3.05 -14.91
CA ALA B 229 3.47 -3.12 -14.89
C ALA B 229 4.08 -1.72 -14.99
N GLN B 230 3.53 -0.88 -15.86
CA GLN B 230 4.04 0.49 -15.99
C GLN B 230 3.82 1.28 -14.69
N ALA B 231 2.69 1.06 -14.02
CA ALA B 231 2.41 1.76 -12.78
C ALA B 231 3.40 1.38 -11.71
N LEU B 232 3.72 0.08 -11.61
CA LEU B 232 4.67 -0.37 -10.60
C LEU B 232 6.08 0.11 -10.93
N LEU B 233 6.47 0.03 -12.20
CA LEU B 233 7.80 0.49 -12.59
C LEU B 233 7.97 1.97 -12.28
N GLY B 234 6.97 2.79 -12.64
CA GLY B 234 7.11 4.21 -12.44
C GLY B 234 7.13 4.60 -10.98
N ALA B 235 6.30 3.94 -10.17
CA ALA B 235 6.30 4.24 -8.74
C ALA B 235 7.61 3.83 -8.09
N ALA B 236 8.16 2.67 -8.48
CA ALA B 236 9.46 2.26 -7.96
C ALA B 236 10.54 3.25 -8.34
N LYS B 237 10.54 3.70 -9.60
CA LYS B 237 11.51 4.71 -10.02
C LYS B 237 11.33 6.02 -9.27
N MET B 238 10.08 6.46 -9.07
CA MET B 238 9.83 7.66 -8.27
C MET B 238 10.49 7.55 -6.90
N LEU B 239 10.28 6.42 -6.22
CA LEU B 239 10.83 6.27 -4.88
C LEU B 239 12.35 6.28 -4.91
N LEU B 240 12.96 5.58 -5.88
CA LEU B 240 14.41 5.53 -5.98
C LEU B 240 15.00 6.91 -6.23
N HIS B 241 14.29 7.77 -6.95
CA HIS B 241 14.76 9.10 -7.31
C HIS B 241 14.34 10.16 -6.30
N SER B 242 13.54 9.81 -5.30
CA SER B 242 13.01 10.80 -4.38
C SER B 242 13.70 10.66 -3.02
N GLU B 243 13.78 11.77 -2.30
CA GLU B 243 14.24 11.77 -0.92
C GLU B 243 13.08 11.71 0.07
N GLN B 244 11.85 11.62 -0.41
CA GLN B 244 10.69 11.59 0.46
C GLN B 244 10.32 10.18 0.86
N HIS B 245 9.68 10.06 2.01
CA HIS B 245 9.22 8.77 2.50
C HIS B 245 8.15 8.21 1.57
N PRO B 246 8.12 6.88 1.36
CA PRO B 246 7.06 6.30 0.52
C PRO B 246 5.65 6.68 0.96
N GLY B 247 5.45 6.93 2.26
CA GLY B 247 4.15 7.39 2.71
C GLY B 247 3.78 8.75 2.17
N GLN B 248 4.76 9.63 1.99
CA GLN B 248 4.47 10.96 1.45
C GLN B 248 4.11 10.86 -0.03
N LEU B 249 4.86 10.08 -0.79
CA LEU B 249 4.52 9.88 -2.19
C LEU B 249 3.13 9.27 -2.32
N LYS B 250 2.79 8.37 -1.40
CA LYS B 250 1.46 7.79 -1.38
C LYS B 250 0.40 8.85 -1.12
N ASP B 251 0.63 9.71 -0.12
CA ASP B 251 -0.33 10.76 0.20
C ASP B 251 -0.61 11.66 -1.01
N ASN B 252 0.43 11.93 -1.82
CA ASN B 252 0.28 12.79 -3.00
C ASN B 252 -0.67 12.23 -4.05
N VAL B 253 -0.89 10.93 -4.06
CA VAL B 253 -1.78 10.31 -5.04
C VAL B 253 -3.24 10.58 -4.68
N SER B 254 -3.58 10.55 -3.39
CA SER B 254 -4.97 10.56 -2.98
C SER B 254 -5.53 11.97 -2.85
N SER B 255 -6.72 12.16 -3.35
CA SER B 255 -7.48 13.33 -2.95
C SER B 255 -8.47 12.96 -1.85
N PRO B 256 -8.84 13.90 -0.99
CA PRO B 256 -9.78 13.58 0.09
C PRO B 256 -11.10 13.05 -0.45
N GLY B 257 -11.59 11.97 0.18
CA GLY B 257 -12.82 11.33 -0.23
C GLY B 257 -12.74 10.52 -1.52
N GLY B 258 -11.59 10.47 -2.18
CA GLY B 258 -11.50 10.01 -3.55
C GLY B 258 -11.29 8.50 -3.70
N ALA B 259 -11.07 8.11 -4.97
CA ALA B 259 -11.00 6.71 -5.35
C ALA B 259 -9.79 6.01 -4.73
N THR B 260 -8.64 6.67 -4.74
CA THR B 260 -7.42 6.02 -4.29
C THR B 260 -7.45 5.72 -2.79
N ILE B 261 -7.90 6.67 -1.97
CA ILE B 261 -7.95 6.41 -0.53
C ILE B 261 -9.00 5.34 -0.23
N HIS B 262 -10.09 5.27 -1.01
CA HIS B 262 -11.02 4.16 -0.83
C HIS B 262 -10.35 2.81 -1.11
N ALA B 263 -9.49 2.76 -2.13
CA ALA B 263 -8.80 1.53 -2.50
C ALA B 263 -7.73 1.17 -1.48
N LEU B 264 -7.01 2.17 -0.96
CA LEU B 264 -6.02 1.89 0.08
C LEU B 264 -6.68 1.28 1.31
N HIS B 265 -7.87 1.74 1.66
CA HIS B 265 -8.55 1.20 2.82
C HIS B 265 -8.81 -0.29 2.68
N VAL B 266 -9.25 -0.76 1.51
CA VAL B 266 -9.52 -2.19 1.41
C VAL B 266 -8.22 -2.99 1.44
N LEU B 267 -7.10 -2.43 0.96
CA LEU B 267 -5.81 -3.10 1.17
C LEU B 267 -5.49 -3.23 2.65
N GLU B 268 -5.67 -2.15 3.41
CA GLU B 268 -5.37 -2.16 4.84
C GLU B 268 -6.27 -3.15 5.57
N SER B 269 -7.54 -3.24 5.18
CA SER B 269 -8.46 -4.16 5.88
C SER B 269 -8.06 -5.61 5.69
N GLY B 270 -7.35 -5.94 4.62
CA GLY B 270 -6.85 -7.29 4.45
C GLY B 270 -5.47 -7.53 5.00
N GLY B 271 -4.90 -6.57 5.74
CA GLY B 271 -3.55 -6.72 6.23
C GLY B 271 -2.51 -6.85 5.14
N PHE B 272 -2.71 -6.14 4.02
CA PHE B 272 -1.79 -6.16 2.87
C PHE B 272 -0.34 -5.99 3.30
N ARG B 273 -0.05 -4.98 4.13
CA ARG B 273 1.31 -4.75 4.62
C ARG B 273 1.86 -5.99 5.32
N SER B 274 1.07 -6.56 6.24
CA SER B 274 1.56 -7.71 7.00
CA SER B 274 1.55 -7.72 6.99
C SER B 274 1.91 -8.88 6.09
N LEU B 275 1.21 -9.04 4.97
CA LEU B 275 1.49 -10.19 4.08
C LEU B 275 2.87 -10.05 3.45
N LEU B 276 3.24 -8.85 3.02
CA LEU B 276 4.56 -8.64 2.44
C LEU B 276 5.65 -8.84 3.48
N ILE B 277 5.45 -8.35 4.70
CA ILE B 277 6.39 -8.63 5.78
C ILE B 277 6.49 -10.14 6.00
N ASN B 278 5.35 -10.82 6.05
CA ASN B 278 5.33 -12.29 6.18
C ASN B 278 6.19 -12.96 5.11
N ALA B 279 6.13 -12.46 3.88
CA ALA B 279 6.84 -13.09 2.77
C ALA B 279 8.34 -12.96 2.93
N VAL B 280 8.82 -11.73 3.18
CA VAL B 280 10.25 -11.53 3.36
C VAL B 280 10.76 -12.40 4.49
N GLU B 281 10.01 -12.44 5.60
CA GLU B 281 10.37 -13.25 6.75
C GLU B 281 10.40 -14.72 6.40
N ALA B 282 9.36 -15.21 5.69
CA ALA B 282 9.29 -16.64 5.38
C ALA B 282 10.44 -17.06 4.47
N SER B 283 10.75 -16.23 3.48
CA SER B 283 11.89 -16.50 2.59
C SER B 283 13.18 -16.59 3.40
N CYS B 284 13.45 -15.58 4.22
CA CYS B 284 14.70 -15.53 4.98
C CYS B 284 14.82 -16.69 5.95
N ILE B 285 13.73 -17.02 6.65
CA ILE B 285 13.76 -18.14 7.59
C ILE B 285 14.03 -19.45 6.86
N ARG B 286 13.39 -19.67 5.71
CA ARG B 286 13.63 -20.89 4.96
C ARG B 286 15.07 -20.97 4.48
N THR B 287 15.63 -19.85 4.01
CA THR B 287 17.04 -19.82 3.61
C THR B 287 17.94 -20.24 4.76
N ARG B 288 17.70 -19.68 5.95
CA ARG B 288 18.51 -20.03 7.11
C ARG B 288 18.30 -21.49 7.52
N GLU B 289 17.06 -21.97 7.44
CA GLU B 289 16.77 -23.36 7.75
C GLU B 289 17.51 -24.31 6.81
N LEU B 290 17.48 -24.02 5.50
CA LEU B 290 18.16 -24.88 4.54
C LEU B 290 19.66 -24.92 4.79
N GLN B 291 20.27 -23.77 5.06
CA GLN B 291 21.73 -23.76 5.24
C GLN B 291 22.11 -24.44 6.55
N SER B 292 21.26 -24.34 7.57
CA SER B 292 21.51 -25.06 8.81
C SER B 292 21.54 -26.56 8.58
N MET B 293 20.64 -27.06 7.73
CA MET B 293 20.66 -28.47 7.38
C MET B 293 21.91 -28.84 6.58
N ALA B 294 22.29 -27.99 5.61
CA ALA B 294 23.52 -28.24 4.86
C ALA B 294 24.72 -28.32 5.80
N ASP B 295 24.78 -27.44 6.82
CA ASP B 295 25.93 -27.41 7.71
C ASP B 295 25.92 -28.60 8.68
N GLN B 296 24.75 -29.17 8.97
CA GLN B 296 24.71 -30.40 9.75
C GLN B 296 25.09 -31.62 8.92
N GLU B 297 25.02 -31.53 7.59
CA GLU B 297 25.33 -32.66 6.71
C GLU B 297 26.80 -32.70 6.29
N SER C 22 -13.03 42.08 29.32
CA SER C 22 -14.36 42.42 29.81
C SER C 22 -15.46 41.81 28.93
N MET C 23 -15.29 40.55 28.56
CA MET C 23 -16.24 39.81 27.73
C MET C 23 -17.09 38.89 28.60
N SER C 24 -18.37 38.75 28.24
CA SER C 24 -19.29 37.85 28.94
C SER C 24 -19.62 36.65 28.07
N VAL C 25 -19.47 35.46 28.65
CA VAL C 25 -19.65 34.19 27.93
C VAL C 25 -20.74 33.37 28.62
N GLY C 26 -21.60 32.77 27.82
CA GLY C 26 -22.66 31.93 28.34
C GLY C 26 -22.66 30.55 27.70
N PHE C 27 -23.14 29.57 28.46
CA PHE C 27 -23.31 28.21 27.99
C PHE C 27 -24.76 27.77 28.16
N ILE C 28 -25.41 27.42 27.07
CA ILE C 28 -26.69 26.71 27.12
C ILE C 28 -26.37 25.22 27.20
N GLY C 29 -26.68 24.61 28.34
CA GLY C 29 -26.22 23.27 28.64
C GLY C 29 -25.09 23.33 29.65
N ALA C 30 -25.08 22.44 30.64
CA ALA C 30 -24.03 22.46 31.64
C ALA C 30 -23.49 21.05 31.87
N GLY C 31 -23.07 20.42 30.78
CA GLY C 31 -22.54 19.06 30.82
C GLY C 31 -21.05 18.98 30.54
N GLN C 32 -20.62 17.87 29.92
CA GLN C 32 -19.20 17.57 29.78
C GLN C 32 -18.47 18.65 28.99
N LEU C 33 -19.04 19.10 27.87
CA LEU C 33 -18.33 20.06 27.05
C LEU C 33 -18.29 21.43 27.71
N ALA C 34 -19.42 21.88 28.28
CA ALA C 34 -19.44 23.18 28.96
C ALA C 34 -18.44 23.22 30.10
N PHE C 35 -18.41 22.17 30.92
CA PHE C 35 -17.41 22.13 31.98
C PHE C 35 -15.99 22.20 31.40
N ALA C 36 -15.73 21.41 30.34
CA ALA C 36 -14.38 21.34 29.81
C ALA C 36 -13.91 22.69 29.26
N LEU C 37 -14.77 23.36 28.48
CA LEU C 37 -14.42 24.67 27.94
C LEU C 37 -14.31 25.72 29.05
N ALA C 38 -15.23 25.69 30.02
CA ALA C 38 -15.15 26.67 31.11
C ALA C 38 -13.90 26.48 31.92
N LYS C 39 -13.54 25.22 32.20
CA LYS C 39 -12.30 24.95 32.94
C LYS C 39 -11.10 25.44 32.15
N GLY C 40 -11.06 25.13 30.84
CA GLY C 40 -9.94 25.55 30.02
C GLY C 40 -9.82 27.04 29.89
N PHE C 41 -10.94 27.72 29.62
CA PHE C 41 -10.94 29.18 29.50
C PHE C 41 -10.41 29.84 30.78
N THR C 42 -10.89 29.37 31.94
CA THR C 42 -10.44 29.99 33.18
C THR C 42 -9.01 29.58 33.51
N ALA C 43 -8.63 28.34 33.21
CA ALA C 43 -7.22 27.96 33.41
C ALA C 43 -6.31 28.77 32.50
N ALA C 44 -6.78 29.09 31.29
CA ALA C 44 -6.00 29.93 30.40
C ALA C 44 -5.90 31.36 30.87
N GLY C 45 -6.73 31.76 31.85
CA GLY C 45 -6.77 33.14 32.28
C GLY C 45 -7.37 34.10 31.28
N VAL C 46 -8.02 33.63 30.22
CA VAL C 46 -8.62 34.56 29.27
C VAL C 46 -10.03 34.97 29.70
N LEU C 47 -10.68 34.21 30.57
CA LEU C 47 -12.00 34.53 31.11
C LEU C 47 -11.95 34.39 32.61
N ALA C 48 -12.50 35.37 33.31
CA ALA C 48 -12.77 35.22 34.74
C ALA C 48 -14.00 34.34 34.92
N ALA C 49 -13.96 33.46 35.91
CA ALA C 49 -15.04 32.48 36.07
C ALA C 49 -16.38 33.15 36.32
N HIS C 50 -16.40 34.24 37.09
CA HIS C 50 -17.67 34.88 37.39
C HIS C 50 -18.28 35.55 36.17
N LYS C 51 -17.52 35.71 35.09
CA LYS C 51 -18.05 36.25 33.84
C LYS C 51 -18.62 35.17 32.94
N ILE C 52 -18.73 33.95 33.44
CA ILE C 52 -19.31 32.82 32.72
C ILE C 52 -20.60 32.43 33.42
N MET C 53 -21.65 32.20 32.63
CA MET C 53 -22.91 31.68 33.13
C MET C 53 -23.25 30.43 32.32
N ALA C 54 -23.78 29.42 32.99
CA ALA C 54 -24.21 28.19 32.33
C ALA C 54 -25.61 27.85 32.81
N SER C 55 -26.43 27.31 31.91
CA SER C 55 -27.80 26.97 32.27
C SER C 55 -28.09 25.51 31.98
N SER C 56 -28.88 24.89 32.86
CA SER C 56 -29.28 23.51 32.67
C SER C 56 -30.59 23.29 33.41
N PRO C 57 -31.51 22.47 32.89
CA PRO C 57 -32.70 22.10 33.66
C PRO C 57 -32.41 21.05 34.72
N ASP C 58 -31.19 20.54 34.79
CA ASP C 58 -30.79 19.49 35.72
C ASP C 58 -29.58 19.98 36.50
N MET C 59 -29.79 20.34 37.76
CA MET C 59 -28.71 20.78 38.63
C MET C 59 -28.08 19.64 39.41
N ASP C 60 -28.63 18.42 39.30
CA ASP C 60 -28.10 17.26 40.01
C ASP C 60 -27.03 16.52 39.20
N LEU C 61 -26.32 17.22 38.32
CA LEU C 61 -25.26 16.62 37.54
C LEU C 61 -23.91 16.93 38.18
N ALA C 62 -22.97 16.00 38.03
CA ALA C 62 -21.63 16.22 38.53
C ALA C 62 -20.96 17.40 37.83
N THR C 63 -21.19 17.53 36.52
CA THR C 63 -20.64 18.68 35.79
C THR C 63 -21.18 19.99 36.34
N VAL C 64 -22.45 20.02 36.74
CA VAL C 64 -23.02 21.22 37.34
C VAL C 64 -22.33 21.56 38.65
N SER C 65 -22.21 20.58 39.54
CA SER C 65 -21.53 20.82 40.82
C SER C 65 -20.08 21.23 40.60
N ALA C 66 -19.42 20.61 39.61
CA ALA C 66 -18.05 21.00 39.28
C ALA C 66 -17.98 22.44 38.79
N LEU C 67 -18.95 22.86 37.97
CA LEU C 67 -18.97 24.25 37.51
C LEU C 67 -19.19 25.21 38.66
N ARG C 68 -20.02 24.84 39.64
CA ARG C 68 -20.26 25.72 40.77
C ARG C 68 -18.99 25.93 41.58
N LYS C 69 -18.24 24.85 41.84
CA LYS C 69 -17.00 24.98 42.62
C LYS C 69 -15.99 25.88 41.91
N MET C 70 -16.04 25.93 40.59
CA MET C 70 -15.13 26.74 39.79
C MET C 70 -15.44 28.23 39.86
N GLY C 71 -16.63 28.61 40.32
CA GLY C 71 -17.03 29.99 40.36
C GLY C 71 -17.88 30.47 39.20
N VAL C 72 -18.40 29.56 38.37
CA VAL C 72 -19.29 29.93 37.26
C VAL C 72 -20.70 30.17 37.78
N LYS C 73 -21.37 31.19 37.25
CA LYS C 73 -22.77 31.41 37.61
C LYS C 73 -23.65 30.35 36.93
N LEU C 74 -24.59 29.79 37.69
CA LEU C 74 -25.48 28.75 37.19
C LEU C 74 -26.93 29.19 37.34
N THR C 75 -27.77 28.76 36.41
CA THR C 75 -29.18 29.08 36.45
C THR C 75 -29.95 28.01 35.70
N PRO C 76 -31.20 27.73 36.08
CA PRO C 76 -32.03 26.83 35.28
C PRO C 76 -32.59 27.47 34.01
N HIS C 77 -32.52 28.79 33.86
CA HIS C 77 -33.26 29.51 32.83
C HIS C 77 -32.34 29.91 31.67
N ASN C 78 -32.57 29.32 30.50
CA ASN C 78 -31.76 29.63 29.33
C ASN C 78 -31.82 31.11 28.96
N LYS C 79 -32.95 31.79 29.23
CA LYS C 79 -33.05 33.21 28.89
C LYS C 79 -32.12 34.06 29.74
N GLU C 80 -31.88 33.66 30.99
CA GLU C 80 -30.91 34.39 31.81
C GLU C 80 -29.51 34.32 31.20
N THR C 81 -29.10 33.13 30.77
CA THR C 81 -27.80 32.99 30.11
C THR C 81 -27.71 33.89 28.88
N VAL C 82 -28.79 33.99 28.10
CA VAL C 82 -28.77 34.81 26.90
C VAL C 82 -28.62 36.29 27.28
N GLN C 83 -29.36 36.73 28.29
CA GLN C 83 -29.28 38.13 28.71
C GLN C 83 -27.91 38.45 29.32
N HIS C 84 -27.28 37.47 29.97
CA HIS C 84 -25.97 37.69 30.58
C HIS C 84 -24.86 37.80 29.53
N SER C 85 -24.94 37.02 28.45
CA SER C 85 -23.75 36.75 27.66
C SER C 85 -23.69 37.58 26.37
N ASP C 86 -22.45 37.83 25.92
CA ASP C 86 -22.17 38.35 24.58
C ASP C 86 -21.89 37.21 23.61
N VAL C 87 -20.97 36.33 23.98
CA VAL C 87 -20.70 35.11 23.24
C VAL C 87 -21.50 33.98 23.88
N LEU C 88 -22.27 33.26 23.06
CA LEU C 88 -23.23 32.28 23.54
C LEU C 88 -22.94 30.91 22.93
N PHE C 89 -22.35 30.00 23.72
CA PHE C 89 -22.09 28.64 23.30
C PHE C 89 -23.32 27.77 23.46
N LEU C 90 -23.69 27.03 22.40
CA LEU C 90 -24.74 26.04 22.49
C LEU C 90 -24.07 24.69 22.79
N ALA C 91 -24.25 24.20 24.02
CA ALA C 91 -23.57 23.00 24.50
C ALA C 91 -24.58 21.94 24.93
N VAL C 92 -25.65 21.79 24.17
CA VAL C 92 -26.64 20.75 24.41
C VAL C 92 -26.49 19.68 23.33
N LYS C 93 -27.12 18.53 23.58
CA LYS C 93 -27.17 17.46 22.58
C LYS C 93 -27.81 17.98 21.29
N PRO C 94 -27.44 17.40 20.14
CA PRO C 94 -27.90 17.96 18.86
C PRO C 94 -29.41 18.03 18.71
N HIS C 95 -30.15 17.01 19.17
CA HIS C 95 -31.60 17.08 19.04
C HIS C 95 -32.24 18.12 19.94
N ILE C 96 -31.51 18.66 20.92
CA ILE C 96 -32.05 19.72 21.76
C ILE C 96 -31.90 21.11 21.13
N ILE C 97 -30.96 21.27 20.18
CA ILE C 97 -30.74 22.58 19.55
C ILE C 97 -32.02 23.22 19.02
N PRO C 98 -32.85 22.55 18.21
CA PRO C 98 -34.04 23.23 17.69
C PRO C 98 -34.94 23.76 18.79
N PHE C 99 -35.09 23.00 19.87
CA PHE C 99 -35.92 23.45 20.99
C PHE C 99 -35.31 24.69 21.63
N ILE C 100 -33.98 24.71 21.78
CA ILE C 100 -33.29 25.84 22.39
C ILE C 100 -33.44 27.10 21.54
N LEU C 101 -33.28 26.95 20.22
CA LEU C 101 -33.37 28.12 19.34
C LEU C 101 -34.78 28.69 19.37
N ASP C 102 -35.79 27.84 19.46
CA ASP C 102 -37.16 28.34 19.56
C ASP C 102 -37.41 29.02 20.90
N GLU C 103 -36.77 28.54 21.98
CA GLU C 103 -37.01 29.11 23.29
C GLU C 103 -36.41 30.52 23.41
N ILE C 104 -35.16 30.69 22.99
CA ILE C 104 -34.44 31.94 23.21
C ILE C 104 -34.28 32.76 21.93
N GLY C 105 -34.87 32.34 20.81
CA GLY C 105 -34.68 33.06 19.56
C GLY C 105 -35.09 34.52 19.63
N ALA C 106 -36.20 34.81 20.31
CA ALA C 106 -36.64 36.19 20.45
C ALA C 106 -35.75 37.02 21.36
N ASP C 107 -34.87 36.37 22.13
CA ASP C 107 -33.98 37.08 23.05
C ASP C 107 -32.62 37.37 22.43
N ILE C 108 -32.34 36.86 21.23
CA ILE C 108 -31.06 37.15 20.59
C ILE C 108 -31.04 38.61 20.15
N GLU C 109 -29.92 39.28 20.39
CA GLU C 109 -29.73 40.68 20.04
C GLU C 109 -28.61 40.80 19.02
N ASP C 110 -28.42 42.03 18.54
CA ASP C 110 -27.34 42.28 17.59
C ASP C 110 -25.98 42.03 18.21
N ARG C 111 -25.85 42.25 19.53
CA ARG C 111 -24.56 42.06 20.19
C ARG C 111 -24.11 40.60 20.20
N HIS C 112 -25.03 39.65 20.08
CA HIS C 112 -24.71 38.24 20.34
C HIS C 112 -23.92 37.60 19.20
N ILE C 113 -22.95 36.77 19.57
CA ILE C 113 -22.34 35.80 18.68
C ILE C 113 -22.76 34.43 19.19
N VAL C 114 -23.52 33.69 18.37
CA VAL C 114 -24.04 32.38 18.75
C VAL C 114 -23.08 31.32 18.21
N VAL C 115 -22.45 30.57 19.12
CA VAL C 115 -21.46 29.54 18.78
C VAL C 115 -22.08 28.18 19.06
N SER C 116 -22.43 27.45 18.01
CA SER C 116 -22.93 26.09 18.15
C SER C 116 -21.75 25.12 18.24
N CYS C 117 -21.73 24.32 19.31
CA CYS C 117 -20.77 23.24 19.43
C CYS C 117 -21.37 21.88 19.09
N ALA C 118 -22.65 21.82 18.74
CA ALA C 118 -23.34 20.54 18.64
C ALA C 118 -22.86 19.76 17.42
N ALA C 119 -22.52 18.48 17.62
CA ALA C 119 -22.16 17.61 16.51
C ALA C 119 -23.24 17.62 15.44
N GLY C 120 -22.82 17.74 14.18
CA GLY C 120 -23.71 17.56 13.04
C GLY C 120 -24.60 18.74 12.66
N VAL C 121 -24.95 19.61 13.61
CA VAL C 121 -25.98 20.61 13.36
C VAL C 121 -25.45 21.72 12.46
N THR C 122 -26.17 21.99 11.37
CA THR C 122 -25.64 22.89 10.36
C THR C 122 -25.91 24.35 10.69
N ILE C 123 -25.01 25.22 10.20
CA ILE C 123 -25.24 26.66 10.28
C ILE C 123 -26.58 27.03 9.68
N SER C 124 -26.91 26.42 8.54
CA SER C 124 -28.15 26.75 7.84
C SER C 124 -29.37 26.52 8.72
N SER C 125 -29.39 25.40 9.45
CA SER C 125 -30.54 25.08 10.30
C SER C 125 -30.64 26.05 11.47
N ILE C 126 -29.49 26.48 12.00
CA ILE C 126 -29.49 27.43 13.11
C ILE C 126 -29.93 28.81 12.64
N GLU C 127 -29.35 29.30 11.53
CA GLU C 127 -29.72 30.61 11.01
C GLU C 127 -31.18 30.65 10.57
N LYS C 128 -31.73 29.54 10.07
CA LYS C 128 -33.14 29.54 9.68
C LYS C 128 -34.05 29.74 10.89
N LYS C 129 -33.76 29.03 11.99
CA LYS C 129 -34.53 29.21 13.22
C LYS C 129 -34.42 30.64 13.74
N LEU C 130 -33.19 31.14 13.89
CA LEU C 130 -33.00 32.45 14.49
C LEU C 130 -33.48 33.57 13.58
N SER C 131 -33.40 33.38 12.26
CA SER C 131 -33.81 34.44 11.35
C SER C 131 -35.31 34.70 11.44
N ALA C 132 -36.10 33.72 11.87
CA ALA C 132 -37.53 33.98 12.02
C ALA C 132 -37.81 35.07 13.05
N PHE C 133 -36.89 35.31 13.98
CA PHE C 133 -37.09 36.32 15.01
C PHE C 133 -36.42 37.64 14.69
N ARG C 134 -35.23 37.60 14.12
CA ARG C 134 -34.49 38.81 13.81
C ARG C 134 -33.50 38.49 12.70
N PRO C 135 -33.47 39.31 11.65
CA PRO C 135 -32.55 39.03 10.54
C PRO C 135 -31.10 39.15 10.99
N ALA C 136 -30.23 38.52 10.22
CA ALA C 136 -28.79 38.56 10.38
C ALA C 136 -28.25 38.07 11.73
N PRO C 137 -28.69 36.91 12.24
CA PRO C 137 -28.02 36.35 13.41
C PRO C 137 -26.57 36.02 13.10
N ARG C 138 -25.69 36.30 14.05
CA ARG C 138 -24.25 36.04 13.91
C ARG C 138 -23.98 34.64 14.45
N VAL C 139 -23.73 33.69 13.55
CA VAL C 139 -23.62 32.29 13.94
C VAL C 139 -22.24 31.78 13.55
N ILE C 140 -21.61 31.07 14.48
CA ILE C 140 -20.37 30.35 14.23
C ILE C 140 -20.59 28.92 14.65
N ARG C 141 -20.11 27.98 13.84
CA ARG C 141 -20.19 26.57 14.17
C ARG C 141 -18.79 26.06 14.49
N CYS C 142 -18.64 25.33 15.59
CA CYS C 142 -17.33 24.76 15.86
C CYS C 142 -17.47 23.28 16.17
N MET C 143 -16.33 22.59 16.10
CA MET C 143 -16.18 21.26 16.65
C MET C 143 -14.90 21.27 17.45
N THR C 144 -14.96 20.76 18.67
CA THR C 144 -13.81 20.78 19.56
C THR C 144 -13.71 19.41 20.21
N ASN C 145 -13.05 19.31 21.36
CA ASN C 145 -12.97 18.02 22.04
C ASN C 145 -12.65 18.26 23.50
N THR C 146 -12.81 17.21 24.31
CA THR C 146 -12.70 17.39 25.76
C THR C 146 -11.31 17.83 26.24
N PRO C 147 -10.19 17.55 25.55
CA PRO C 147 -8.90 18.03 26.07
C PRO C 147 -8.73 19.55 26.14
N VAL C 148 -9.73 20.34 25.70
CA VAL C 148 -9.65 21.77 26.04
C VAL C 148 -9.54 21.96 27.55
N VAL C 149 -9.95 20.94 28.33
CA VAL C 149 -9.91 21.05 29.78
C VAL C 149 -8.49 21.16 30.27
N VAL C 150 -7.52 20.61 29.53
CA VAL C 150 -6.11 20.79 29.83
C VAL C 150 -5.43 21.69 28.80
N ARG C 151 -6.23 22.52 28.11
CA ARG C 151 -5.74 23.50 27.14
C ARG C 151 -4.96 22.84 25.99
N GLU C 152 -5.34 21.63 25.60
CA GLU C 152 -4.75 20.96 24.45
C GLU C 152 -5.86 20.44 23.53
N GLY C 153 -6.90 21.22 23.37
CA GLY C 153 -7.97 20.84 22.48
C GLY C 153 -7.57 20.98 21.02
N ALA C 154 -8.42 20.42 20.17
CA ALA C 154 -8.32 20.52 18.72
C ALA C 154 -9.67 21.03 18.25
N THR C 155 -9.69 22.26 17.74
CA THR C 155 -10.93 22.95 17.43
C THR C 155 -10.90 23.48 16.01
N VAL C 156 -12.00 23.29 15.28
CA VAL C 156 -12.20 23.97 14.02
C VAL C 156 -13.49 24.76 14.13
N TYR C 157 -13.61 25.78 13.29
CA TYR C 157 -14.83 26.58 13.27
C TYR C 157 -15.10 27.04 11.85
N ALA C 158 -16.38 27.25 11.54
CA ALA C 158 -16.82 27.84 10.29
C ALA C 158 -17.72 29.01 10.62
N THR C 159 -17.58 30.11 9.87
CA THR C 159 -18.37 31.31 10.10
C THR C 159 -19.67 31.30 9.29
N GLY C 160 -20.74 31.78 9.91
CA GLY C 160 -22.03 31.81 9.28
C GLY C 160 -22.17 32.96 8.30
N THR C 161 -23.37 33.04 7.71
CA THR C 161 -23.66 34.03 6.68
C THR C 161 -23.47 35.47 7.18
N HIS C 162 -23.89 35.76 8.42
CA HIS C 162 -23.88 37.12 8.92
C HIS C 162 -22.80 37.38 9.95
N ALA C 163 -21.88 36.43 10.13
CA ALA C 163 -20.78 36.65 11.07
C ALA C 163 -19.82 37.68 10.50
N GLN C 164 -19.49 38.70 11.29
CA GLN C 164 -18.52 39.69 10.87
C GLN C 164 -17.12 39.08 10.86
N VAL C 165 -16.21 39.72 10.10
CA VAL C 165 -14.82 39.25 10.06
C VAL C 165 -14.23 39.24 11.45
N GLU C 166 -14.53 40.28 12.24
CA GLU C 166 -14.05 40.34 13.62
C GLU C 166 -14.59 39.19 14.46
N ASP C 167 -15.77 38.67 14.14
CA ASP C 167 -16.31 37.53 14.87
C ASP C 167 -15.43 36.29 14.73
N GLY C 168 -14.98 36.00 13.51
CA GLY C 168 -14.11 34.85 13.30
C GLY C 168 -12.77 35.01 13.99
N ARG C 169 -12.17 36.20 13.90
CA ARG C 169 -10.89 36.44 14.57
C ARG C 169 -11.04 36.36 16.09
N LEU C 170 -12.15 36.89 16.62
CA LEU C 170 -12.41 36.80 18.05
C LEU C 170 -12.49 35.35 18.50
N MET C 171 -13.30 34.54 17.80
CA MET C 171 -13.47 33.16 18.24
CA MET C 171 -13.48 33.14 18.18
C MET C 171 -12.17 32.37 18.09
N GLU C 172 -11.39 32.61 17.04
CA GLU C 172 -10.13 31.91 16.92
C GLU C 172 -9.17 32.33 18.05
N GLN C 173 -9.22 33.61 18.44
CA GLN C 173 -8.45 34.07 19.58
C GLN C 173 -8.88 33.35 20.86
N LEU C 174 -10.19 33.29 21.11
CA LEU C 174 -10.70 32.61 22.30
C LEU C 174 -10.35 31.13 22.31
N LEU C 175 -10.64 30.42 21.20
CA LEU C 175 -10.45 28.98 21.22
C LEU C 175 -8.99 28.54 21.08
N SER C 176 -8.12 29.42 20.54
CA SER C 176 -6.69 29.13 20.57
C SER C 176 -6.10 29.14 21.97
N SER C 177 -6.79 29.75 22.94
CA SER C 177 -6.26 29.72 24.30
C SER C 177 -6.41 28.35 24.96
N VAL C 178 -7.16 27.42 24.36
CA VAL C 178 -7.36 26.11 24.96
C VAL C 178 -6.93 24.99 24.02
N GLY C 179 -6.13 25.30 23.01
CA GLY C 179 -5.59 24.30 22.13
C GLY C 179 -5.38 24.85 20.72
N PHE C 180 -5.23 23.91 19.79
CA PHE C 180 -5.18 24.25 18.38
C PHE C 180 -6.56 24.72 17.90
N CYS C 181 -6.57 25.74 17.04
CA CYS C 181 -7.81 26.25 16.48
C CYS C 181 -7.56 26.78 15.08
N THR C 182 -8.41 26.40 14.12
CA THR C 182 -8.27 26.91 12.78
C THR C 182 -9.64 26.99 12.13
N GLU C 183 -9.80 27.92 11.21
CA GLU C 183 -11.04 28.05 10.44
C GLU C 183 -11.08 27.00 9.33
N VAL C 184 -12.25 26.43 9.10
CA VAL C 184 -12.46 25.49 8.00
C VAL C 184 -13.76 25.84 7.28
N GLU C 185 -13.88 25.33 6.05
CA GLU C 185 -15.19 25.31 5.39
C GLU C 185 -16.11 24.36 6.14
N GLU C 186 -17.38 24.73 6.25
CA GLU C 186 -18.29 23.94 7.08
C GLU C 186 -18.39 22.50 6.62
N ASP C 187 -18.20 22.24 5.32
CA ASP C 187 -18.40 20.85 4.88
C ASP C 187 -17.32 19.90 5.36
N LEU C 188 -16.29 20.37 6.06
CA LEU C 188 -15.28 19.49 6.65
C LEU C 188 -15.60 19.08 8.09
N ILE C 189 -16.59 19.70 8.74
CA ILE C 189 -16.71 19.60 10.20
C ILE C 189 -17.18 18.20 10.63
N ASP C 190 -18.08 17.57 9.88
CA ASP C 190 -18.51 16.22 10.26
C ASP C 190 -17.35 15.22 10.24
N ALA C 191 -16.44 15.39 9.26
CA ALA C 191 -15.24 14.57 9.21
C ALA C 191 -14.27 14.90 10.34
N VAL C 192 -14.10 16.20 10.66
CA VAL C 192 -13.31 16.58 11.82
C VAL C 192 -13.89 15.96 13.08
N THR C 193 -15.21 15.91 13.18
CA THR C 193 -15.86 15.29 14.33
C THR C 193 -15.44 13.83 14.48
N GLY C 194 -15.33 13.09 13.36
CA GLY C 194 -14.96 11.69 13.47
C GLY C 194 -13.50 11.48 13.80
N LEU C 195 -12.67 12.49 13.55
CA LEU C 195 -11.23 12.39 13.81
C LEU C 195 -10.86 12.98 15.16
N SER C 196 -10.96 14.30 15.35
CA SER C 196 -10.55 14.86 16.65
C SER C 196 -11.71 14.99 17.63
N GLY C 197 -12.96 15.06 17.18
CA GLY C 197 -14.06 15.09 18.15
C GLY C 197 -14.19 13.78 18.90
N SER C 198 -14.28 12.67 18.17
CA SER C 198 -14.31 11.33 18.74
C SER C 198 -12.92 10.83 19.13
N GLY C 199 -11.87 11.43 18.56
CA GLY C 199 -10.50 11.03 18.79
C GLY C 199 -10.07 10.69 20.20
N PRO C 200 -10.40 11.54 21.20
CA PRO C 200 -10.00 11.22 22.58
C PRO C 200 -10.46 9.85 23.03
N ALA C 201 -11.66 9.43 22.63
CA ALA C 201 -12.18 8.14 23.04
C ALA C 201 -11.36 6.99 22.41
N TYR C 202 -10.90 7.16 21.16
CA TYR C 202 -9.99 6.16 20.58
C TYR C 202 -8.71 6.10 21.39
N ALA C 203 -8.21 7.26 21.80
CA ALA C 203 -6.97 7.31 22.56
C ALA C 203 -7.14 6.70 23.94
N PHE C 204 -8.27 6.98 24.62
CA PHE C 204 -8.48 6.39 25.95
C PHE C 204 -8.61 4.87 25.85
N THR C 205 -9.27 4.37 24.80
CA THR C 205 -9.29 2.92 24.54
C THR C 205 -7.88 2.38 24.35
N ALA C 206 -7.07 3.05 23.53
CA ALA C 206 -5.71 2.59 23.27
C ALA C 206 -4.86 2.61 24.53
N LEU C 207 -5.01 3.64 25.36
CA LEU C 207 -4.20 3.72 26.58
C LEU C 207 -4.61 2.65 27.59
N ASP C 208 -5.91 2.37 27.70
CA ASP C 208 -6.36 1.30 28.58
C ASP C 208 -5.74 -0.04 28.16
N ALA C 209 -5.80 -0.32 26.85
CA ALA C 209 -5.24 -1.57 26.30
C ALA C 209 -3.73 -1.64 26.46
N LEU C 210 -3.02 -0.55 26.14
CA LEU C 210 -1.57 -0.53 26.31
C LEU C 210 -1.19 -0.78 27.76
N ALA C 211 -1.95 -0.21 28.69
CA ALA C 211 -1.69 -0.44 30.11
C ALA C 211 -1.91 -1.90 30.47
N ASP C 212 -2.96 -2.53 29.92
CA ASP C 212 -3.15 -3.96 30.13
C ASP C 212 -1.98 -4.76 29.56
N GLY C 213 -1.45 -4.33 28.42
CA GLY C 213 -0.27 -4.99 27.88
C GLY C 213 0.91 -4.86 28.81
N GLY C 214 1.12 -3.67 29.37
CA GLY C 214 2.16 -3.51 30.38
C GLY C 214 1.97 -4.41 31.57
N VAL C 215 0.74 -4.49 32.09
CA VAL C 215 0.44 -5.35 33.22
C VAL C 215 0.68 -6.82 32.87
N LYS C 216 0.28 -7.24 31.67
CA LYS C 216 0.53 -8.62 31.27
C LYS C 216 2.01 -8.97 31.35
N MET C 217 2.87 -8.03 30.95
CA MET C 217 4.31 -8.25 30.92
C MET C 217 5.01 -7.95 32.24
N GLY C 218 4.27 -7.60 33.30
CA GLY C 218 4.85 -7.54 34.65
C GLY C 218 4.86 -6.16 35.27
N LEU C 219 4.31 -5.12 34.62
CA LEU C 219 4.32 -3.77 35.17
C LEU C 219 3.13 -3.57 36.10
N PRO C 220 3.34 -2.84 37.20
CA PRO C 220 2.19 -2.38 37.99
C PRO C 220 1.28 -1.51 37.14
N ARG C 221 -0.03 -1.62 37.41
CA ARG C 221 -1.00 -0.92 36.57
C ARG C 221 -0.75 0.59 36.56
N ARG C 222 -0.46 1.17 37.73
CA ARG C 222 -0.28 2.62 37.81
C ARG C 222 0.88 3.09 36.94
N LEU C 223 2.00 2.37 36.99
CA LEU C 223 3.14 2.72 36.15
C LEU C 223 2.83 2.51 34.67
N ALA C 224 2.15 1.42 34.32
CA ALA C 224 1.81 1.16 32.93
C ALA C 224 0.96 2.28 32.34
N VAL C 225 0.01 2.78 33.11
CA VAL C 225 -0.85 3.86 32.61
C VAL C 225 -0.02 5.11 32.37
N ARG C 226 0.90 5.42 33.30
CA ARG C 226 1.73 6.61 33.21
C ARG C 226 2.67 6.53 32.01
N LEU C 227 3.38 5.41 31.87
CA LEU C 227 4.29 5.22 30.74
C LEU C 227 3.55 5.25 29.40
N GLY C 228 2.42 4.54 29.31
CA GLY C 228 1.68 4.53 28.06
C GLY C 228 1.21 5.91 27.66
N ALA C 229 0.63 6.65 28.61
CA ALA C 229 0.15 7.99 28.31
C ALA C 229 1.31 8.91 27.95
N GLN C 230 2.42 8.83 28.70
CA GLN C 230 3.58 9.67 28.38
C GLN C 230 4.13 9.34 26.99
N ALA C 231 4.15 8.06 26.63
CA ALA C 231 4.63 7.65 25.32
C ALA C 231 3.79 8.28 24.21
N LEU C 232 2.47 8.21 24.35
CA LEU C 232 1.59 8.74 23.33
C LEU C 232 1.67 10.27 23.27
N LEU C 233 1.72 10.93 24.42
CA LEU C 233 1.86 12.39 24.43
C LEU C 233 3.13 12.82 23.72
N GLY C 234 4.26 12.17 24.05
CA GLY C 234 5.53 12.60 23.49
C GLY C 234 5.62 12.35 21.99
N ALA C 235 5.07 11.22 21.53
CA ALA C 235 5.07 10.93 20.10
C ALA C 235 4.20 11.90 19.33
N ALA C 236 3.01 12.19 19.87
CA ALA C 236 2.15 13.17 19.22
C ALA C 236 2.83 14.53 19.16
N LYS C 237 3.54 14.92 20.22
CA LYS C 237 4.24 16.19 20.19
C LYS C 237 5.36 16.17 19.17
N MET C 238 6.12 15.07 19.12
CA MET C 238 7.18 14.93 18.13
C MET C 238 6.66 15.20 16.74
N LEU C 239 5.54 14.56 16.38
CA LEU C 239 4.97 14.73 15.05
C LEU C 239 4.55 16.17 14.80
N LEU C 240 3.90 16.79 15.80
CA LEU C 240 3.46 18.17 15.63
C LEU C 240 4.63 19.12 15.41
N HIS C 241 5.78 18.84 16.04
CA HIS C 241 6.96 19.68 15.93
C HIS C 241 7.89 19.28 14.80
N SER C 242 7.60 18.21 14.08
CA SER C 242 8.46 17.74 13.00
C SER C 242 7.85 18.05 11.65
N GLU C 243 8.70 18.31 10.67
CA GLU C 243 8.27 18.36 9.28
C GLU C 243 8.29 16.98 8.62
N GLN C 244 8.70 15.94 9.34
CA GLN C 244 8.87 14.63 8.75
C GLN C 244 7.57 13.85 8.76
N HIS C 245 7.44 12.94 7.80
CA HIS C 245 6.30 12.07 7.71
C HIS C 245 6.25 11.13 8.92
N PRO C 246 5.06 10.83 9.46
CA PRO C 246 5.01 9.89 10.60
C PRO C 246 5.66 8.54 10.31
N GLY C 247 5.63 8.06 9.07
CA GLY C 247 6.35 6.84 8.74
C GLY C 247 7.84 6.95 8.97
N GLN C 248 8.41 8.13 8.70
CA GLN C 248 9.83 8.33 8.95
C GLN C 248 10.13 8.33 10.45
N LEU C 249 9.31 9.03 11.24
CA LEU C 249 9.51 8.99 12.69
C LEU C 249 9.35 7.57 13.22
N LYS C 250 8.43 6.80 12.65
CA LYS C 250 8.31 5.38 13.00
C LYS C 250 9.60 4.63 12.70
N ASP C 251 10.17 4.85 11.50
CA ASP C 251 11.38 4.14 11.09
C ASP C 251 12.54 4.40 12.07
N ASN C 252 12.61 5.61 12.63
CA ASN C 252 13.71 5.96 13.53
C ASN C 252 13.66 5.22 14.85
N VAL C 253 12.49 4.71 15.25
CA VAL C 253 12.38 3.96 16.50
C VAL C 253 12.96 2.56 16.36
N SER C 254 12.79 1.94 15.21
CA SER C 254 13.14 0.53 15.07
C SER C 254 14.60 0.34 14.69
N SER C 255 15.21 -0.62 15.29
CA SER C 255 16.46 -1.18 14.83
C SER C 255 16.20 -2.46 14.05
N PRO C 256 17.06 -2.78 13.08
CA PRO C 256 16.88 -4.02 12.31
C PRO C 256 16.88 -5.23 13.22
N GLY C 257 15.92 -6.13 12.99
CA GLY C 257 15.73 -7.31 13.80
C GLY C 257 15.21 -7.09 15.21
N GLY C 258 14.94 -5.84 15.60
CA GLY C 258 14.73 -5.48 17.00
C GLY C 258 13.32 -5.71 17.51
N ALA C 259 13.11 -5.31 18.77
CA ALA C 259 11.83 -5.54 19.43
C ALA C 259 10.71 -4.73 18.80
N THR C 260 10.99 -3.48 18.43
CA THR C 260 9.92 -2.61 17.97
C THR C 260 9.36 -3.08 16.63
N ILE C 261 10.22 -3.49 15.69
CA ILE C 261 9.72 -3.95 14.40
C ILE C 261 8.96 -5.26 14.55
N HIS C 262 9.36 -6.12 15.51
CA HIS C 262 8.54 -7.29 15.80
C HIS C 262 7.16 -6.89 16.30
N ALA C 263 7.07 -5.86 17.15
CA ALA C 263 5.77 -5.43 17.64
C ALA C 263 4.93 -4.78 16.55
N LEU C 264 5.56 -3.98 15.68
CA LEU C 264 4.80 -3.39 14.56
C LEU C 264 4.21 -4.46 13.66
N HIS C 265 4.96 -5.55 13.44
CA HIS C 265 4.41 -6.63 12.62
C HIS C 265 3.10 -7.15 13.18
N VAL C 266 3.02 -7.38 14.49
CA VAL C 266 1.79 -7.95 15.02
C VAL C 266 0.64 -6.95 14.94
N LEU C 267 0.93 -5.65 15.03
CA LEU C 267 -0.10 -4.65 14.76
C LEU C 267 -0.60 -4.75 13.33
N GLU C 268 0.32 -4.82 12.37
CA GLU C 268 -0.05 -4.93 10.96
C GLU C 268 -0.86 -6.20 10.70
N SER C 269 -0.45 -7.33 11.30
CA SER C 269 -1.17 -8.58 11.05
C SER C 269 -2.60 -8.52 11.53
N GLY C 270 -2.91 -7.66 12.50
CA GLY C 270 -4.28 -7.49 12.94
C GLY C 270 -5.04 -6.43 12.17
N GLY C 271 -4.45 -5.80 11.16
CA GLY C 271 -5.15 -4.73 10.46
C GLY C 271 -5.37 -3.50 11.32
N PHE C 272 -4.42 -3.19 12.22
CA PHE C 272 -4.50 -2.05 13.14
C PHE C 272 -4.83 -0.76 12.43
N ARG C 273 -4.13 -0.48 11.32
CA ARG C 273 -4.39 0.74 10.57
C ARG C 273 -5.83 0.79 10.09
N SER C 274 -6.32 -0.31 9.53
CA SER C 274 -7.68 -0.32 9.00
C SER C 274 -8.72 -0.10 10.10
N LEU C 275 -8.43 -0.50 11.35
CA LEU C 275 -9.41 -0.30 12.41
C LEU C 275 -9.60 1.18 12.73
N LEU C 276 -8.49 1.93 12.78
CA LEU C 276 -8.58 3.38 13.00
C LEU C 276 -9.29 4.08 11.83
N ILE C 277 -9.01 3.66 10.59
CA ILE C 277 -9.75 4.21 9.45
C ILE C 277 -11.23 3.89 9.60
N ASN C 278 -11.56 2.64 9.96
CA ASN C 278 -12.94 2.25 10.22
C ASN C 278 -13.60 3.17 11.24
N ALA C 279 -12.88 3.51 12.31
CA ALA C 279 -13.46 4.32 13.38
C ALA C 279 -13.82 5.72 12.89
N VAL C 280 -12.88 6.40 12.23
CA VAL C 280 -13.17 7.75 11.75
C VAL C 280 -14.35 7.73 10.80
N GLU C 281 -14.39 6.73 9.92
CA GLU C 281 -15.48 6.60 8.96
C GLU C 281 -16.80 6.33 9.66
N ALA C 282 -16.80 5.42 10.64
CA ALA C 282 -18.05 5.09 11.31
C ALA C 282 -18.59 6.29 12.09
N SER C 283 -17.72 7.03 12.77
CA SER C 283 -18.14 8.25 13.46
C SER C 283 -18.76 9.25 12.48
N CYS C 284 -18.06 9.54 11.39
CA CYS C 284 -18.53 10.55 10.45
C CYS C 284 -19.82 10.12 9.76
N ILE C 285 -19.93 8.84 9.39
CA ILE C 285 -21.16 8.35 8.75
C ILE C 285 -22.34 8.49 9.71
N ARG C 286 -22.13 8.17 10.97
CA ARG C 286 -23.22 8.26 11.95
C ARG C 286 -23.63 9.71 12.16
N THR C 287 -22.65 10.62 12.21
CA THR C 287 -22.96 12.04 12.34
C THR C 287 -23.82 12.52 11.17
N ARG C 288 -23.45 12.14 9.95
CA ARG C 288 -24.22 12.53 8.77
C ARG C 288 -25.61 11.90 8.77
N GLU C 289 -25.68 10.65 9.18
CA GLU C 289 -26.95 9.93 9.31
C GLU C 289 -27.88 10.61 10.30
N LEU C 290 -27.36 10.99 11.47
CA LEU C 290 -28.20 11.64 12.47
C LEU C 290 -28.71 12.99 11.96
N GLN C 291 -27.86 13.76 11.28
CA GLN C 291 -28.32 15.07 10.82
C GLN C 291 -29.33 14.93 9.68
N SER C 292 -29.27 13.85 8.90
CA SER C 292 -30.30 13.59 7.91
C SER C 292 -31.66 13.39 8.57
N MET C 293 -31.70 12.66 9.68
CA MET C 293 -32.97 12.47 10.39
C MET C 293 -33.45 13.78 11.00
N ALA C 294 -32.53 14.63 11.46
CA ALA C 294 -32.93 15.96 11.95
C ALA C 294 -33.48 16.82 10.82
N ASP C 295 -32.82 16.82 9.66
CA ASP C 295 -33.31 17.61 8.54
C ASP C 295 -34.66 17.11 8.03
N GLN C 296 -34.90 15.80 8.09
CA GLN C 296 -36.22 15.27 7.70
C GLN C 296 -37.30 15.74 8.67
N GLU C 297 -37.06 15.62 9.97
CA GLU C 297 -38.06 15.92 11.00
C GLU C 297 -38.53 17.38 10.99
N ASN D 17 21.39 21.83 40.55
CA ASN D 17 22.09 22.41 39.41
C ASN D 17 23.61 22.33 39.60
N LEU D 18 24.04 22.01 40.82
CA LEU D 18 25.47 21.76 41.07
C LEU D 18 25.93 20.47 40.41
N TYR D 19 25.03 19.51 40.23
CA TYR D 19 25.35 18.31 39.46
C TYR D 19 25.85 18.68 38.07
N PHE D 20 25.17 19.61 37.41
CA PHE D 20 25.43 19.92 36.02
C PHE D 20 26.48 21.01 35.82
N GLN D 21 26.92 21.66 36.90
CA GLN D 21 27.88 22.75 36.86
C GLN D 21 28.95 22.53 35.82
N SER D 22 29.88 21.61 36.10
CA SER D 22 30.97 21.30 35.18
C SER D 22 30.87 19.88 34.62
N MET D 23 29.67 19.31 34.61
CA MET D 23 29.49 17.91 34.19
C MET D 23 29.78 17.75 32.70
N SER D 24 30.57 16.73 32.37
CA SER D 24 30.83 16.36 30.99
C SER D 24 30.08 15.08 30.66
N VAL D 25 29.35 15.09 29.54
CA VAL D 25 28.54 13.96 29.13
C VAL D 25 29.07 13.44 27.81
N GLY D 26 29.07 12.12 27.65
CA GLY D 26 29.51 11.51 26.42
C GLY D 26 28.54 10.44 25.95
N PHE D 27 28.54 10.23 24.64
CA PHE D 27 27.76 9.20 23.98
C PHE D 27 28.69 8.28 23.21
N ILE D 28 28.70 7.00 23.56
CA ILE D 28 29.24 5.97 22.68
C ILE D 28 28.15 5.62 21.68
N GLY D 29 28.33 6.04 20.44
CA GLY D 29 27.31 5.92 19.41
C GLY D 29 26.73 7.29 19.16
N ALA D 30 26.43 7.58 17.90
CA ALA D 30 25.94 8.90 17.48
C ALA D 30 24.74 8.76 16.58
N GLY D 31 23.79 7.91 16.96
CA GLY D 31 22.63 7.61 16.15
C GLY D 31 21.39 8.31 16.66
N GLN D 32 20.24 7.65 16.43
CA GLN D 32 18.94 8.29 16.71
C GLN D 32 18.80 8.65 18.17
N LEU D 33 19.23 7.76 19.07
CA LEU D 33 19.04 8.02 20.49
C LEU D 33 20.01 9.10 20.98
N ALA D 34 21.27 9.02 20.56
CA ALA D 34 22.25 10.01 20.98
C ALA D 34 21.82 11.41 20.52
N PHE D 35 21.36 11.54 19.28
CA PHE D 35 20.86 12.83 18.83
C PHE D 35 19.67 13.29 19.68
N ALA D 36 18.69 12.40 19.90
CA ALA D 36 17.48 12.78 20.63
C ALA D 36 17.82 13.27 22.03
N LEU D 37 18.68 12.55 22.74
CA LEU D 37 19.07 12.95 24.09
C LEU D 37 19.90 14.22 24.07
N ALA D 38 20.87 14.29 23.17
CA ALA D 38 21.68 15.50 23.06
C ALA D 38 20.81 16.70 22.74
N LYS D 39 19.84 16.53 21.84
CA LYS D 39 18.94 17.63 21.51
C LYS D 39 18.06 18.00 22.69
N GLY D 40 17.54 17.00 23.41
CA GLY D 40 16.72 17.27 24.56
C GLY D 40 17.48 17.96 25.68
N PHE D 41 18.68 17.46 26.00
CA PHE D 41 19.46 18.06 27.08
C PHE D 41 19.80 19.50 26.78
N THR D 42 20.19 19.79 25.53
CA THR D 42 20.58 21.16 25.20
C THR D 42 19.36 22.07 25.10
N ALA D 43 18.25 21.57 24.57
CA ALA D 43 17.01 22.34 24.60
C ALA D 43 16.61 22.66 26.03
N ALA D 44 16.78 21.70 26.94
CA ALA D 44 16.49 21.92 28.35
C ALA D 44 17.44 22.91 29.01
N GLY D 45 18.56 23.22 28.37
CA GLY D 45 19.54 24.10 28.98
C GLY D 45 20.29 23.50 30.14
N VAL D 46 20.19 22.19 30.36
CA VAL D 46 20.96 21.59 31.44
C VAL D 46 22.39 21.32 31.01
N LEU D 47 22.63 21.16 29.70
CA LEU D 47 23.96 20.93 29.14
C LEU D 47 24.18 21.87 27.97
N ALA D 48 25.41 22.40 27.86
CA ALA D 48 25.84 23.08 26.65
C ALA D 48 26.36 22.07 25.65
N ALA D 49 26.04 22.28 24.37
CA ALA D 49 26.36 21.30 23.34
C ALA D 49 27.85 20.98 23.30
N HIS D 50 28.70 21.98 23.56
CA HIS D 50 30.14 21.76 23.51
C HIS D 50 30.64 20.95 24.71
N LYS D 51 29.85 20.83 25.79
CA LYS D 51 30.20 19.92 26.88
C LYS D 51 29.78 18.48 26.60
N ILE D 52 29.35 18.20 25.39
CA ILE D 52 28.92 16.86 24.99
C ILE D 52 29.83 16.37 23.87
N MET D 53 30.24 15.11 23.96
CA MET D 53 31.03 14.47 22.93
C MET D 53 30.33 13.19 22.53
N ALA D 54 30.28 12.91 21.23
CA ALA D 54 29.74 11.66 20.74
C ALA D 54 30.76 11.00 19.83
N SER D 55 30.79 9.66 19.85
CA SER D 55 31.72 8.91 19.00
C SER D 55 30.95 7.91 18.16
N SER D 56 31.43 7.70 16.93
CA SER D 56 30.82 6.76 16.01
C SER D 56 31.86 6.42 14.95
N PRO D 57 31.96 5.15 14.52
CA PRO D 57 32.87 4.85 13.41
C PRO D 57 32.40 5.44 12.09
N ASP D 58 31.10 5.66 11.92
CA ASP D 58 30.52 6.19 10.70
C ASP D 58 30.14 7.65 10.93
N MET D 59 30.82 8.56 10.23
CA MET D 59 30.54 9.99 10.32
C MET D 59 29.62 10.48 9.21
N ASP D 60 29.27 9.63 8.25
CA ASP D 60 28.39 10.01 7.15
C ASP D 60 26.92 9.73 7.47
N LEU D 61 26.52 9.88 8.73
CA LEU D 61 25.14 9.64 9.15
C LEU D 61 24.40 10.96 9.24
N ALA D 62 23.08 10.91 8.98
CA ALA D 62 22.27 12.09 9.17
C ALA D 62 22.32 12.56 10.62
N THR D 63 22.27 11.63 11.56
CA THR D 63 22.29 11.99 12.97
C THR D 63 23.61 12.66 13.36
N VAL D 64 24.71 12.23 12.76
CA VAL D 64 26.00 12.83 13.10
C VAL D 64 26.11 14.25 12.54
N SER D 65 25.44 14.51 11.41
CA SER D 65 25.42 15.87 10.87
C SER D 65 24.61 16.80 11.76
N ALA D 66 23.44 16.34 12.21
CA ALA D 66 22.63 17.12 13.13
C ALA D 66 23.39 17.37 14.44
N LEU D 67 24.07 16.35 14.96
CA LEU D 67 24.91 16.57 16.14
C LEU D 67 26.00 17.59 15.83
N ARG D 68 26.57 17.54 14.63
CA ARG D 68 27.62 18.49 14.28
C ARG D 68 27.07 19.91 14.22
N LYS D 69 25.94 20.12 13.54
CA LYS D 69 25.31 21.43 13.48
C LYS D 69 24.91 21.93 14.85
N MET D 70 24.80 21.03 15.83
CA MET D 70 24.36 21.38 17.17
C MET D 70 25.46 22.02 18.00
N GLY D 71 26.72 21.77 17.67
CA GLY D 71 27.83 22.14 18.52
C GLY D 71 28.35 21.01 19.39
N VAL D 72 27.87 19.79 19.19
CA VAL D 72 28.38 18.63 19.91
C VAL D 72 29.70 18.21 19.29
N LYS D 73 30.72 18.01 20.13
CA LYS D 73 31.99 17.52 19.64
C LYS D 73 31.85 16.07 19.18
N LEU D 74 32.42 15.77 18.02
CA LEU D 74 32.37 14.43 17.46
C LEU D 74 33.79 13.90 17.28
N THR D 75 33.95 12.59 17.45
CA THR D 75 35.24 11.93 17.30
C THR D 75 34.98 10.50 16.85
N PRO D 76 35.89 9.91 16.08
CA PRO D 76 35.75 8.48 15.77
C PRO D 76 36.16 7.57 16.92
N HIS D 77 36.87 8.08 17.92
CA HIS D 77 37.54 7.25 18.92
C HIS D 77 36.72 7.19 20.20
N ASN D 78 36.23 5.99 20.54
CA ASN D 78 35.46 5.82 21.78
C ASN D 78 36.28 6.15 23.01
N LYS D 79 37.59 5.85 22.99
CA LYS D 79 38.42 6.17 24.15
C LYS D 79 38.48 7.67 24.39
N GLU D 80 38.36 8.48 23.35
CA GLU D 80 38.33 9.93 23.51
C GLU D 80 37.07 10.37 24.25
N THR D 81 35.92 9.83 23.87
CA THR D 81 34.67 10.10 24.58
C THR D 81 34.78 9.71 26.05
N VAL D 82 35.36 8.54 26.33
CA VAL D 82 35.50 8.09 27.71
C VAL D 82 36.39 9.05 28.50
N GLN D 83 37.46 9.53 27.88
CA GLN D 83 38.35 10.46 28.56
C GLN D 83 37.64 11.79 28.83
N HIS D 84 36.77 12.23 27.92
CA HIS D 84 36.10 13.51 28.06
C HIS D 84 34.97 13.47 29.07
N SER D 85 34.36 12.32 29.28
CA SER D 85 33.04 12.26 29.90
C SER D 85 33.11 11.87 31.37
N ASP D 86 32.18 12.42 32.15
CA ASP D 86 31.88 11.99 33.50
C ASP D 86 30.72 11.00 33.50
N VAL D 87 29.62 11.38 32.88
CA VAL D 87 28.50 10.48 32.59
C VAL D 87 28.69 9.98 31.18
N LEU D 88 28.73 8.66 31.02
CA LEU D 88 28.96 8.03 29.72
C LEU D 88 27.72 7.22 29.35
N PHE D 89 26.98 7.70 28.34
CA PHE D 89 25.85 6.97 27.79
C PHE D 89 26.33 5.98 26.75
N LEU D 90 25.87 4.72 26.87
CA LEU D 90 26.11 3.72 25.85
C LEU D 90 24.90 3.72 24.93
N ALA D 91 25.06 4.24 23.72
CA ALA D 91 23.96 4.44 22.80
C ALA D 91 24.22 3.71 21.49
N VAL D 92 24.71 2.48 21.61
CA VAL D 92 24.94 1.58 20.47
C VAL D 92 23.91 0.47 20.52
N LYS D 93 23.78 -0.25 19.40
CA LYS D 93 22.90 -1.41 19.35
C LYS D 93 23.30 -2.43 20.42
N PRO D 94 22.35 -3.18 20.96
CA PRO D 94 22.67 -4.08 22.10
C PRO D 94 23.81 -5.05 21.84
N HIS D 95 23.87 -5.67 20.65
CA HIS D 95 24.94 -6.63 20.40
C HIS D 95 26.31 -5.96 20.33
N ILE D 96 26.37 -4.64 20.18
CA ILE D 96 27.64 -3.92 20.16
C ILE D 96 28.16 -3.66 21.57
N ILE D 97 27.29 -3.71 22.58
CA ILE D 97 27.71 -3.37 23.96
C ILE D 97 28.90 -4.19 24.42
N PRO D 98 28.89 -5.54 24.36
CA PRO D 98 30.07 -6.26 24.86
C PRO D 98 31.33 -5.94 24.09
N PHE D 99 31.23 -5.61 22.79
CA PHE D 99 32.42 -5.22 22.04
C PHE D 99 32.96 -3.88 22.53
N ILE D 100 32.07 -2.92 22.80
CA ILE D 100 32.51 -1.61 23.29
C ILE D 100 33.13 -1.73 24.67
N LEU D 101 32.51 -2.52 25.56
CA LEU D 101 33.05 -2.69 26.90
C LEU D 101 34.43 -3.36 26.87
N ASP D 102 34.65 -4.29 25.93
CA ASP D 102 36.00 -4.84 25.73
C ASP D 102 36.99 -3.74 25.36
N GLU D 103 36.54 -2.77 24.56
CA GLU D 103 37.44 -1.77 23.99
C GLU D 103 37.82 -0.69 25.00
N ILE D 104 36.87 -0.24 25.83
CA ILE D 104 37.11 0.89 26.71
C ILE D 104 37.10 0.50 28.18
N GLY D 105 36.92 -0.78 28.50
CA GLY D 105 36.80 -1.19 29.91
C GLY D 105 38.01 -0.80 30.73
N ALA D 106 39.20 -0.88 30.13
CA ALA D 106 40.40 -0.48 30.86
C ALA D 106 40.48 1.02 31.09
N ASP D 107 39.65 1.81 30.41
CA ASP D 107 39.68 3.26 30.56
C ASP D 107 38.57 3.78 31.45
N ILE D 108 37.67 2.91 31.91
CA ILE D 108 36.67 3.30 32.89
C ILE D 108 37.34 3.50 34.25
N GLU D 109 37.08 4.64 34.88
CA GLU D 109 37.66 4.99 36.17
C GLU D 109 36.54 5.15 37.20
N ASP D 110 36.95 5.44 38.44
CA ASP D 110 35.98 5.64 39.51
C ASP D 110 35.10 6.86 39.26
N ARG D 111 35.60 7.84 38.51
CA ARG D 111 34.84 9.05 38.23
C ARG D 111 33.70 8.84 37.24
N HIS D 112 33.65 7.69 36.56
CA HIS D 112 32.66 7.45 35.52
C HIS D 112 31.38 6.88 36.12
N ILE D 113 30.24 7.44 35.70
CA ILE D 113 28.96 6.75 35.76
C ILE D 113 28.66 6.28 34.34
N VAL D 114 28.58 4.96 34.16
CA VAL D 114 28.28 4.35 32.87
C VAL D 114 26.78 4.11 32.80
N VAL D 115 26.12 4.73 31.83
CA VAL D 115 24.67 4.67 31.71
C VAL D 115 24.35 3.91 30.42
N SER D 116 23.88 2.67 30.56
CA SER D 116 23.50 1.90 29.39
C SER D 116 22.06 2.19 29.00
N CYS D 117 21.87 2.57 27.73
CA CYS D 117 20.54 2.75 27.15
C CYS D 117 20.13 1.60 26.26
N ALA D 118 20.96 0.57 26.15
CA ALA D 118 20.70 -0.49 25.17
C ALA D 118 19.54 -1.36 25.63
N ALA D 119 18.61 -1.63 24.71
CA ALA D 119 17.49 -2.52 25.03
C ALA D 119 18.01 -3.89 25.47
N GLY D 120 17.42 -4.41 26.55
CA GLY D 120 17.68 -5.78 26.93
C GLY D 120 18.93 -6.05 27.76
N VAL D 121 19.98 -5.23 27.59
CA VAL D 121 21.30 -5.57 28.16
C VAL D 121 21.27 -5.39 29.67
N THR D 122 21.70 -6.41 30.40
CA THR D 122 21.56 -6.41 31.84
C THR D 122 22.70 -5.66 32.52
N ILE D 123 22.38 -5.08 33.67
CA ILE D 123 23.40 -4.52 34.53
C ILE D 123 24.45 -5.57 34.86
N SER D 124 24.02 -6.81 35.12
CA SER D 124 24.97 -7.87 35.46
C SER D 124 26.00 -8.07 34.36
N SER D 125 25.55 -8.14 33.11
CA SER D 125 26.48 -8.37 32.00
C SER D 125 27.49 -7.23 31.86
N ILE D 126 27.04 -6.00 32.11
CA ILE D 126 27.93 -4.85 32.00
C ILE D 126 28.93 -4.84 33.15
N GLU D 127 28.47 -5.09 34.37
CA GLU D 127 29.36 -5.11 35.52
C GLU D 127 30.35 -6.26 35.44
N LYS D 128 29.95 -7.41 34.88
CA LYS D 128 30.88 -8.52 34.76
C LYS D 128 32.05 -8.16 33.85
N LYS D 129 31.75 -7.47 32.73
CA LYS D 129 32.83 -7.04 31.85
C LYS D 129 33.72 -6.01 32.52
N LEU D 130 33.13 -4.96 33.08
CA LEU D 130 33.93 -3.86 33.61
C LEU D 130 34.66 -4.23 34.90
N SER D 131 34.10 -5.13 35.71
CA SER D 131 34.76 -5.49 36.97
C SER D 131 36.06 -6.25 36.74
N ALA D 132 36.25 -6.82 35.55
CA ALA D 132 37.54 -7.45 35.24
C ALA D 132 38.68 -6.44 35.16
N PHE D 133 38.36 -5.16 34.92
CA PHE D 133 39.34 -4.09 34.85
C PHE D 133 39.47 -3.31 36.16
N ARG D 134 38.35 -2.86 36.72
CA ARG D 134 38.36 -2.15 37.99
C ARG D 134 37.22 -2.67 38.85
N PRO D 135 37.43 -2.75 40.17
CA PRO D 135 36.52 -3.56 41.00
C PRO D 135 35.09 -3.03 41.12
N ALA D 136 34.88 -1.71 41.14
CA ALA D 136 33.57 -1.15 41.51
C ALA D 136 33.01 -0.20 40.46
N PRO D 137 32.72 -0.70 39.25
CA PRO D 137 32.18 0.18 38.21
C PRO D 137 30.78 0.67 38.58
N ARG D 138 30.54 1.96 38.36
CA ARG D 138 29.24 2.57 38.65
C ARG D 138 28.39 2.51 37.39
N VAL D 139 27.37 1.66 37.41
CA VAL D 139 26.57 1.38 36.23
C VAL D 139 25.11 1.70 36.54
N ILE D 140 24.46 2.36 35.59
CA ILE D 140 23.02 2.58 35.63
C ILE D 140 22.45 2.11 34.29
N ARG D 141 21.35 1.37 34.35
CA ARG D 141 20.65 0.95 33.15
C ARG D 141 19.40 1.79 32.98
N CYS D 142 19.14 2.25 31.77
CA CYS D 142 17.92 3.01 31.54
C CYS D 142 17.23 2.56 30.27
N MET D 143 15.94 2.89 30.18
CA MET D 143 15.18 2.77 28.95
C MET D 143 14.43 4.08 28.77
N THR D 144 14.54 4.66 27.59
CA THR D 144 13.93 5.96 27.32
C THR D 144 13.25 5.84 25.96
N ASN D 145 12.99 6.96 25.29
CA ASN D 145 12.36 6.91 23.98
C ASN D 145 12.64 8.22 23.24
N THR D 146 12.36 8.22 21.94
CA THR D 146 12.80 9.37 21.13
C THR D 146 12.11 10.69 21.49
N PRO D 147 10.91 10.70 22.11
CA PRO D 147 10.32 12.01 22.48
C PRO D 147 11.11 12.83 23.49
N VAL D 148 12.22 12.32 24.05
CA VAL D 148 13.10 13.22 24.78
C VAL D 148 13.54 14.38 23.90
N VAL D 149 13.43 14.22 22.56
CA VAL D 149 13.87 15.28 21.65
C VAL D 149 12.96 16.50 21.74
N VAL D 150 11.71 16.32 22.15
CA VAL D 150 10.83 17.45 22.47
C VAL D 150 10.61 17.55 23.97
N ARG D 151 11.52 16.99 24.76
CA ARG D 151 11.47 17.03 26.23
C ARG D 151 10.18 16.44 26.79
N GLU D 152 9.66 15.42 26.12
CA GLU D 152 8.50 14.67 26.62
C GLU D 152 8.78 13.18 26.60
N GLY D 153 10.00 12.80 26.98
CA GLY D 153 10.35 11.40 27.03
C GLY D 153 9.66 10.67 28.17
N ALA D 154 9.77 9.35 28.12
CA ALA D 154 9.34 8.45 29.18
C ALA D 154 10.54 7.58 29.51
N THR D 155 11.16 7.81 30.67
CA THR D 155 12.42 7.17 31.04
C THR D 155 12.28 6.43 32.36
N VAL D 156 12.87 5.24 32.44
CA VAL D 156 13.07 4.55 33.71
C VAL D 156 14.55 4.22 33.83
N TYR D 157 15.00 4.03 35.07
CA TYR D 157 16.38 3.63 35.29
C TYR D 157 16.45 2.71 36.50
N ALA D 158 17.41 1.80 36.47
CA ALA D 158 17.76 0.97 37.62
C ALA D 158 19.24 1.18 37.95
N THR D 159 19.56 1.24 39.25
CA THR D 159 20.93 1.46 39.70
C THR D 159 21.65 0.13 39.88
N GLY D 160 22.93 0.12 39.52
CA GLY D 160 23.74 -1.07 39.66
C GLY D 160 24.32 -1.23 41.05
N THR D 161 25.14 -2.28 41.19
CA THR D 161 25.63 -2.70 42.49
C THR D 161 26.48 -1.62 43.16
N HIS D 162 27.26 -0.89 42.38
CA HIS D 162 28.21 0.09 42.90
C HIS D 162 27.81 1.53 42.61
N ALA D 163 26.60 1.76 42.11
CA ALA D 163 26.12 3.12 41.93
C ALA D 163 25.90 3.77 43.28
N GLN D 164 26.56 4.91 43.51
CA GLN D 164 26.37 5.66 44.75
C GLN D 164 24.96 6.25 44.81
N VAL D 165 24.58 6.72 46.01
CA VAL D 165 23.24 7.24 46.21
C VAL D 165 23.03 8.51 45.38
N GLU D 166 24.01 9.41 45.38
CA GLU D 166 23.93 10.59 44.52
C GLU D 166 23.91 10.24 43.04
N ASP D 167 24.38 9.05 42.66
CA ASP D 167 24.42 8.67 41.25
C ASP D 167 23.02 8.54 40.68
N GLY D 168 22.13 7.87 41.41
CA GLY D 168 20.75 7.76 40.95
C GLY D 168 20.02 9.08 41.01
N ARG D 169 20.31 9.89 42.04
CA ARG D 169 19.69 11.21 42.16
C ARG D 169 20.10 12.10 40.98
N LEU D 170 21.40 12.07 40.63
CA LEU D 170 21.88 12.84 39.50
C LEU D 170 21.24 12.37 38.20
N MET D 171 21.19 11.06 38.00
CA MET D 171 20.59 10.57 36.76
CA MET D 171 20.57 10.52 36.80
C MET D 171 19.11 10.94 36.68
N GLU D 172 18.39 10.89 37.80
CA GLU D 172 16.99 11.28 37.76
C GLU D 172 16.85 12.76 37.45
N GLN D 173 17.74 13.59 38.00
CA GLN D 173 17.68 15.01 37.67
C GLN D 173 17.93 15.23 36.18
N LEU D 174 18.93 14.55 35.63
CA LEU D 174 19.27 14.74 34.22
C LEU D 174 18.13 14.31 33.29
N LEU D 175 17.58 13.12 33.51
CA LEU D 175 16.57 12.64 32.58
C LEU D 175 15.18 13.24 32.83
N SER D 176 14.93 13.80 34.02
CA SER D 176 13.67 14.52 34.23
C SER D 176 13.63 15.82 33.45
N SER D 177 14.80 16.35 33.06
CA SER D 177 14.80 17.57 32.26
C SER D 177 14.28 17.35 30.85
N VAL D 178 14.10 16.09 30.42
CA VAL D 178 13.65 15.82 29.07
C VAL D 178 12.42 14.91 29.07
N GLY D 179 11.75 14.81 30.21
CA GLY D 179 10.49 14.09 30.26
C GLY D 179 10.27 13.45 31.62
N PHE D 180 9.32 12.53 31.66
CA PHE D 180 9.07 11.75 32.87
C PHE D 180 10.25 10.83 33.14
N CYS D 181 10.62 10.69 34.42
CA CYS D 181 11.69 9.78 34.79
C CYS D 181 11.43 9.22 36.18
N THR D 182 11.61 7.91 36.35
CA THR D 182 11.42 7.27 37.65
C THR D 182 12.33 6.05 37.76
N GLU D 183 12.72 5.74 38.99
CA GLU D 183 13.52 4.55 39.26
C GLU D 183 12.62 3.32 39.28
N VAL D 184 13.13 2.21 38.72
CA VAL D 184 12.44 0.93 38.78
C VAL D 184 13.44 -0.16 39.17
N GLU D 185 12.91 -1.29 39.62
CA GLU D 185 13.68 -2.52 39.69
C GLU D 185 14.06 -2.95 38.28
N GLU D 186 15.26 -3.51 38.12
CA GLU D 186 15.72 -3.84 36.77
C GLU D 186 14.79 -4.82 36.07
N ASP D 187 14.12 -5.70 36.82
CA ASP D 187 13.33 -6.72 36.15
C ASP D 187 12.08 -6.17 35.46
N LEU D 188 11.79 -4.87 35.60
CA LEU D 188 10.68 -4.25 34.87
C LEU D 188 11.09 -3.66 33.54
N ILE D 189 12.39 -3.52 33.25
CA ILE D 189 12.81 -2.65 32.15
C ILE D 189 12.46 -3.25 30.78
N ASP D 190 12.55 -4.59 30.63
CA ASP D 190 12.16 -5.19 29.35
C ASP D 190 10.69 -4.91 29.01
N ALA D 191 9.81 -5.01 30.01
CA ALA D 191 8.41 -4.67 29.80
C ALA D 191 8.22 -3.19 29.50
N VAL D 192 8.93 -2.32 30.23
CA VAL D 192 8.91 -0.90 29.91
C VAL D 192 9.33 -0.67 28.47
N THR D 193 10.32 -1.43 28.01
CA THR D 193 10.79 -1.30 26.64
C THR D 193 9.67 -1.60 25.64
N GLY D 194 8.83 -2.59 25.94
CA GLY D 194 7.75 -2.91 25.03
C GLY D 194 6.60 -1.93 25.07
N LEU D 195 6.47 -1.17 26.16
CA LEU D 195 5.39 -0.20 26.32
C LEU D 195 5.85 1.19 25.87
N SER D 196 6.74 1.84 26.62
CA SER D 196 7.11 3.21 26.27
C SER D 196 8.32 3.31 25.36
N GLY D 197 9.20 2.30 25.31
CA GLY D 197 10.32 2.36 24.39
C GLY D 197 9.87 2.19 22.94
N SER D 198 9.12 1.12 22.67
CA SER D 198 8.50 0.91 21.36
C SER D 198 7.26 1.78 21.16
N GLY D 199 6.69 2.31 22.25
CA GLY D 199 5.45 3.05 22.20
C GLY D 199 5.31 4.11 21.11
N PRO D 200 6.33 4.96 20.93
CA PRO D 200 6.20 5.99 19.88
C PRO D 200 5.90 5.41 18.51
N ALA D 201 6.49 4.26 18.16
CA ALA D 201 6.21 3.64 16.87
C ALA D 201 4.75 3.22 16.75
N TYR D 202 4.16 2.71 17.84
CA TYR D 202 2.73 2.41 17.80
C TYR D 202 1.94 3.68 17.56
N ALA D 203 2.33 4.76 18.23
CA ALA D 203 1.62 6.03 18.08
C ALA D 203 1.75 6.56 16.67
N PHE D 204 2.96 6.49 16.08
CA PHE D 204 3.12 7.02 14.72
C PHE D 204 2.33 6.21 13.71
N THR D 205 2.26 4.88 13.88
CA THR D 205 1.38 4.05 13.06
C THR D 205 -0.08 4.50 13.20
N ALA D 206 -0.54 4.69 14.45
CA ALA D 206 -1.92 5.10 14.69
C ALA D 206 -2.21 6.47 14.07
N LEU D 207 -1.25 7.40 14.15
CA LEU D 207 -1.50 8.74 13.61
C LEU D 207 -1.53 8.75 12.09
N ASP D 208 -0.66 7.96 11.45
CA ASP D 208 -0.72 7.80 10.01
C ASP D 208 -2.07 7.24 9.59
N ALA D 209 -2.55 6.23 10.30
CA ALA D 209 -3.83 5.59 9.95
C ALA D 209 -5.01 6.51 10.24
N LEU D 210 -5.01 7.19 11.39
CA LEU D 210 -6.07 8.14 11.68
C LEU D 210 -6.13 9.24 10.62
N ALA D 211 -4.97 9.73 10.17
CA ALA D 211 -4.97 10.75 9.12
C ALA D 211 -5.55 10.21 7.82
N ASP D 212 -5.23 8.95 7.47
CA ASP D 212 -5.87 8.34 6.30
C ASP D 212 -7.38 8.27 6.47
N GLY D 213 -7.83 8.00 7.69
CA GLY D 213 -9.26 8.02 7.94
C GLY D 213 -9.86 9.40 7.73
N GLY D 214 -9.18 10.42 8.24
CA GLY D 214 -9.59 11.79 7.94
C GLY D 214 -9.64 12.05 6.44
N VAL D 215 -8.61 11.61 5.70
CA VAL D 215 -8.59 11.84 4.26
C VAL D 215 -9.74 11.10 3.60
N LYS D 216 -9.99 9.84 3.99
CA LYS D 216 -11.08 9.08 3.39
C LYS D 216 -12.39 9.82 3.53
N MET D 217 -12.60 10.50 4.66
CA MET D 217 -13.85 11.19 4.93
C MET D 217 -13.85 12.65 4.47
N GLY D 218 -12.83 13.09 3.72
CA GLY D 218 -12.90 14.39 3.05
C GLY D 218 -11.94 15.45 3.55
N LEU D 219 -11.09 15.13 4.53
CA LEU D 219 -10.16 16.14 5.03
C LEU D 219 -8.87 16.16 4.22
N PRO D 220 -8.32 17.35 3.99
CA PRO D 220 -6.95 17.42 3.47
C PRO D 220 -5.97 16.71 4.39
N ARG D 221 -4.96 16.09 3.79
CA ARG D 221 -4.02 15.28 4.55
C ARG D 221 -3.31 16.08 5.64
N ARG D 222 -2.86 17.31 5.31
CA ARG D 222 -2.10 18.07 6.29
C ARG D 222 -2.94 18.41 7.52
N LEU D 223 -4.20 18.82 7.30
CA LEU D 223 -5.11 19.08 8.41
C LEU D 223 -5.42 17.80 9.18
N ALA D 224 -5.63 16.68 8.48
CA ALA D 224 -5.92 15.42 9.17
C ALA D 224 -4.77 15.02 10.09
N VAL D 225 -3.53 15.16 9.63
CA VAL D 225 -2.38 14.82 10.46
C VAL D 225 -2.35 15.69 11.71
N ARG D 226 -2.52 17.00 11.52
CA ARG D 226 -2.50 17.96 12.63
C ARG D 226 -3.60 17.65 13.66
N LEU D 227 -4.82 17.41 13.18
CA LEU D 227 -5.95 17.16 14.08
C LEU D 227 -5.81 15.85 14.84
N GLY D 228 -5.40 14.78 14.15
CA GLY D 228 -5.20 13.51 14.82
C GLY D 228 -4.12 13.58 15.87
N ALA D 229 -3.00 14.22 15.54
CA ALA D 229 -1.91 14.33 16.51
C ALA D 229 -2.34 15.18 17.71
N GLN D 230 -3.06 16.27 17.46
CA GLN D 230 -3.51 17.10 18.57
C GLN D 230 -4.49 16.36 19.46
N ALA D 231 -5.37 15.55 18.86
CA ALA D 231 -6.33 14.76 19.65
C ALA D 231 -5.61 13.76 20.54
N LEU D 232 -4.60 13.07 19.99
CA LEU D 232 -3.85 12.10 20.77
C LEU D 232 -3.05 12.78 21.89
N LEU D 233 -2.37 13.87 21.58
CA LEU D 233 -1.62 14.60 22.61
C LEU D 233 -2.54 15.04 23.73
N GLY D 234 -3.69 15.61 23.37
CA GLY D 234 -4.59 16.16 24.39
C GLY D 234 -5.21 15.07 25.24
N ALA D 235 -5.61 13.96 24.61
CA ALA D 235 -6.18 12.85 25.38
C ALA D 235 -5.14 12.28 26.33
N ALA D 236 -3.90 12.13 25.87
CA ALA D 236 -2.82 11.65 26.74
C ALA D 236 -2.60 12.60 27.92
N LYS D 237 -2.58 13.92 27.67
CA LYS D 237 -2.38 14.87 28.75
C LYS D 237 -3.54 14.83 29.74
N MET D 238 -4.78 14.72 29.23
CA MET D 238 -5.94 14.59 30.11
C MET D 238 -5.77 13.43 31.07
N LEU D 239 -5.36 12.27 30.56
CA LEU D 239 -5.21 11.09 31.41
C LEU D 239 -4.12 11.30 32.44
N LEU D 240 -2.99 11.90 32.03
CA LEU D 240 -1.92 12.15 32.99
C LEU D 240 -2.35 13.09 34.10
N HIS D 241 -3.24 14.04 33.80
CA HIS D 241 -3.67 15.01 34.79
C HIS D 241 -4.94 14.59 35.53
N SER D 242 -5.54 13.47 35.16
CA SER D 242 -6.79 13.04 35.78
C SER D 242 -6.52 11.91 36.76
N GLU D 243 -7.32 11.85 37.82
CA GLU D 243 -7.32 10.70 38.71
C GLU D 243 -8.33 9.65 38.28
N GLN D 244 -9.08 9.89 37.21
CA GLN D 244 -10.13 8.99 36.79
C GLN D 244 -9.59 7.89 35.88
N HIS D 245 -10.33 6.79 35.84
CA HIS D 245 -9.97 5.67 34.99
C HIS D 245 -10.14 6.03 33.51
N PRO D 246 -9.27 5.52 32.62
CA PRO D 246 -9.44 5.79 31.17
C PRO D 246 -10.83 5.47 30.64
N GLY D 247 -11.45 4.41 31.14
CA GLY D 247 -12.82 4.10 30.71
C GLY D 247 -13.82 5.18 31.07
N GLN D 248 -13.62 5.86 32.21
CA GLN D 248 -14.53 6.94 32.58
C GLN D 248 -14.37 8.14 31.65
N LEU D 249 -13.13 8.52 31.34
CA LEU D 249 -12.92 9.62 30.41
C LEU D 249 -13.44 9.25 29.02
N LYS D 250 -13.35 7.98 28.64
CA LYS D 250 -13.93 7.53 27.38
C LYS D 250 -15.44 7.70 27.39
N ASP D 251 -16.09 7.26 28.46
CA ASP D 251 -17.53 7.40 28.61
C ASP D 251 -17.96 8.87 28.46
N ASN D 252 -17.17 9.81 28.96
CA ASN D 252 -17.54 11.23 28.88
C ASN D 252 -17.55 11.76 27.44
N VAL D 253 -16.81 11.15 26.53
CA VAL D 253 -16.80 11.59 25.14
C VAL D 253 -18.12 11.24 24.44
N SER D 254 -18.72 10.11 24.78
CA SER D 254 -19.82 9.56 24.02
C SER D 254 -21.18 10.06 24.50
N SER D 255 -22.07 10.37 23.53
CA SER D 255 -23.47 10.51 23.91
C SER D 255 -24.24 9.27 23.48
N PRO D 256 -25.33 8.94 24.17
CA PRO D 256 -26.13 7.77 23.79
C PRO D 256 -26.57 7.84 22.32
N GLY D 257 -26.40 6.71 21.63
CA GLY D 257 -26.74 6.60 20.23
C GLY D 257 -25.83 7.31 19.25
N GLY D 258 -24.77 7.98 19.73
CA GLY D 258 -24.05 8.95 18.93
C GLY D 258 -22.90 8.41 18.11
N ALA D 259 -22.16 9.35 17.50
CA ALA D 259 -21.12 8.99 16.55
C ALA D 259 -19.95 8.30 17.23
N THR D 260 -19.56 8.77 18.42
CA THR D 260 -18.37 8.21 19.05
C THR D 260 -18.58 6.76 19.48
N ILE D 261 -19.73 6.45 20.09
CA ILE D 261 -19.95 5.07 20.51
C ILE D 261 -20.07 4.15 19.30
N HIS D 262 -20.59 4.67 18.15
CA HIS D 262 -20.59 3.86 16.94
C HIS D 262 -19.17 3.55 16.48
N ALA D 263 -18.28 4.54 16.57
CA ALA D 263 -16.89 4.31 16.18
C ALA D 263 -16.18 3.38 17.15
N LEU D 264 -16.48 3.49 18.45
CA LEU D 264 -15.85 2.58 19.41
C LEU D 264 -16.26 1.15 19.14
N HIS D 265 -17.48 0.93 18.68
CA HIS D 265 -17.91 -0.44 18.37
C HIS D 265 -17.04 -1.07 17.29
N VAL D 266 -16.75 -0.32 16.21
CA VAL D 266 -15.95 -0.95 15.15
C VAL D 266 -14.52 -1.19 15.60
N LEU D 267 -13.98 -0.36 16.50
CA LEU D 267 -12.69 -0.71 17.11
C LEU D 267 -12.77 -2.03 17.86
N GLU D 268 -13.81 -2.17 18.71
CA GLU D 268 -14.00 -3.40 19.47
C GLU D 268 -14.16 -4.61 18.57
N SER D 269 -14.91 -4.47 17.47
CA SER D 269 -15.15 -5.60 16.57
C SER D 269 -13.87 -6.10 15.94
N GLY D 270 -12.87 -5.23 15.76
CA GLY D 270 -11.59 -5.66 15.23
C GLY D 270 -10.59 -6.11 16.29
N GLY D 271 -10.98 -6.19 17.55
CA GLY D 271 -10.03 -6.55 18.59
C GLY D 271 -8.93 -5.53 18.80
N PHE D 272 -9.25 -4.24 18.62
CA PHE D 272 -8.29 -3.15 18.76
C PHE D 272 -7.47 -3.28 20.04
N ARG D 273 -8.15 -3.49 21.18
CA ARG D 273 -7.43 -3.61 22.45
C ARG D 273 -6.45 -4.76 22.41
N SER D 274 -6.87 -5.91 21.89
CA SER D 274 -5.99 -7.08 21.88
CA SER D 274 -5.99 -7.06 21.89
C SER D 274 -4.75 -6.83 21.03
N LEU D 275 -4.85 -6.00 19.98
CA LEU D 275 -3.70 -5.76 19.12
C LEU D 275 -2.61 -4.98 19.86
N LEU D 276 -3.01 -3.96 20.61
CA LEU D 276 -2.05 -3.22 21.42
C LEU D 276 -1.44 -4.08 22.52
N ILE D 277 -2.23 -4.97 23.14
CA ILE D 277 -1.64 -5.90 24.09
C ILE D 277 -0.63 -6.81 23.38
N ASN D 278 -1.01 -7.31 22.20
CA ASN D 278 -0.12 -8.14 21.40
C ASN D 278 1.19 -7.43 21.14
N ALA D 279 1.12 -6.12 20.85
CA ALA D 279 2.32 -5.38 20.49
C ALA D 279 3.27 -5.25 21.68
N VAL D 280 2.76 -4.82 22.84
CA VAL D 280 3.61 -4.72 24.03
C VAL D 280 4.25 -6.07 24.32
N GLU D 281 3.47 -7.14 24.26
CA GLU D 281 3.97 -8.48 24.53
C GLU D 281 5.04 -8.90 23.53
N ALA D 282 4.78 -8.68 22.23
CA ALA D 282 5.73 -9.09 21.21
C ALA D 282 7.06 -8.35 21.36
N SER D 283 7.00 -7.06 21.65
CA SER D 283 8.23 -6.31 21.86
C SER D 283 9.01 -6.85 23.05
N CYS D 284 8.33 -7.02 24.18
CA CYS D 284 9.01 -7.50 25.39
C CYS D 284 9.58 -8.90 25.21
N ILE D 285 8.83 -9.79 24.55
CA ILE D 285 9.33 -11.15 24.30
C ILE D 285 10.56 -11.12 23.40
N ARG D 286 10.52 -10.31 22.33
CA ARG D 286 11.68 -10.22 21.44
C ARG D 286 12.90 -9.70 22.19
N THR D 287 12.72 -8.67 23.03
CA THR D 287 13.81 -8.17 23.86
C THR D 287 14.39 -9.28 24.74
N ARG D 288 13.52 -10.02 25.42
CA ARG D 288 13.98 -11.10 26.28
C ARG D 288 14.70 -12.17 25.47
N GLU D 289 14.16 -12.51 24.29
CA GLU D 289 14.77 -13.54 23.46
C GLU D 289 16.13 -13.09 22.91
N LEU D 290 16.25 -11.82 22.55
CA LEU D 290 17.54 -11.31 22.10
C LEU D 290 18.59 -11.38 23.21
N GLN D 291 18.21 -11.01 24.43
CA GLN D 291 19.18 -11.03 25.52
C GLN D 291 19.51 -12.45 25.95
N SER D 292 18.63 -13.41 25.71
CA SER D 292 18.98 -14.81 25.98
C SER D 292 20.01 -15.32 24.99
N MET D 293 19.88 -14.95 23.72
CA MET D 293 20.93 -15.25 22.74
C MET D 293 22.26 -14.65 23.16
N ALA D 294 22.24 -13.37 23.58
CA ALA D 294 23.46 -12.69 23.99
C ALA D 294 24.12 -13.38 25.18
N ASP D 295 23.32 -13.74 26.19
CA ASP D 295 23.88 -14.43 27.36
C ASP D 295 24.46 -15.78 26.99
N GLN D 296 23.87 -16.48 26.01
CA GLN D 296 24.43 -17.74 25.54
C GLN D 296 25.82 -17.53 24.94
N GLU D 297 25.93 -16.58 24.01
CA GLU D 297 27.22 -16.23 23.42
C GLU D 297 28.17 -15.66 24.47
N GLN E 21 -21.91 -33.58 -44.69
CA GLN E 21 -20.67 -33.54 -45.44
C GLN E 21 -20.62 -32.30 -46.32
N SER E 22 -21.75 -31.98 -46.97
CA SER E 22 -21.87 -30.75 -47.74
C SER E 22 -22.06 -29.53 -46.85
N MET E 23 -22.03 -29.71 -45.54
CA MET E 23 -22.38 -28.64 -44.61
C MET E 23 -21.28 -27.59 -44.52
N SER E 24 -21.65 -26.33 -44.66
CA SER E 24 -20.75 -25.19 -44.49
C SER E 24 -21.05 -24.49 -43.18
N VAL E 25 -19.99 -24.14 -42.45
CA VAL E 25 -20.10 -23.55 -41.11
C VAL E 25 -19.44 -22.17 -41.13
N GLY E 26 -20.07 -21.21 -40.46
CA GLY E 26 -19.50 -19.89 -40.32
C GLY E 26 -19.46 -19.44 -38.87
N PHE E 27 -18.44 -18.62 -38.58
CA PHE E 27 -18.27 -17.98 -37.28
C PHE E 27 -18.28 -16.47 -37.46
N ILE E 28 -19.24 -15.80 -36.83
CA ILE E 28 -19.17 -14.34 -36.64
C ILE E 28 -18.35 -14.11 -35.39
N GLY E 29 -17.17 -13.50 -35.54
CA GLY E 29 -16.20 -13.44 -34.48
C GLY E 29 -15.08 -14.43 -34.77
N ALA E 30 -13.83 -14.07 -34.48
CA ALA E 30 -12.71 -14.95 -34.76
C ALA E 30 -11.76 -14.97 -33.58
N GLY E 31 -12.32 -15.17 -32.38
CA GLY E 31 -11.53 -15.12 -31.17
C GLY E 31 -11.32 -16.48 -30.54
N GLN E 32 -11.22 -16.50 -29.20
CA GLN E 32 -10.84 -17.73 -28.50
C GLN E 32 -11.83 -18.85 -28.74
N LEU E 33 -13.13 -18.54 -28.70
CA LEU E 33 -14.13 -19.62 -28.83
C LEU E 33 -14.21 -20.11 -30.26
N ALA E 34 -14.14 -19.19 -31.23
CA ALA E 34 -14.19 -19.59 -32.63
C ALA E 34 -13.00 -20.46 -32.99
N PHE E 35 -11.81 -20.09 -32.51
CA PHE E 35 -10.64 -20.94 -32.73
C PHE E 35 -10.84 -22.32 -32.11
N ALA E 36 -11.25 -22.35 -30.84
CA ALA E 36 -11.37 -23.63 -30.14
C ALA E 36 -12.33 -24.57 -30.87
N LEU E 37 -13.48 -24.06 -31.29
CA LEU E 37 -14.46 -24.90 -31.96
C LEU E 37 -13.99 -25.33 -33.33
N ALA E 38 -13.42 -24.40 -34.11
CA ALA E 38 -12.90 -24.78 -35.42
C ALA E 38 -11.76 -25.78 -35.30
N LYS E 39 -10.90 -25.61 -34.30
CA LYS E 39 -9.84 -26.59 -34.09
C LYS E 39 -10.43 -27.95 -33.74
N GLY E 40 -11.39 -27.97 -32.82
CA GLY E 40 -12.01 -29.22 -32.43
C GLY E 40 -12.74 -29.90 -33.59
N PHE E 41 -13.54 -29.13 -34.34
CA PHE E 41 -14.29 -29.71 -35.45
C PHE E 41 -13.34 -30.32 -36.48
N THR E 42 -12.27 -29.61 -36.83
CA THR E 42 -11.39 -30.13 -37.87
C THR E 42 -10.58 -31.32 -37.38
N ALA E 43 -10.14 -31.29 -36.12
CA ALA E 43 -9.44 -32.43 -35.54
C ALA E 43 -10.36 -33.65 -35.47
N ALA E 44 -11.64 -33.43 -35.15
CA ALA E 44 -12.62 -34.51 -35.14
C ALA E 44 -12.84 -35.11 -36.51
N GLY E 45 -12.46 -34.40 -37.57
CA GLY E 45 -12.74 -34.83 -38.92
C GLY E 45 -14.17 -34.60 -39.39
N VAL E 46 -15.06 -34.10 -38.52
CA VAL E 46 -16.45 -33.90 -38.93
C VAL E 46 -16.62 -32.73 -39.88
N LEU E 47 -15.63 -31.86 -39.97
CA LEU E 47 -15.65 -30.72 -40.89
C LEU E 47 -14.26 -30.54 -41.47
N ALA E 48 -14.18 -30.32 -42.77
CA ALA E 48 -12.93 -29.89 -43.38
C ALA E 48 -12.74 -28.40 -43.13
N ALA E 49 -11.49 -28.01 -42.86
CA ALA E 49 -11.20 -26.60 -42.56
C ALA E 49 -11.75 -25.67 -43.62
N HIS E 50 -11.80 -26.14 -44.87
CA HIS E 50 -12.22 -25.29 -45.97
C HIS E 50 -13.72 -25.06 -45.99
N LYS E 51 -14.49 -25.86 -45.28
CA LYS E 51 -15.92 -25.60 -45.16
C LYS E 51 -16.24 -24.56 -44.09
N ILE E 52 -15.23 -24.01 -43.42
CA ILE E 52 -15.43 -23.06 -42.32
C ILE E 52 -14.98 -21.68 -42.77
N MET E 53 -15.79 -20.67 -42.49
CA MET E 53 -15.41 -19.27 -42.67
C MET E 53 -15.62 -18.53 -41.36
N ALA E 54 -14.72 -17.59 -41.05
CA ALA E 54 -14.85 -16.76 -39.86
C ALA E 54 -14.57 -15.30 -40.22
N SER E 55 -15.29 -14.39 -39.57
CA SER E 55 -15.12 -12.97 -39.80
C SER E 55 -14.77 -12.24 -38.52
N SER E 56 -13.97 -11.18 -38.67
CA SER E 56 -13.57 -10.32 -37.58
C SER E 56 -13.18 -8.98 -38.14
N PRO E 57 -13.45 -7.89 -37.43
CA PRO E 57 -12.94 -6.58 -37.82
C PRO E 57 -11.47 -6.36 -37.50
N ASP E 58 -10.78 -7.41 -37.06
CA ASP E 58 -9.36 -7.32 -36.69
C ASP E 58 -8.68 -8.62 -37.14
N MET E 59 -7.88 -8.55 -38.20
CA MET E 59 -7.11 -9.71 -38.64
C MET E 59 -5.75 -9.81 -37.97
N ASP E 60 -5.38 -8.83 -37.15
CA ASP E 60 -4.14 -8.86 -36.37
C ASP E 60 -4.33 -9.54 -35.03
N LEU E 61 -5.07 -10.64 -34.99
CA LEU E 61 -5.27 -11.42 -33.79
C LEU E 61 -4.55 -12.75 -33.91
N ALA E 62 -3.99 -13.21 -32.79
CA ALA E 62 -3.31 -14.50 -32.81
C ALA E 62 -4.27 -15.61 -33.22
N THR E 63 -5.53 -15.53 -32.79
CA THR E 63 -6.51 -16.54 -33.18
C THR E 63 -6.83 -16.47 -34.66
N VAL E 64 -6.86 -15.27 -35.23
CA VAL E 64 -7.06 -15.15 -36.68
C VAL E 64 -5.89 -15.76 -37.43
N SER E 65 -4.67 -15.51 -36.97
CA SER E 65 -3.51 -16.13 -37.60
C SER E 65 -3.56 -17.64 -37.53
N ALA E 66 -3.95 -18.17 -36.36
CA ALA E 66 -4.05 -19.61 -36.18
C ALA E 66 -5.09 -20.22 -37.12
N LEU E 67 -6.28 -19.63 -37.17
CA LEU E 67 -7.33 -20.13 -38.07
C LEU E 67 -6.84 -20.15 -39.52
N ARG E 68 -6.07 -19.15 -39.92
CA ARG E 68 -5.57 -19.11 -41.29
C ARG E 68 -4.70 -20.33 -41.58
N LYS E 69 -3.73 -20.60 -40.70
CA LYS E 69 -2.85 -21.75 -40.90
C LYS E 69 -3.63 -23.06 -40.93
N MET E 70 -4.75 -23.14 -40.22
CA MET E 70 -5.57 -24.34 -40.24
C MET E 70 -6.19 -24.59 -41.61
N GLY E 71 -6.38 -23.54 -42.40
CA GLY E 71 -7.13 -23.65 -43.63
C GLY E 71 -8.53 -23.10 -43.58
N VAL E 72 -8.87 -22.33 -42.55
CA VAL E 72 -10.18 -21.69 -42.44
C VAL E 72 -10.19 -20.41 -43.25
N LYS E 73 -11.28 -20.19 -43.99
CA LYS E 73 -11.45 -18.98 -44.77
C LYS E 73 -11.76 -17.80 -43.85
N LEU E 74 -11.10 -16.67 -44.07
CA LEU E 74 -11.27 -15.50 -43.23
C LEU E 74 -11.68 -14.29 -44.06
N THR E 75 -12.44 -13.39 -43.43
CA THR E 75 -12.91 -12.20 -44.11
C THR E 75 -13.19 -11.13 -43.07
N PRO E 76 -13.05 -9.84 -43.42
CA PRO E 76 -13.52 -8.79 -42.51
C PRO E 76 -15.03 -8.66 -42.47
N HIS E 77 -15.75 -9.23 -43.46
CA HIS E 77 -17.15 -8.89 -43.72
C HIS E 77 -18.09 -9.98 -43.20
N ASN E 78 -18.87 -9.65 -42.17
CA ASN E 78 -19.84 -10.60 -41.62
C ASN E 78 -20.85 -11.07 -42.67
N LYS E 79 -21.15 -10.24 -43.67
CA LYS E 79 -22.10 -10.65 -44.71
C LYS E 79 -21.55 -11.80 -45.54
N GLU E 80 -20.25 -11.80 -45.81
CA GLU E 80 -19.65 -12.91 -46.53
C GLU E 80 -19.74 -14.21 -45.74
N THR E 81 -19.54 -14.13 -44.42
CA THR E 81 -19.70 -15.32 -43.59
C THR E 81 -21.12 -15.86 -43.69
N VAL E 82 -22.11 -14.97 -43.60
CA VAL E 82 -23.51 -15.40 -43.69
C VAL E 82 -23.77 -16.09 -45.02
N GLN E 83 -23.30 -15.49 -46.11
CA GLN E 83 -23.58 -16.01 -47.45
C GLN E 83 -22.95 -17.39 -47.68
N HIS E 84 -21.79 -17.65 -47.08
CA HIS E 84 -21.12 -18.94 -47.21
C HIS E 84 -21.74 -20.01 -46.34
N SER E 85 -22.41 -19.64 -45.25
CA SER E 85 -22.71 -20.58 -44.18
C SER E 85 -24.09 -21.21 -44.34
N ASP E 86 -24.19 -22.46 -43.89
CA ASP E 86 -25.46 -23.09 -43.53
C ASP E 86 -25.70 -22.97 -42.03
N VAL E 87 -24.76 -23.45 -41.23
CA VAL E 87 -24.78 -23.27 -39.78
C VAL E 87 -23.94 -22.05 -39.43
N LEU E 88 -24.53 -21.10 -38.72
CA LEU E 88 -23.88 -19.84 -38.39
C LEU E 88 -23.72 -19.70 -36.88
N PHE E 89 -22.48 -19.83 -36.40
CA PHE E 89 -22.18 -19.61 -34.99
C PHE E 89 -21.96 -18.13 -34.72
N LEU E 90 -22.61 -17.62 -33.67
CA LEU E 90 -22.33 -16.27 -33.18
C LEU E 90 -21.31 -16.41 -32.06
N ALA E 91 -20.08 -15.95 -32.31
CA ALA E 91 -18.98 -16.09 -31.36
C ALA E 91 -18.37 -14.74 -31.03
N VAL E 92 -19.23 -13.74 -30.83
CA VAL E 92 -18.80 -12.41 -30.41
C VAL E 92 -19.21 -12.20 -28.94
N LYS E 93 -18.65 -11.15 -28.35
CA LYS E 93 -19.01 -10.81 -26.97
C LYS E 93 -20.51 -10.51 -26.89
N PRO E 94 -21.16 -10.84 -25.76
CA PRO E 94 -22.62 -10.68 -25.66
C PRO E 94 -23.14 -9.30 -26.06
N HIS E 95 -22.47 -8.22 -25.63
CA HIS E 95 -22.98 -6.90 -25.98
C HIS E 95 -22.87 -6.62 -27.48
N ILE E 96 -22.07 -7.38 -28.22
CA ILE E 96 -21.96 -7.18 -29.66
C ILE E 96 -23.09 -7.89 -30.41
N ILE E 97 -23.76 -8.87 -29.78
CA ILE E 97 -24.79 -9.64 -30.48
C ILE E 97 -25.86 -8.78 -31.15
N PRO E 98 -26.51 -7.82 -30.45
CA PRO E 98 -27.56 -7.04 -31.12
C PRO E 98 -27.06 -6.27 -32.33
N PHE E 99 -25.84 -5.72 -32.24
CA PHE E 99 -25.26 -5.04 -33.41
C PHE E 99 -25.08 -6.02 -34.57
N ILE E 100 -24.53 -7.20 -34.28
CA ILE E 100 -24.35 -8.25 -35.27
C ILE E 100 -25.66 -8.61 -35.92
N LEU E 101 -26.73 -8.73 -35.13
CA LEU E 101 -28.01 -9.17 -35.67
C LEU E 101 -28.63 -8.08 -36.54
N ASP E 102 -28.48 -6.82 -36.14
CA ASP E 102 -28.93 -5.73 -37.01
C ASP E 102 -28.17 -5.70 -38.32
N GLU E 103 -26.89 -6.08 -38.29
CA GLU E 103 -26.05 -5.96 -39.48
C GLU E 103 -26.41 -7.01 -40.53
N ILE E 104 -26.55 -8.26 -40.12
CA ILE E 104 -26.74 -9.36 -41.06
C ILE E 104 -28.16 -9.87 -41.11
N GLY E 105 -29.07 -9.26 -40.35
CA GLY E 105 -30.44 -9.79 -40.26
C GLY E 105 -31.13 -9.90 -41.61
N ALA E 106 -30.89 -8.93 -42.49
CA ALA E 106 -31.51 -9.00 -43.82
C ALA E 106 -30.92 -10.10 -44.69
N ASP E 107 -29.77 -10.67 -44.30
CA ASP E 107 -29.10 -11.68 -45.11
C ASP E 107 -29.37 -13.10 -44.63
N ILE E 108 -30.13 -13.29 -43.54
CA ILE E 108 -30.51 -14.63 -43.12
C ILE E 108 -31.56 -15.19 -44.08
N GLU E 109 -31.40 -16.46 -44.46
CA GLU E 109 -32.31 -17.16 -45.34
C GLU E 109 -32.95 -18.33 -44.60
N ASP E 110 -33.88 -19.00 -45.27
CA ASP E 110 -34.54 -20.16 -44.66
C ASP E 110 -33.56 -21.29 -44.39
N ARG E 111 -32.47 -21.37 -45.15
CA ARG E 111 -31.50 -22.45 -44.98
C ARG E 111 -30.68 -22.30 -43.70
N HIS E 112 -30.67 -21.11 -43.10
CA HIS E 112 -29.72 -20.83 -42.03
C HIS E 112 -30.20 -21.40 -40.70
N ILE E 113 -29.27 -21.99 -39.96
CA ILE E 113 -29.42 -22.29 -38.54
C ILE E 113 -28.47 -21.37 -37.80
N VAL E 114 -29.03 -20.49 -36.97
CA VAL E 114 -28.25 -19.52 -36.23
C VAL E 114 -28.02 -20.08 -34.84
N VAL E 115 -26.74 -20.23 -34.48
CA VAL E 115 -26.32 -20.85 -33.22
C VAL E 115 -25.60 -19.79 -32.41
N SER E 116 -26.25 -19.28 -31.37
CA SER E 116 -25.62 -18.29 -30.51
C SER E 116 -24.82 -18.99 -29.43
N CYS E 117 -23.53 -18.68 -29.37
CA CYS E 117 -22.67 -19.15 -28.30
C CYS E 117 -22.50 -18.13 -27.18
N ALA E 118 -23.16 -16.98 -27.28
CA ALA E 118 -22.85 -15.88 -26.37
C ALA E 118 -23.43 -16.13 -24.98
N ALA E 119 -22.59 -15.91 -23.96
CA ALA E 119 -23.03 -15.99 -22.58
C ALA E 119 -24.24 -15.11 -22.34
N GLY E 120 -25.27 -15.68 -21.70
CA GLY E 120 -26.41 -14.91 -21.21
C GLY E 120 -27.49 -14.57 -22.22
N VAL E 121 -27.15 -14.45 -23.51
CA VAL E 121 -28.09 -13.86 -24.45
C VAL E 121 -29.21 -14.84 -24.76
N THR E 122 -30.45 -14.39 -24.61
CA THR E 122 -31.62 -15.25 -24.71
C THR E 122 -32.03 -15.49 -26.16
N ILE E 123 -32.61 -16.67 -26.39
CA ILE E 123 -33.22 -16.97 -27.68
C ILE E 123 -34.28 -15.94 -28.04
N SER E 124 -35.08 -15.55 -27.04
CA SER E 124 -36.11 -14.53 -27.27
C SER E 124 -35.51 -13.26 -27.89
N SER E 125 -34.43 -12.75 -27.30
CA SER E 125 -33.82 -11.52 -27.79
C SER E 125 -33.32 -11.68 -29.22
N ILE E 126 -32.77 -12.87 -29.55
CA ILE E 126 -32.23 -13.10 -30.88
C ILE E 126 -33.35 -13.24 -31.89
N GLU E 127 -34.36 -14.05 -31.56
CA GLU E 127 -35.48 -14.25 -32.49
C GLU E 127 -36.20 -12.94 -32.77
N LYS E 128 -36.27 -12.04 -31.79
CA LYS E 128 -36.96 -10.76 -31.98
C LYS E 128 -36.21 -9.88 -32.98
N LYS E 129 -34.88 -9.82 -32.87
CA LYS E 129 -34.08 -9.03 -33.80
C LYS E 129 -34.17 -9.60 -35.21
N LEU E 130 -34.06 -10.92 -35.36
CA LEU E 130 -34.06 -11.51 -36.69
C LEU E 130 -35.46 -11.50 -37.31
N SER E 131 -36.51 -11.67 -36.49
CA SER E 131 -37.86 -11.76 -37.03
C SER E 131 -38.32 -10.47 -37.69
N ALA E 132 -37.68 -9.35 -37.37
CA ALA E 132 -38.02 -8.09 -38.03
C ALA E 132 -37.70 -8.13 -39.52
N PHE E 133 -36.73 -8.96 -39.91
CA PHE E 133 -36.29 -9.03 -41.29
C PHE E 133 -36.96 -10.14 -42.06
N ARG E 134 -37.17 -11.28 -41.42
CA ARG E 134 -37.80 -12.42 -42.06
C ARG E 134 -38.40 -13.31 -40.98
N PRO E 135 -39.63 -13.79 -41.15
CA PRO E 135 -40.23 -14.63 -40.13
C PRO E 135 -39.51 -15.96 -40.00
N ALA E 136 -39.69 -16.57 -38.84
CA ALA E 136 -39.26 -17.92 -38.53
C ALA E 136 -37.74 -18.15 -38.60
N PRO E 137 -36.92 -17.28 -38.03
CA PRO E 137 -35.50 -17.62 -37.91
C PRO E 137 -35.32 -18.87 -37.05
N ARG E 138 -34.45 -19.78 -37.52
CA ARG E 138 -34.14 -21.02 -36.81
C ARG E 138 -32.95 -20.76 -35.90
N VAL E 139 -33.19 -20.73 -34.60
CA VAL E 139 -32.21 -20.28 -33.62
C VAL E 139 -31.98 -21.41 -32.62
N ILE E 140 -30.71 -21.65 -32.32
CA ILE E 140 -30.29 -22.52 -31.23
C ILE E 140 -29.33 -21.74 -30.36
N ARG E 141 -29.49 -21.86 -29.05
CA ARG E 141 -28.56 -21.26 -28.12
C ARG E 141 -27.74 -22.35 -27.48
N CYS E 142 -26.44 -22.15 -27.41
CA CYS E 142 -25.60 -23.14 -26.74
C CYS E 142 -24.70 -22.44 -25.73
N MET E 143 -24.17 -23.25 -24.80
CA MET E 143 -23.06 -22.87 -23.96
C MET E 143 -22.06 -24.01 -24.05
N THR E 144 -20.80 -23.68 -24.27
CA THR E 144 -19.76 -24.71 -24.42
C THR E 144 -18.56 -24.22 -23.59
N ASN E 145 -17.35 -24.66 -23.93
CA ASN E 145 -16.17 -24.21 -23.19
C ASN E 145 -14.93 -24.49 -24.04
N THR E 146 -13.81 -23.89 -23.63
CA THR E 146 -12.62 -23.96 -24.48
C THR E 146 -12.07 -25.37 -24.69
N PRO E 147 -12.27 -26.35 -23.79
CA PRO E 147 -11.73 -27.70 -24.08
C PRO E 147 -12.31 -28.41 -25.29
N VAL E 148 -13.29 -27.84 -26.00
CA VAL E 148 -13.60 -28.37 -27.31
C VAL E 148 -12.36 -28.40 -28.19
N VAL E 149 -11.36 -27.56 -27.88
CA VAL E 149 -10.13 -27.53 -28.67
C VAL E 149 -9.36 -28.84 -28.57
N VAL E 150 -9.54 -29.63 -27.51
CA VAL E 150 -8.97 -30.98 -27.43
C VAL E 150 -10.09 -32.02 -27.46
N ARG E 151 -11.25 -31.65 -28.01
CA ARG E 151 -12.40 -32.55 -28.17
C ARG E 151 -12.89 -33.12 -26.85
N GLU E 152 -12.74 -32.36 -25.76
CA GLU E 152 -13.28 -32.76 -24.46
C GLU E 152 -14.14 -31.64 -23.88
N GLY E 153 -14.91 -30.98 -24.73
CA GLY E 153 -15.77 -29.92 -24.29
C GLY E 153 -16.98 -30.44 -23.52
N ALA E 154 -17.68 -29.49 -22.91
CA ALA E 154 -18.95 -29.73 -22.25
C ALA E 154 -19.94 -28.71 -22.81
N THR E 155 -20.95 -29.19 -23.52
CA THR E 155 -21.83 -28.32 -24.30
C THR E 155 -23.28 -28.65 -23.97
N VAL E 156 -24.10 -27.61 -23.80
CA VAL E 156 -25.54 -27.77 -23.74
C VAL E 156 -26.12 -26.85 -24.80
N TYR E 157 -27.30 -27.20 -25.28
CA TYR E 157 -28.00 -26.37 -26.25
C TYR E 157 -29.49 -26.41 -25.96
N ALA E 158 -30.16 -25.30 -26.31
CA ALA E 158 -31.62 -25.21 -26.28
C ALA E 158 -32.09 -24.78 -27.66
N THR E 159 -33.17 -25.40 -28.14
CA THR E 159 -33.68 -25.09 -29.46
C THR E 159 -34.73 -23.98 -29.38
N GLY E 160 -34.75 -23.13 -30.43
CA GLY E 160 -35.64 -22.00 -30.46
C GLY E 160 -37.02 -22.35 -31.00
N THR E 161 -37.84 -21.29 -31.14
CA THR E 161 -39.25 -21.45 -31.52
C THR E 161 -39.39 -22.11 -32.88
N HIS E 162 -38.53 -21.76 -33.82
CA HIS E 162 -38.69 -22.23 -35.20
C HIS E 162 -37.65 -23.26 -35.60
N ALA E 163 -36.80 -23.69 -34.68
CA ALA E 163 -35.87 -24.78 -34.98
C ALA E 163 -36.65 -26.06 -35.25
N GLN E 164 -36.27 -26.77 -36.31
CA GLN E 164 -36.92 -28.05 -36.58
C GLN E 164 -36.25 -29.16 -35.77
N VAL E 165 -36.91 -30.32 -35.70
CA VAL E 165 -36.36 -31.43 -34.91
C VAL E 165 -35.00 -31.85 -35.45
N GLU E 166 -34.86 -31.87 -36.78
CA GLU E 166 -33.58 -32.18 -37.38
C GLU E 166 -32.51 -31.13 -37.05
N ASP E 167 -32.92 -29.90 -36.71
CA ASP E 167 -31.95 -28.87 -36.35
C ASP E 167 -31.26 -29.20 -35.03
N GLY E 168 -32.04 -29.62 -34.03
CA GLY E 168 -31.44 -30.03 -32.77
C GLY E 168 -30.58 -31.27 -32.90
N ARG E 169 -31.05 -32.25 -33.68
CA ARG E 169 -30.26 -33.47 -33.86
C ARG E 169 -28.97 -33.18 -34.62
N LEU E 170 -29.01 -32.29 -35.62
CA LEU E 170 -27.80 -31.88 -36.31
C LEU E 170 -26.81 -31.21 -35.36
N MET E 171 -27.30 -30.31 -34.52
CA MET E 171 -26.38 -29.61 -33.65
CA MET E 171 -26.44 -29.60 -33.59
C MET E 171 -25.79 -30.55 -32.60
N GLU E 172 -26.59 -31.47 -32.05
CA GLU E 172 -26.02 -32.42 -31.10
C GLU E 172 -24.99 -33.32 -31.75
N GLN E 173 -25.24 -33.75 -33.00
CA GLN E 173 -24.27 -34.56 -33.72
C GLN E 173 -22.96 -33.79 -33.89
N LEU E 174 -23.05 -32.53 -34.32
CA LEU E 174 -21.86 -31.71 -34.53
C LEU E 174 -21.11 -31.48 -33.22
N LEU E 175 -21.82 -31.04 -32.17
CA LEU E 175 -21.11 -30.71 -30.94
C LEU E 175 -20.67 -31.93 -30.15
N SER E 176 -21.30 -33.08 -30.36
CA SER E 176 -20.82 -34.32 -29.73
C SER E 176 -19.47 -34.73 -30.29
N SER E 177 -19.10 -34.24 -31.46
CA SER E 177 -17.81 -34.59 -32.01
C SER E 177 -16.66 -33.97 -31.24
N VAL E 178 -16.93 -32.94 -30.43
CA VAL E 178 -15.88 -32.25 -29.68
C VAL E 178 -16.10 -32.32 -28.17
N GLY E 179 -16.99 -33.19 -27.70
CA GLY E 179 -17.13 -33.41 -26.28
C GLY E 179 -18.53 -33.88 -25.92
N PHE E 180 -18.85 -33.75 -24.64
CA PHE E 180 -20.18 -34.05 -24.15
C PHE E 180 -21.16 -33.01 -24.68
N CYS E 181 -22.36 -33.46 -25.03
CA CYS E 181 -23.36 -32.52 -25.50
C CYS E 181 -24.74 -33.05 -25.17
N THR E 182 -25.60 -32.19 -24.62
CA THR E 182 -26.99 -32.61 -24.40
C THR E 182 -27.91 -31.41 -24.51
N GLU E 183 -29.15 -31.69 -24.89
CA GLU E 183 -30.18 -30.65 -24.91
C GLU E 183 -30.64 -30.34 -23.49
N VAL E 184 -30.90 -29.06 -23.23
CA VAL E 184 -31.47 -28.61 -21.95
C VAL E 184 -32.57 -27.60 -22.23
N GLU E 185 -33.39 -27.38 -21.20
CA GLU E 185 -34.26 -26.20 -21.17
C GLU E 185 -33.42 -24.94 -21.10
N GLU E 186 -33.89 -23.87 -21.76
CA GLU E 186 -33.06 -22.67 -21.81
C GLU E 186 -32.80 -22.11 -20.42
N ASP E 187 -33.74 -22.26 -19.48
CA ASP E 187 -33.53 -21.62 -18.19
C ASP E 187 -32.43 -22.28 -17.36
N LEU E 188 -31.87 -23.39 -17.83
CA LEU E 188 -30.69 -23.97 -17.18
C LEU E 188 -29.37 -23.39 -17.66
N ILE E 189 -29.35 -22.62 -18.75
CA ILE E 189 -28.08 -22.38 -19.43
C ILE E 189 -27.20 -21.42 -18.64
N ASP E 190 -27.78 -20.41 -17.99
CA ASP E 190 -26.95 -19.50 -17.20
C ASP E 190 -26.23 -20.23 -16.06
N ALA E 191 -26.90 -21.21 -15.45
CA ALA E 191 -26.25 -22.03 -14.42
C ALA E 191 -25.17 -22.93 -15.02
N VAL E 192 -25.44 -23.55 -16.18
CA VAL E 192 -24.40 -24.31 -16.87
C VAL E 192 -23.20 -23.43 -17.13
N THR E 193 -23.46 -22.18 -17.53
CA THR E 193 -22.36 -21.25 -17.80
C THR E 193 -21.47 -21.07 -16.57
N GLY E 194 -22.08 -21.03 -15.38
CA GLY E 194 -21.27 -20.87 -14.17
C GLY E 194 -20.52 -22.12 -13.78
N LEU E 195 -20.94 -23.27 -14.29
CA LEU E 195 -20.32 -24.54 -13.92
C LEU E 195 -19.33 -24.98 -14.98
N SER E 196 -19.77 -25.41 -16.17
CA SER E 196 -18.81 -25.87 -17.17
C SER E 196 -18.29 -24.76 -18.07
N GLY E 197 -19.02 -23.65 -18.25
CA GLY E 197 -18.50 -22.57 -19.08
C GLY E 197 -17.31 -21.88 -18.44
N SER E 198 -17.48 -21.42 -17.19
CA SER E 198 -16.39 -20.87 -16.40
C SER E 198 -15.49 -21.95 -15.80
N GLY E 199 -15.98 -23.18 -15.69
CA GLY E 199 -15.24 -24.28 -15.08
C GLY E 199 -13.76 -24.42 -15.42
N PRO E 200 -13.39 -24.36 -16.70
CA PRO E 200 -11.96 -24.52 -17.03
C PRO E 200 -11.08 -23.53 -16.30
N ALA E 201 -11.56 -22.30 -16.09
CA ALA E 201 -10.79 -21.30 -15.34
C ALA E 201 -10.56 -21.74 -13.90
N TYR E 202 -11.58 -22.37 -13.27
CA TYR E 202 -11.39 -22.89 -11.91
C TYR E 202 -10.31 -23.98 -11.92
N ALA E 203 -10.39 -24.88 -12.91
CA ALA E 203 -9.40 -25.95 -13.03
C ALA E 203 -7.99 -25.41 -13.24
N PHE E 204 -7.85 -24.40 -14.11
CA PHE E 204 -6.50 -23.88 -14.37
C PHE E 204 -5.92 -23.23 -13.12
N THR E 205 -6.74 -22.48 -12.38
CA THR E 205 -6.33 -21.95 -11.08
C THR E 205 -5.90 -23.08 -10.15
N ALA E 206 -6.72 -24.12 -10.06
CA ALA E 206 -6.40 -25.25 -9.18
C ALA E 206 -5.10 -25.93 -9.60
N LEU E 207 -4.90 -26.11 -10.91
CA LEU E 207 -3.70 -26.80 -11.39
C LEU E 207 -2.45 -25.96 -11.17
N ASP E 208 -2.57 -24.64 -11.33
CA ASP E 208 -1.44 -23.77 -11.02
C ASP E 208 -1.05 -23.89 -9.56
N ALA E 209 -2.05 -23.91 -8.66
CA ALA E 209 -1.80 -23.96 -7.23
C ALA E 209 -1.26 -25.34 -6.82
N LEU E 210 -1.84 -26.41 -7.37
CA LEU E 210 -1.32 -27.75 -7.07
C LEU E 210 0.12 -27.88 -7.49
N ALA E 211 0.48 -27.28 -8.64
CA ALA E 211 1.86 -27.31 -9.08
C ALA E 211 2.74 -26.56 -8.10
N ASP E 212 2.29 -25.40 -7.61
CA ASP E 212 3.06 -24.67 -6.59
C ASP E 212 3.25 -25.52 -5.34
N GLY E 213 2.22 -26.28 -4.95
CA GLY E 213 2.37 -27.20 -3.83
C GLY E 213 3.40 -28.28 -4.09
N GLY E 214 3.37 -28.86 -5.29
CA GLY E 214 4.44 -29.79 -5.66
C GLY E 214 5.82 -29.16 -5.60
N VAL E 215 5.96 -27.94 -6.11
CA VAL E 215 7.26 -27.26 -6.06
C VAL E 215 7.68 -27.01 -4.62
N LYS E 216 6.74 -26.58 -3.76
CA LYS E 216 7.10 -26.35 -2.36
C LYS E 216 7.66 -27.60 -1.71
N MET E 217 7.13 -28.77 -2.07
CA MET E 217 7.58 -30.03 -1.46
C MET E 217 8.72 -30.69 -2.23
N GLY E 218 9.30 -30.02 -3.22
CA GLY E 218 10.57 -30.44 -3.79
C GLY E 218 10.52 -30.91 -5.23
N LEU E 219 9.36 -30.83 -5.91
CA LEU E 219 9.26 -31.30 -7.30
C LEU E 219 9.64 -30.18 -8.27
N PRO E 220 10.34 -30.51 -9.35
CA PRO E 220 10.50 -29.54 -10.44
C PRO E 220 9.14 -29.09 -10.96
N ARG E 221 9.09 -27.84 -11.44
CA ARG E 221 7.80 -27.26 -11.80
C ARG E 221 7.15 -28.01 -12.96
N ARG E 222 7.93 -28.34 -13.99
CA ARG E 222 7.35 -29.03 -15.15
C ARG E 222 6.73 -30.37 -14.74
N LEU E 223 7.43 -31.13 -13.92
CA LEU E 223 6.89 -32.40 -13.42
C LEU E 223 5.63 -32.18 -12.57
N ALA E 224 5.64 -31.17 -11.69
CA ALA E 224 4.47 -30.94 -10.84
C ALA E 224 3.25 -30.59 -11.67
N VAL E 225 3.43 -29.75 -12.70
CA VAL E 225 2.31 -29.39 -13.57
C VAL E 225 1.73 -30.62 -14.25
N ARG E 226 2.62 -31.48 -14.77
CA ARG E 226 2.19 -32.68 -15.48
C ARG E 226 1.44 -33.61 -14.54
N LEU E 227 2.01 -33.87 -13.36
CA LEU E 227 1.41 -34.79 -12.40
C LEU E 227 0.06 -34.28 -11.92
N GLY E 228 -0.02 -32.99 -11.60
CA GLY E 228 -1.28 -32.44 -11.11
C GLY E 228 -2.35 -32.49 -12.17
N ALA E 229 -2.01 -32.13 -13.41
CA ALA E 229 -2.99 -32.18 -14.49
C ALA E 229 -3.42 -33.61 -14.78
N GLN E 230 -2.45 -34.54 -14.81
CA GLN E 230 -2.81 -35.93 -15.07
C GLN E 230 -3.71 -36.48 -13.96
N ALA E 231 -3.44 -36.11 -12.71
CA ALA E 231 -4.27 -36.53 -11.60
C ALA E 231 -5.71 -36.02 -11.74
N LEU E 232 -5.86 -34.76 -12.12
CA LEU E 232 -7.21 -34.23 -12.23
C LEU E 232 -7.94 -34.85 -13.43
N LEU E 233 -7.22 -35.04 -14.53
CA LEU E 233 -7.80 -35.69 -15.70
C LEU E 233 -8.30 -37.09 -15.34
N GLY E 234 -7.44 -37.89 -14.72
CA GLY E 234 -7.82 -39.26 -14.41
C GLY E 234 -8.98 -39.35 -13.42
N ALA E 235 -8.97 -38.48 -12.39
CA ALA E 235 -10.05 -38.52 -11.41
C ALA E 235 -11.37 -38.15 -12.06
N ALA E 236 -11.34 -37.12 -12.89
CA ALA E 236 -12.57 -36.73 -13.60
C ALA E 236 -13.05 -37.86 -14.49
N LYS E 237 -12.13 -38.56 -15.17
CA LYS E 237 -12.54 -39.67 -16.02
C LYS E 237 -13.15 -40.80 -15.20
N MET E 238 -12.53 -41.14 -14.06
CA MET E 238 -13.11 -42.14 -13.17
C MET E 238 -14.55 -41.83 -12.82
N LEU E 239 -14.83 -40.58 -12.47
CA LEU E 239 -16.17 -40.23 -12.05
C LEU E 239 -17.15 -40.35 -13.22
N LEU E 240 -16.74 -39.91 -14.41
CA LEU E 240 -17.60 -40.03 -15.58
C LEU E 240 -17.89 -41.47 -15.94
N HIS E 241 -16.96 -42.39 -15.65
CA HIS E 241 -17.13 -43.80 -15.97
C HIS E 241 -17.71 -44.62 -14.83
N SER E 242 -17.93 -44.03 -13.66
CA SER E 242 -18.39 -44.77 -12.49
C SER E 242 -19.85 -44.44 -12.22
N GLU E 243 -20.56 -45.38 -11.59
CA GLU E 243 -21.88 -45.07 -11.05
C GLU E 243 -21.82 -44.66 -9.58
N GLN E 244 -20.64 -44.73 -8.97
CA GLN E 244 -20.51 -44.43 -7.56
C GLN E 244 -20.49 -42.93 -7.30
N HIS E 245 -20.91 -42.57 -6.09
CA HIS E 245 -20.86 -41.19 -5.65
C HIS E 245 -19.42 -40.70 -5.53
N PRO E 246 -19.15 -39.43 -5.83
CA PRO E 246 -17.77 -38.93 -5.70
C PRO E 246 -17.20 -39.09 -4.30
N GLY E 247 -18.04 -39.07 -3.25
CA GLY E 247 -17.53 -39.33 -1.91
C GLY E 247 -17.02 -40.76 -1.73
N GLN E 248 -17.63 -41.72 -2.43
CA GLN E 248 -17.16 -43.10 -2.33
C GLN E 248 -15.81 -43.26 -3.02
N LEU E 249 -15.64 -42.67 -4.20
CA LEU E 249 -14.34 -42.70 -4.85
C LEU E 249 -13.29 -41.99 -3.99
N LYS E 250 -13.68 -40.90 -3.33
CA LYS E 250 -12.78 -40.24 -2.39
C LYS E 250 -12.40 -41.17 -1.24
N ASP E 251 -13.38 -41.87 -0.67
CA ASP E 251 -13.09 -42.81 0.42
C ASP E 251 -12.09 -43.87 -0.01
N ASN E 252 -12.15 -44.30 -1.28
CA ASN E 252 -11.27 -45.36 -1.78
C ASN E 252 -9.80 -44.92 -1.81
N VAL E 253 -9.54 -43.62 -1.92
CA VAL E 253 -8.15 -43.16 -1.99
C VAL E 253 -7.49 -43.23 -0.62
N SER E 254 -8.23 -42.91 0.45
CA SER E 254 -7.64 -42.75 1.78
C SER E 254 -7.54 -44.07 2.54
N SER E 255 -6.37 -44.29 3.16
CA SER E 255 -6.23 -45.28 4.19
C SER E 255 -6.40 -44.65 5.58
N PRO E 256 -6.88 -45.40 6.56
CA PRO E 256 -7.03 -44.83 7.91
C PRO E 256 -5.70 -44.32 8.44
N GLY E 257 -5.75 -43.12 9.05
CA GLY E 257 -4.58 -42.45 9.58
C GLY E 257 -3.62 -41.90 8.54
N GLY E 258 -3.91 -42.05 7.25
CA GLY E 258 -2.91 -41.87 6.20
C GLY E 258 -2.74 -40.43 5.71
N ALA E 259 -1.89 -40.30 4.70
CA ALA E 259 -1.55 -38.98 4.17
C ALA E 259 -2.75 -38.29 3.53
N THR E 260 -3.54 -39.04 2.76
CA THR E 260 -4.62 -38.41 2.00
C THR E 260 -5.69 -37.83 2.91
N ILE E 261 -6.11 -38.59 3.94
CA ILE E 261 -7.13 -38.05 4.84
C ILE E 261 -6.58 -36.84 5.63
N HIS E 262 -5.27 -36.84 5.95
CA HIS E 262 -4.69 -35.64 6.56
C HIS E 262 -4.79 -34.43 5.61
N ALA E 263 -4.58 -34.64 4.32
CA ALA E 263 -4.64 -33.54 3.37
C ALA E 263 -6.09 -33.09 3.15
N LEU E 264 -7.04 -34.04 3.14
CA LEU E 264 -8.44 -33.67 2.99
C LEU E 264 -8.91 -32.81 4.16
N HIS E 265 -8.40 -33.08 5.37
CA HIS E 265 -8.79 -32.27 6.51
C HIS E 265 -8.41 -30.80 6.31
N VAL E 266 -7.20 -30.54 5.81
CA VAL E 266 -6.83 -29.13 5.68
C VAL E 266 -7.63 -28.45 4.58
N LEU E 267 -8.03 -29.18 3.53
CA LEU E 267 -8.97 -28.60 2.56
C LEU E 267 -10.28 -28.22 3.25
N GLU E 268 -10.83 -29.14 4.05
CA GLU E 268 -12.09 -28.88 4.74
C GLU E 268 -11.97 -27.70 5.70
N SER E 269 -10.84 -27.60 6.42
CA SER E 269 -10.65 -26.51 7.37
C SER E 269 -10.66 -25.15 6.67
N GLY E 270 -10.31 -25.10 5.39
CA GLY E 270 -10.38 -23.86 4.64
C GLY E 270 -11.71 -23.59 3.95
N GLY E 271 -12.72 -24.44 4.16
CA GLY E 271 -13.95 -24.26 3.43
C GLY E 271 -13.82 -24.44 1.92
N PHE E 272 -12.92 -25.34 1.49
CA PHE E 272 -12.65 -25.59 0.07
C PHE E 272 -13.94 -25.81 -0.72
N ARG E 273 -14.82 -26.68 -0.21
CA ARG E 273 -16.07 -26.96 -0.92
C ARG E 273 -16.88 -25.69 -1.11
N SER E 274 -16.98 -24.87 -0.06
CA SER E 274 -17.80 -23.66 -0.15
CA SER E 274 -17.80 -23.66 -0.15
C SER E 274 -17.25 -22.68 -1.17
N LEU E 275 -15.93 -22.66 -1.38
CA LEU E 275 -15.37 -21.71 -2.34
C LEU E 275 -15.78 -22.06 -3.76
N LEU E 276 -15.84 -23.37 -4.07
CA LEU E 276 -16.28 -23.79 -5.39
C LEU E 276 -17.76 -23.52 -5.59
N ILE E 277 -18.58 -23.75 -4.56
CA ILE E 277 -19.98 -23.35 -4.64
C ILE E 277 -20.09 -21.84 -4.85
N ASN E 278 -19.29 -21.06 -4.10
CA ASN E 278 -19.27 -19.61 -4.27
C ASN E 278 -18.98 -19.22 -5.71
N ALA E 279 -18.02 -19.91 -6.35
CA ALA E 279 -17.62 -19.56 -7.72
C ALA E 279 -18.75 -19.79 -8.72
N VAL E 280 -19.37 -20.99 -8.69
CA VAL E 280 -20.47 -21.29 -9.62
C VAL E 280 -21.59 -20.28 -9.43
N GLU E 281 -21.90 -19.96 -8.18
CA GLU E 281 -22.95 -19.00 -7.87
C GLU E 281 -22.58 -17.62 -8.39
N ALA E 282 -21.34 -17.20 -8.16
CA ALA E 282 -20.93 -15.85 -8.56
C ALA E 282 -20.94 -15.70 -10.08
N SER E 283 -20.49 -16.72 -10.80
CA SER E 283 -20.54 -16.66 -12.27
C SER E 283 -21.98 -16.56 -12.74
N CYS E 284 -22.84 -17.46 -12.26
CA CYS E 284 -24.24 -17.46 -12.68
C CYS E 284 -24.92 -16.14 -12.35
N ILE E 285 -24.65 -15.58 -11.17
CA ILE E 285 -25.30 -14.31 -10.79
C ILE E 285 -24.82 -13.19 -11.71
N ARG E 286 -23.53 -13.15 -12.02
CA ARG E 286 -23.03 -12.11 -12.91
C ARG E 286 -23.64 -12.24 -14.31
N THR E 287 -23.77 -13.46 -14.81
CA THR E 287 -24.40 -13.69 -16.11
C THR E 287 -25.83 -13.14 -16.13
N ARG E 288 -26.61 -13.44 -15.10
CA ARG E 288 -27.98 -12.94 -15.04
C ARG E 288 -27.98 -11.41 -14.93
N GLU E 289 -27.07 -10.87 -14.12
CA GLU E 289 -26.99 -9.42 -13.95
C GLU E 289 -26.66 -8.72 -15.26
N LEU E 290 -25.72 -9.28 -16.02
CA LEU E 290 -25.34 -8.68 -17.29
C LEU E 290 -26.50 -8.71 -18.28
N GLN E 291 -27.24 -9.83 -18.32
CA GLN E 291 -28.33 -9.92 -19.28
C GLN E 291 -29.50 -9.02 -18.88
N SER E 292 -29.68 -8.80 -17.58
CA SER E 292 -30.68 -7.82 -17.15
C SER E 292 -30.34 -6.43 -17.67
N MET E 293 -29.05 -6.07 -17.61
CA MET E 293 -28.64 -4.78 -18.16
C MET E 293 -28.87 -4.71 -19.67
N ALA E 294 -28.56 -5.79 -20.38
CA ALA E 294 -28.81 -5.82 -21.83
C ALA E 294 -30.28 -5.66 -22.12
N ASP E 295 -31.13 -6.40 -21.40
CA ASP E 295 -32.57 -6.30 -21.61
C ASP E 295 -33.09 -4.90 -21.29
N GLN E 296 -32.53 -4.26 -20.26
CA GLN E 296 -32.90 -2.88 -19.95
C GLN E 296 -32.48 -1.93 -21.07
N GLU E 297 -31.42 -2.26 -21.80
CA GLU E 297 -31.02 -1.50 -22.98
C GLU E 297 -31.68 -2.06 -24.25
PA NAI F . -4.40 18.80 -5.76
O1A NAI F . -5.47 19.03 -4.72
O2A NAI F . -2.96 18.56 -5.49
O5B NAI F . -4.36 20.31 -6.58
C5B NAI F . -5.66 20.70 -6.96
C4B NAI F . -5.41 22.14 -7.48
O4B NAI F . -6.63 22.77 -7.92
C3B NAI F . -4.87 23.01 -6.29
O3B NAI F . -3.85 23.81 -6.83
C2B NAI F . -6.08 23.89 -5.98
O2B NAI F . -5.72 25.11 -5.47
C1B NAI F . -6.55 24.09 -7.44
N9A NAI F . -7.85 24.72 -7.52
C8A NAI F . -8.96 24.67 -6.64
N7A NAI F . -9.99 25.43 -7.07
C5A NAI F . -9.51 26.01 -8.27
C6A NAI F . -10.09 26.89 -9.19
N6A NAI F . -11.35 27.36 -9.01
N1A NAI F . -9.39 27.30 -10.29
C2A NAI F . -8.12 26.81 -10.44
N3A NAI F . -7.43 25.96 -9.65
C4A NAI F . -8.19 25.57 -8.56
O3 NAI F . -5.18 17.79 -6.75
PN NAI F . -4.29 16.79 -7.67
O1N NAI F . -3.89 15.50 -7.04
O2N NAI F . -3.40 17.63 -8.53
O5D NAI F . -5.48 16.24 -8.78
C5D NAI F . -6.00 17.19 -9.61
C4D NAI F . -6.74 16.40 -10.72
O4D NAI F . -5.82 15.44 -11.27
C3D NAI F . -7.91 15.57 -10.08
O3D NAI F . -9.01 15.65 -10.93
C2D NAI F . -7.33 14.13 -10.01
O2D NAI F . -8.29 13.14 -10.22
C1D NAI F . -6.41 14.14 -11.25
N1N NAI F . -5.29 13.13 -11.13
C2N NAI F . -4.47 13.08 -10.02
C3N NAI F . -3.40 12.24 -10.01
C7N NAI F . -2.61 12.13 -8.77
O7N NAI F . -1.98 11.11 -8.51
N7N NAI F . -2.57 13.19 -7.88
C4N NAI F . -3.18 11.19 -11.06
C5N NAI F . -4.06 11.38 -12.22
C6N NAI F . -5.08 12.24 -12.20
S SO4 G . 11.22 -13.27 -23.28
O1 SO4 G . 11.73 -14.50 -23.87
O2 SO4 G . 11.09 -13.46 -21.83
O3 SO4 G . 12.17 -12.17 -23.52
O4 SO4 G . 9.93 -12.94 -23.87
C YCP H . 14.93 -20.13 -4.47
N YCP H . 14.89 -17.78 -5.51
O YCP H . 15.57 -21.15 -4.16
CA YCP H . 15.74 -18.88 -4.93
CB YCP H . 16.54 -18.38 -3.74
CD YCP H . 16.46 -15.94 -4.70
CE YCP H . 15.56 -16.46 -5.81
CG YCP H . 17.28 -17.06 -4.05
OXT YCP H . 13.69 -20.00 -4.45
PA NAI I . 18.20 -23.61 -12.33
O1A NAI I . 17.77 -24.91 -11.75
O2A NAI I . 17.49 -22.82 -13.37
O5B NAI I . 19.69 -24.01 -13.11
C5B NAI I . 20.40 -24.88 -12.30
C4B NAI I . 21.55 -25.31 -13.19
O4B NAI I . 22.49 -26.18 -12.46
C3B NAI I . 20.97 -26.17 -14.36
O3B NAI I . 21.57 -25.69 -15.55
C2B NAI I . 21.46 -27.59 -14.00
O2B NAI I . 21.67 -28.40 -15.13
C1B NAI I . 22.83 -27.18 -13.39
N9A NAI I . 23.53 -28.25 -12.69
C8A NAI I . 23.04 -29.30 -11.87
N7A NAI I . 24.04 -30.07 -11.40
C5A NAI I . 25.21 -29.51 -11.95
C6A NAI I . 26.57 -29.86 -11.85
N6A NAI I . 26.96 -30.94 -11.09
N1A NAI I . 27.53 -29.11 -12.50
C2A NAI I . 27.09 -28.04 -13.22
N3A NAI I . 25.83 -27.59 -13.42
C4A NAI I . 24.90 -28.36 -12.74
O3 NAI I . 18.59 -22.89 -10.95
PN NAI I . 18.60 -21.28 -10.95
O1N NAI I . 17.29 -20.59 -10.69
O2N NAI I . 19.58 -20.83 -11.98
O5D NAI I . 19.46 -20.93 -9.48
C5D NAI I . 20.80 -21.26 -9.55
C4D NAI I . 21.46 -20.62 -8.32
O4D NAI I . 21.22 -19.19 -8.40
C3D NAI I . 20.74 -21.12 -7.03
O3D NAI I . 21.72 -21.39 -6.04
C2D NAI I . 19.84 -19.93 -6.64
O2D NAI I . 19.76 -19.77 -5.28
C1D NAI I . 20.65 -18.73 -7.19
N1N NAI I . 19.77 -17.56 -7.50
C2N NAI I . 18.68 -17.68 -8.38
C3N NAI I . 17.86 -16.60 -8.61
C7N NAI I . 16.62 -16.80 -9.40
O7N NAI I . 15.66 -16.01 -9.36
N7N NAI I . 16.53 -17.91 -10.21
C4N NAI I . 18.15 -15.23 -8.06
C5N NAI I . 19.38 -15.21 -7.24
C6N NAI I . 20.05 -16.30 -6.90
S SO4 J . 11.82 14.75 -4.61
O1 SO4 J . 12.70 14.46 -3.47
O2 SO4 J . 10.69 13.80 -4.63
O3 SO4 J . 11.28 16.10 -4.50
O4 SO4 J . 12.59 14.64 -5.85
C YCP K . -7.95 10.45 -6.25
N YCP K . -5.86 9.44 -7.40
O YCP K . -7.57 9.76 -5.26
CA YCP K . -7.09 10.34 -7.55
CB YCP K . -7.99 9.87 -8.68
CD YCP K . -5.96 8.78 -9.88
CE YCP K . -5.10 9.09 -8.64
CG YCP K . -7.22 9.62 -9.97
OXT YCP K . -8.97 11.17 -6.27
PA NAI L . -23.79 16.24 28.13
O1A NAI L . -25.00 15.36 28.05
O2A NAI L . -22.63 16.11 29.07
O5B NAI L . -24.51 17.72 28.68
C5B NAI L . -25.70 17.96 27.99
C4B NAI L . -26.29 19.14 28.77
O4B NAI L . -27.49 19.70 28.13
C3B NAI L . -26.76 18.58 30.15
O3B NAI L . -26.32 19.49 31.10
C2B NAI L . -28.29 18.63 30.00
O2B NAI L . -28.94 18.78 31.21
C1B NAI L . -28.37 19.95 29.20
N9A NAI L . -29.70 20.23 28.69
C8A NAI L . -30.73 19.32 28.33
N7A NAI L . -31.84 19.96 27.92
C5A NAI L . -31.52 21.31 28.04
C6A NAI L . -32.27 22.46 27.78
N6A NAI L . -33.53 22.33 27.31
N1A NAI L . -31.73 23.70 27.99
C2A NAI L . -30.45 23.73 28.46
N3A NAI L . -29.61 22.71 28.77
C4A NAI L . -30.21 21.48 28.52
O3 NAI L . -23.51 16.43 26.57
PN NAI L . -22.00 16.81 26.21
O1N NAI L . -21.05 15.68 26.08
O2N NAI L . -21.74 18.08 26.96
O5D NAI L . -22.05 17.38 24.61
C5D NAI L . -22.97 18.41 24.45
C4D NAI L . -22.77 18.92 23.03
O4D NAI L . -21.38 19.08 22.80
C3D NAI L . -23.26 17.83 22.04
O3D NAI L . -23.93 18.48 21.00
C2D NAI L . -21.97 17.16 21.56
O2D NAI L . -22.04 16.78 20.22
C1D NAI L . -20.98 18.33 21.66
N1N NAI L . -19.58 17.88 21.84
C2N NAI L . -19.24 17.01 22.86
C3N NAI L . -17.93 16.64 23.05
C7N NAI L . -17.63 15.61 24.05
O7N NAI L . -16.54 15.03 24.08
N7N NAI L . -18.56 15.27 25.02
C4N NAI L . -16.85 17.09 22.14
C5N NAI L . -17.31 18.13 21.18
C6N NAI L . -18.60 18.36 20.97
S SO4 M . 12.42 17.54 12.21
O1 SO4 M . 13.63 17.35 11.42
O2 SO4 M . 12.01 16.24 12.77
O3 SO4 M . 12.67 18.45 13.31
O4 SO4 M . 11.38 18.10 11.32
C YCP N . 14.58 -1.61 18.81
N YCP N . 13.24 0.38 19.72
O YCP N . 15.59 -2.34 18.81
CA YCP N . 14.43 -0.51 19.92
CB YCP N . 14.37 -1.19 21.27
CD YCP N . 13.04 0.80 22.25
CE YCP N . 13.00 1.39 20.82
CG YCP N . 14.14 -0.20 22.42
OXT YCP N . 13.63 -1.68 18.01
PA NAI O . 21.22 3.86 15.62
O1A NAI O . 21.62 2.69 14.78
O2A NAI O . 20.43 5.04 15.18
O5B NAI O . 22.77 4.53 15.99
C5B NAI O . 23.59 3.51 16.45
C4B NAI O . 24.96 4.18 16.57
O4B NAI O . 25.98 3.24 17.04
C3B NAI O . 25.37 4.63 15.12
O3B NAI O . 25.85 5.93 15.24
C2B NAI O . 26.51 3.65 14.81
O2B NAI O . 27.45 4.21 13.97
C1B NAI O . 27.10 3.54 16.25
N9A NAI O . 28.09 2.49 16.37
C8A NAI O . 28.17 1.22 15.73
N7A NAI O . 29.27 0.53 16.12
C5A NAI O . 29.91 1.39 17.02
C6A NAI O . 31.11 1.26 17.76
N6A NAI O . 31.88 0.14 17.66
N1A NAI O . 31.53 2.29 18.57
C2A NAI O . 30.71 3.39 18.63
N3A NAI O . 29.55 3.66 17.99
C4A NAI O . 29.19 2.61 17.18
O3 NAI O . 20.72 3.08 16.95
PN NAI O . 19.68 3.88 17.89
O1N NAI O . 18.23 3.87 17.51
O2N NAI O . 20.45 5.10 18.31
O5D NAI O . 19.62 3.04 19.37
C5D NAI O . 20.87 2.78 19.88
C4D NAI O . 20.62 2.21 21.25
O4D NAI O . 19.55 2.96 21.87
C3D NAI O . 20.07 0.73 21.07
O3D NAI O . 20.67 -0.10 22.04
C2D NAI O . 18.55 0.87 21.28
O2D NAI O . 18.00 -0.23 21.93
C1D NAI O . 18.51 2.08 22.28
N1N NAI O . 17.20 2.82 22.24
C2N NAI O . 16.68 3.31 21.03
C3N NAI O . 15.54 4.09 21.04
C7N NAI O . 14.96 4.54 19.75
O7N NAI O . 13.76 4.82 19.62
N7N NAI O . 15.78 4.68 18.64
C4N NAI O . 14.73 4.30 22.27
C5N NAI O . 15.41 3.80 23.51
C6N NAI O . 16.49 3.01 23.45
S SO4 P . -10.10 14.83 37.32
O1 SO4 P . -10.35 14.22 36.02
O2 SO4 P . -9.44 13.88 38.21
O3 SO4 P . -11.37 15.25 37.91
O4 SO4 P . -9.26 16.01 37.12
S SO4 Q . 0.67 21.05 1.13
O1 SO4 Q . -0.33 21.30 2.16
O2 SO4 Q . 1.74 20.24 1.69
O3 SO4 Q . 1.20 22.33 0.65
O4 SO4 Q . 0.06 20.35 -0.01
C YCP R . -21.12 11.97 20.48
N YCP R . -18.72 12.79 20.92
O YCP R . -20.63 10.84 20.71
CA YCP R . -20.12 13.16 20.46
CB YCP R . -20.12 13.74 19.06
CD YCP R . -17.64 14.48 19.34
CE YCP R . -17.63 13.81 20.73
CG YCP R . -19.05 14.80 18.86
OXT YCP R . -22.32 12.21 20.24
PA NAI S . -12.81 -13.10 -27.84
O1A NAI S . -12.82 -11.68 -27.38
O2A NAI S . -11.65 -14.03 -27.86
O5B NAI S . -13.18 -12.97 -29.52
C5B NAI S . -14.19 -12.05 -29.70
C4B NAI S . -14.21 -11.86 -31.23
O4B NAI S . -15.31 -10.99 -31.66
C3B NAI S . -12.88 -11.14 -31.61
O3B NAI S . -12.39 -11.80 -32.75
C2B NAI S . -13.41 -9.73 -31.98
O2B NAI S . -12.61 -9.10 -32.92
C1B NAI S . -14.73 -10.17 -32.66
N9A NAI S . -15.61 -9.04 -32.96
C8A NAI S . -15.81 -7.82 -32.28
N7A NAI S . -16.72 -7.03 -32.90
C5A NAI S . -17.12 -7.78 -34.01
C6A NAI S . -18.03 -7.51 -35.05
N6A NAI S . -18.73 -6.34 -35.10
N1A NAI S . -18.23 -8.44 -36.05
C2A NAI S . -17.51 -9.59 -35.95
N3A NAI S . -16.60 -9.97 -35.03
C4A NAI S . -16.44 -9.03 -34.06
O3 NAI S . -14.19 -13.59 -27.14
PN NAI S . -14.35 -15.16 -26.85
O1N NAI S . -13.73 -15.65 -25.58
O2N NAI S . -14.21 -15.84 -28.17
O5D NAI S . -16.01 -15.34 -26.52
C5D NAI S . -16.86 -14.95 -27.58
C4D NAI S . -18.24 -15.45 -27.19
O4D NAI S . -18.07 -16.80 -26.75
C3D NAI S . -18.69 -14.63 -25.92
O3D NAI S . -20.03 -14.30 -26.05
C2D NAI S . -18.49 -15.62 -24.77
O2D NAI S . -19.47 -15.54 -23.81
C1D NAI S . -18.66 -16.98 -25.50
N1N NAI S . -17.95 -18.10 -24.79
C2N NAI S . -16.58 -18.03 -24.51
C3N NAI S . -15.94 -19.10 -23.94
C7N NAI S . -14.55 -18.96 -23.49
O7N NAI S . -14.09 -19.67 -22.60
N7N NAI S . -13.72 -18.01 -24.05
C4N NAI S . -16.70 -20.30 -23.46
C5N NAI S . -18.09 -20.34 -23.99
C6N NAI S . -18.69 -19.24 -24.41
C YCP T . -3.15 -43.04 2.00
N YCP T . -3.60 -42.56 -0.47
O YCP T . -2.60 -43.72 2.87
CA YCP T . -2.73 -43.27 0.50
CB YCP T . -1.25 -42.84 0.33
CD YCP T . -1.81 -42.28 -2.20
CE YCP T . -3.26 -42.66 -1.89
CG YCP T . -0.82 -42.82 -1.17
OXT YCP T . -4.03 -42.17 2.22
#